data_8VAH
#
_entry.id   8VAH
#
_cell.length_a   1.00
_cell.length_b   1.00
_cell.length_c   1.00
_cell.angle_alpha   90.00
_cell.angle_beta   90.00
_cell.angle_gamma   90.00
#
_symmetry.space_group_name_H-M   'P 1'
#
loop_
_entity.id
_entity.type
_entity.pdbx_description
1 polymer 'Polyribonucleotide nucleotidyltransferase'
2 polymer "RNA (5'-R(P*AP*AP*AP*AP*AP*AP*A*A*A)-3')"
3 polymer "RNA (5'-R(P*AP*CP*AP*(8GM))-3')"
4 non-polymer 'MAGNESIUM ION'
#
loop_
_entity_poly.entity_id
_entity_poly.type
_entity_poly.pdbx_seq_one_letter_code
_entity_poly.pdbx_strand_id
1 'polypeptide(L)'
;MLNPIVRKFQYGQHTVTLETGMMARQATAAVMVSMDDTAVFVTVVGQKKAKPGQDFFPLTVNYQERTYAAGRIPGSFFRR
EGRPSEGETLIARLIDRPIRPLFPEGFVNEVQVIATVVSVNPQVNPDIVAMIGASAALSLSGIPFNGPIGAARVGYINDQ
YVLNPTQDELKESKLDLVVAGTEAAVLMVESEAQLLSEDQMLGAVVFGHEQQQVVIQNINELVKEAGKPRWDWQPEPVNE
ALNARVAALAEARLSDAYRITDKQERYAQVDVIKSETIATLLAEDETLDENELGEILHAIEKNVVRSRVLAGEPRIDGRE
KDMIRGLDVRTGVLPRTHGSALFTRGETQALVTATLGTARDAQVLDELMGERTDTFLFHYNFPPYSVGETGMVGSPKRRE
IGHGRLAKRGVLAVMPDMDKFPYTVRVVSEITESNGSSSMASVCGASLALMDAGVPIKAAVAGIAMGLVKEGDNYVVLSD
ILGDEDHLGDMDFKVAGSRDGISALQMDIKIEGITKEIMQVALNQAKGARLHILGVMEQAINAPRGDISEFAPRIHTIKI
NPDKIKDVIGKGGSVIRALTEETGTTIEIEDDGTVKIAATDGEKAKHAIRRIEEITAEIEVGRVYTGKVTRIVDFGAFVA
IGGGKEGLVHISQIADKRVEKVTDYLQMGQEVPVKVLEVDRQGRIRLSIKEATEQSQPAAAPEAPAAEQGE
;
A,B,C
2 'polyribonucleotide' AAAAAAAAA G
3 'polyribonucleotide' ACA(8GM) D,E,F
#
loop_
_chem_comp.id
_chem_comp.type
_chem_comp.name
_chem_comp.formula
8GM non-polymer '[(2R,3S,4R,5R)-5-[2-azanyl-6,8-bis(oxidanylidene)-1,7-dihydropurin-9-yl]-3,4-bis(oxidanyl)oxolan-2-yl]methyl dihydrogen phosphate' 'C10 H14 N5 O9 P'
A RNA linking ADENOSINE-5'-MONOPHOSPHATE 'C10 H14 N5 O7 P'
C RNA linking CYTIDINE-5'-MONOPHOSPHATE 'C9 H14 N3 O8 P'
MG non-polymer 'MAGNESIUM ION' 'Mg 2'
#
# COMPACT_ATOMS: atom_id res chain seq x y z
N MET A 1 -17.36 39.01 -17.56
CA MET A 1 -18.58 38.36 -18.01
C MET A 1 -19.41 37.89 -16.82
N LEU A 2 -19.05 36.73 -16.28
CA LEU A 2 -19.68 36.26 -15.06
C LEU A 2 -19.19 37.06 -13.85
N ASN A 3 -20.07 37.23 -12.87
CA ASN A 3 -19.76 38.05 -11.70
C ASN A 3 -20.17 37.29 -10.44
N PRO A 4 -19.30 37.21 -9.44
CA PRO A 4 -19.64 36.49 -8.22
C PRO A 4 -20.36 37.39 -7.23
N ILE A 5 -21.03 36.73 -6.29
CA ILE A 5 -21.71 37.40 -5.18
C ILE A 5 -20.90 37.12 -3.93
N VAL A 6 -20.35 38.17 -3.33
CA VAL A 6 -19.44 38.03 -2.20
C VAL A 6 -20.00 38.80 -1.02
N ARG A 7 -19.85 38.22 0.17
CA ARG A 7 -20.27 38.87 1.41
C ARG A 7 -19.28 38.44 2.48
N LYS A 8 -18.62 39.41 3.09
CA LYS A 8 -17.56 39.16 4.05
C LYS A 8 -17.89 39.86 5.35
N PHE A 9 -17.52 39.24 6.47
CA PHE A 9 -17.88 39.75 7.77
C PHE A 9 -16.72 39.57 8.74
N GLN A 10 -16.93 39.99 9.98
CA GLN A 10 -15.95 39.87 11.04
C GLN A 10 -16.41 38.76 11.98
N TYR A 11 -15.55 37.77 12.19
CA TYR A 11 -15.89 36.58 12.96
C TYR A 11 -14.79 36.35 13.99
N GLY A 12 -15.00 36.86 15.20
CA GLY A 12 -14.00 36.74 16.24
C GLY A 12 -12.81 37.62 15.99
N GLN A 13 -11.76 37.06 15.39
CA GLN A 13 -10.56 37.82 15.07
C GLN A 13 -10.34 37.96 13.58
N HIS A 14 -10.46 36.87 12.83
CA HIS A 14 -10.24 36.89 11.40
C HIS A 14 -11.47 37.45 10.68
N THR A 15 -11.41 37.48 9.36
CA THR A 15 -12.49 38.01 8.54
C THR A 15 -12.86 36.96 7.49
N VAL A 16 -13.99 36.32 7.68
CA VAL A 16 -14.46 35.31 6.74
C VAL A 16 -15.03 36.01 5.51
N THR A 17 -14.87 35.38 4.34
CA THR A 17 -15.39 35.92 3.10
C THR A 17 -16.14 34.82 2.39
N LEU A 18 -17.47 34.90 2.36
CA LEU A 18 -18.28 33.96 1.62
C LEU A 18 -18.43 34.46 0.20
N GLU A 19 -18.19 33.57 -0.77
CA GLU A 19 -18.19 33.97 -2.17
C GLU A 19 -18.77 32.84 -3.00
N THR A 20 -19.78 33.14 -3.80
CA THR A 20 -20.46 32.14 -4.60
C THR A 20 -20.77 32.71 -5.97
N GLY A 21 -21.24 31.84 -6.85
CA GLY A 21 -21.71 32.24 -8.16
C GLY A 21 -20.67 32.29 -9.25
N MET A 22 -19.38 32.25 -8.91
CA MET A 22 -18.32 32.37 -9.91
C MET A 22 -17.91 31.00 -10.45
N MET A 23 -17.57 30.08 -9.55
CA MET A 23 -17.02 28.79 -9.94
C MET A 23 -18.01 27.66 -9.63
N ALA A 24 -17.93 26.60 -10.43
CA ALA A 24 -18.75 25.40 -10.26
C ALA A 24 -20.24 25.68 -10.41
N ARG A 25 -20.59 26.48 -11.41
CA ARG A 25 -21.99 26.79 -11.67
C ARG A 25 -22.84 25.55 -11.90
N GLN A 26 -22.24 24.45 -12.32
CA GLN A 26 -23.02 23.28 -12.71
C GLN A 26 -23.43 22.42 -11.53
N ALA A 27 -22.72 22.49 -10.41
CA ALA A 27 -23.18 21.83 -9.21
C ALA A 27 -24.47 22.49 -8.73
N THR A 28 -25.11 21.87 -7.74
CA THR A 28 -26.34 22.44 -7.22
C THR A 28 -26.05 23.76 -6.51
N ALA A 29 -24.99 23.80 -5.70
CA ALA A 29 -24.48 25.04 -5.15
C ALA A 29 -23.01 24.87 -4.86
N ALA A 30 -22.31 25.99 -4.74
CA ALA A 30 -20.87 25.94 -4.45
C ALA A 30 -20.43 27.31 -3.98
N VAL A 31 -19.83 27.36 -2.79
CA VAL A 31 -19.35 28.60 -2.20
C VAL A 31 -17.92 28.37 -1.75
N MET A 32 -17.07 29.36 -1.97
CA MET A 32 -15.65 29.28 -1.61
C MET A 32 -15.44 30.15 -0.39
N VAL A 33 -15.48 29.53 0.78
CA VAL A 33 -15.34 30.25 2.04
C VAL A 33 -13.86 30.32 2.39
N SER A 34 -13.39 31.51 2.72
CA SER A 34 -12.01 31.70 3.12
C SER A 34 -11.97 32.53 4.39
N MET A 35 -11.14 32.11 5.35
CA MET A 35 -11.04 32.78 6.64
C MET A 35 -9.58 33.18 6.83
N ASP A 36 -9.24 34.36 6.34
CA ASP A 36 -7.92 34.94 6.51
C ASP A 36 -6.86 34.05 5.84
N ASP A 37 -6.89 34.03 4.51
CA ASP A 37 -5.96 33.29 3.69
C ASP A 37 -5.98 31.79 4.03
N THR A 38 -7.18 31.25 4.15
CA THR A 38 -7.34 29.80 4.26
C THR A 38 -8.70 29.48 3.63
N ALA A 39 -8.68 29.10 2.37
CA ALA A 39 -9.90 28.92 1.62
C ALA A 39 -10.27 27.45 1.56
N VAL A 40 -11.56 27.19 1.48
CA VAL A 40 -12.09 25.84 1.34
C VAL A 40 -13.29 25.92 0.41
N PHE A 41 -13.28 25.13 -0.64
CA PHE A 41 -14.23 25.24 -1.74
C PHE A 41 -15.19 24.07 -1.68
N VAL A 42 -16.38 24.31 -1.13
CA VAL A 42 -17.38 23.28 -0.86
C VAL A 42 -18.45 23.30 -1.94
N THR A 43 -18.85 22.11 -2.40
CA THR A 43 -19.85 21.98 -3.45
C THR A 43 -20.85 20.90 -3.09
N VAL A 44 -22.13 21.20 -3.23
CA VAL A 44 -23.21 20.28 -2.94
C VAL A 44 -23.89 19.88 -4.25
N VAL A 45 -24.17 18.59 -4.40
CA VAL A 45 -24.85 18.07 -5.59
C VAL A 45 -25.93 17.12 -5.09
N GLY A 46 -27.19 17.53 -5.24
CA GLY A 46 -28.27 16.65 -4.86
C GLY A 46 -29.09 16.21 -6.04
N GLN A 47 -29.38 14.92 -6.13
CA GLN A 47 -30.19 14.42 -7.24
C GLN A 47 -31.61 14.94 -7.11
N LYS A 48 -32.26 15.14 -8.25
CA LYS A 48 -33.60 15.71 -8.23
C LYS A 48 -34.65 14.65 -7.93
N LYS A 49 -34.46 13.44 -8.44
CA LYS A 49 -35.42 12.35 -8.28
C LYS A 49 -34.85 11.30 -7.35
N ALA A 50 -35.65 10.90 -6.36
CA ALA A 50 -35.21 9.90 -5.41
C ALA A 50 -34.96 8.57 -6.12
N LYS A 51 -34.10 7.77 -5.52
CA LYS A 51 -33.90 6.42 -6.01
C LYS A 51 -35.16 5.60 -5.72
N PRO A 52 -35.64 4.82 -6.68
CA PRO A 52 -36.88 4.07 -6.45
C PRO A 52 -36.65 2.96 -5.43
N GLY A 53 -37.47 2.97 -4.38
CA GLY A 53 -37.31 2.01 -3.31
C GLY A 53 -36.04 2.21 -2.52
N GLN A 54 -35.83 3.42 -2.01
CA GLN A 54 -34.72 3.73 -1.13
C GLN A 54 -35.23 3.85 0.29
N ASP A 55 -34.37 3.50 1.25
CA ASP A 55 -34.81 3.43 2.64
C ASP A 55 -33.96 4.29 3.56
N PHE A 56 -32.67 4.40 3.28
CA PHE A 56 -31.76 5.16 4.13
C PHE A 56 -31.18 6.33 3.37
N PHE A 57 -31.03 7.45 4.06
CA PHE A 57 -30.51 8.68 3.47
C PHE A 57 -29.06 8.49 3.04
N PRO A 58 -28.73 8.68 1.76
CA PRO A 58 -27.36 8.43 1.32
C PRO A 58 -26.48 9.66 1.30
N LEU A 59 -26.44 10.41 2.39
CA LEU A 59 -25.53 11.53 2.48
C LEU A 59 -24.09 11.03 2.55
N THR A 60 -23.23 11.55 1.70
CA THR A 60 -21.81 11.23 1.72
C THR A 60 -21.01 12.53 1.64
N VAL A 61 -20.21 12.79 2.67
CA VAL A 61 -19.39 14.00 2.74
C VAL A 61 -17.95 13.61 2.51
N ASN A 62 -17.32 14.25 1.53
CA ASN A 62 -15.91 14.04 1.24
C ASN A 62 -15.14 15.32 1.50
N TYR A 63 -13.98 15.19 2.14
CA TYR A 63 -13.15 16.33 2.49
C TYR A 63 -11.72 15.97 2.10
N GLN A 64 -11.21 16.59 1.05
CA GLN A 64 -9.89 16.31 0.54
C GLN A 64 -9.01 17.55 0.67
N GLU A 65 -7.82 17.37 1.21
CA GLU A 65 -6.87 18.46 1.40
C GLU A 65 -5.81 18.35 0.31
N ARG A 66 -5.90 19.22 -0.69
CA ARG A 66 -4.88 19.26 -1.73
C ARG A 66 -3.58 19.80 -1.15
N THR A 67 -2.48 19.10 -1.40
CA THR A 67 -1.21 19.49 -0.80
C THR A 67 -0.70 20.80 -1.36
N TYR A 68 -1.07 21.14 -2.59
CA TYR A 68 -0.61 22.40 -3.15
C TYR A 68 -1.13 23.59 -2.36
N ALA A 69 -2.12 23.37 -1.48
CA ALA A 69 -2.60 24.44 -0.64
C ALA A 69 -1.49 25.01 0.22
N ALA A 70 -0.78 24.15 0.94
CA ALA A 70 0.32 24.64 1.77
C ALA A 70 1.44 25.21 0.92
N GLY A 71 1.70 24.60 -0.23
CA GLY A 71 2.75 25.07 -1.10
C GLY A 71 3.82 24.03 -1.32
N ARG A 72 3.46 22.76 -1.15
CA ARG A 72 4.42 21.67 -1.22
C ARG A 72 3.89 20.59 -2.16
N ILE A 73 4.76 20.10 -3.04
CA ILE A 73 4.47 18.88 -3.78
C ILE A 73 4.33 17.73 -2.79
N PRO A 74 3.34 16.85 -2.92
CA PRO A 74 3.14 15.81 -1.91
C PRO A 74 4.34 14.89 -1.80
N GLY A 75 4.30 14.05 -0.77
CA GLY A 75 5.44 13.22 -0.45
C GLY A 75 5.32 11.81 -0.99
N SER A 76 4.10 11.41 -1.34
CA SER A 76 3.85 10.06 -1.81
C SER A 76 4.72 9.74 -3.01
N PHE A 77 5.13 8.47 -3.13
CA PHE A 77 6.06 8.12 -4.19
C PHE A 77 5.52 8.46 -5.57
N PHE A 78 4.21 8.50 -5.75
CA PHE A 78 3.62 8.90 -7.00
C PHE A 78 3.43 10.41 -7.11
N ARG A 79 3.89 11.15 -6.11
CA ARG A 79 3.82 12.61 -6.10
C ARG A 79 2.39 13.10 -6.34
N ARG A 80 1.42 12.40 -5.78
CA ARG A 80 0.03 12.78 -5.97
C ARG A 80 -0.75 12.42 -4.72
N GLU A 81 -1.78 13.20 -4.43
CA GLU A 81 -2.57 13.00 -3.22
C GLU A 81 -3.40 11.73 -3.35
N GLY A 82 -3.04 10.72 -2.57
CA GLY A 82 -3.72 9.45 -2.61
C GLY A 82 -5.05 9.49 -1.90
N ARG A 83 -5.47 8.32 -1.43
CA ARG A 83 -6.72 8.21 -0.71
C ARG A 83 -6.65 8.98 0.61
N PRO A 84 -7.80 9.42 1.13
CA PRO A 84 -7.78 10.35 2.26
C PRO A 84 -7.12 9.77 3.49
N SER A 85 -6.28 10.56 4.13
CA SER A 85 -5.58 10.15 5.34
C SER A 85 -6.53 10.13 6.53
N GLU A 86 -5.97 9.79 7.69
CA GLU A 86 -6.78 9.73 8.91
C GLU A 86 -7.36 11.10 9.25
N GLY A 87 -6.57 12.15 9.12
CA GLY A 87 -7.07 13.48 9.45
C GLY A 87 -8.23 13.91 8.58
N GLU A 88 -8.14 13.64 7.28
CA GLU A 88 -9.20 14.05 6.37
C GLU A 88 -10.47 13.25 6.63
N THR A 89 -10.36 11.95 6.87
CA THR A 89 -11.53 11.17 7.25
C THR A 89 -12.16 11.73 8.53
N LEU A 90 -11.32 12.13 9.49
CA LEU A 90 -11.84 12.71 10.72
C LEU A 90 -12.64 13.97 10.45
N ILE A 91 -12.09 14.87 9.64
CA ILE A 91 -12.81 16.12 9.38
C ILE A 91 -14.05 15.87 8.53
N ALA A 92 -14.02 14.85 7.69
CA ALA A 92 -15.22 14.51 6.93
C ALA A 92 -16.34 14.05 7.85
N ARG A 93 -16.02 13.16 8.78
CA ARG A 93 -17.00 12.75 9.78
C ARG A 93 -17.44 13.95 10.62
N LEU A 94 -16.53 14.89 10.86
CA LEU A 94 -16.86 16.07 11.65
C LEU A 94 -17.88 16.94 10.95
N ILE A 95 -17.74 17.11 9.64
CA ILE A 95 -18.76 17.83 8.87
C ILE A 95 -20.04 17.02 8.80
N ASP A 96 -19.94 15.69 8.70
CA ASP A 96 -21.11 14.85 8.49
C ASP A 96 -22.03 14.88 9.70
N ARG A 97 -21.45 14.83 10.91
CA ARG A 97 -22.27 14.61 12.11
C ARG A 97 -23.37 15.64 12.30
N PRO A 98 -23.09 16.95 12.29
CA PRO A 98 -24.19 17.91 12.50
C PRO A 98 -25.17 17.97 11.34
N ILE A 99 -24.69 17.82 10.10
CA ILE A 99 -25.55 18.01 8.93
C ILE A 99 -26.68 17.00 8.90
N ARG A 100 -26.38 15.73 9.20
CA ARG A 100 -27.34 14.67 8.91
C ARG A 100 -28.69 14.81 9.60
N PRO A 101 -28.78 15.17 10.89
CA PRO A 101 -30.11 15.29 11.49
C PRO A 101 -30.97 16.38 10.87
N LEU A 102 -30.36 17.45 10.36
CA LEU A 102 -31.14 18.59 9.89
C LEU A 102 -32.03 18.24 8.72
N PHE A 103 -31.56 17.37 7.83
CA PHE A 103 -32.35 16.98 6.68
C PHE A 103 -33.70 16.42 7.13
N PRO A 104 -34.79 16.78 6.46
CA PRO A 104 -36.12 16.42 6.97
C PRO A 104 -36.33 14.91 6.96
N GLU A 105 -37.36 14.49 7.68
CA GLU A 105 -37.65 13.07 7.81
C GLU A 105 -38.23 12.54 6.50
N GLY A 106 -37.67 11.43 6.02
CA GLY A 106 -38.10 10.82 4.79
C GLY A 106 -37.34 11.27 3.56
N PHE A 107 -36.45 12.25 3.68
CA PHE A 107 -35.61 12.64 2.57
C PHE A 107 -34.65 11.50 2.24
N VAL A 108 -34.54 11.18 0.96
CA VAL A 108 -33.76 10.01 0.55
C VAL A 108 -32.97 10.29 -0.73
N ASN A 109 -33.16 11.46 -1.32
CA ASN A 109 -32.37 11.81 -2.49
C ASN A 109 -30.90 11.86 -2.14
N GLU A 110 -30.07 11.27 -2.98
CA GLU A 110 -28.63 11.27 -2.72
C GLU A 110 -28.10 12.70 -2.71
N VAL A 111 -27.19 12.97 -1.78
CA VAL A 111 -26.61 14.30 -1.62
C VAL A 111 -25.13 14.11 -1.30
N GLN A 112 -24.26 14.81 -2.03
CA GLN A 112 -22.83 14.66 -1.84
C GLN A 112 -22.20 16.02 -1.63
N VAL A 113 -21.47 16.17 -0.54
CA VAL A 113 -20.83 17.43 -0.18
C VAL A 113 -19.33 17.21 -0.27
N ILE A 114 -18.69 17.75 -1.30
CA ILE A 114 -17.25 17.65 -1.48
C ILE A 114 -16.63 18.97 -1.04
N ALA A 115 -15.66 18.91 -0.14
CA ALA A 115 -15.03 20.10 0.42
C ALA A 115 -13.53 20.01 0.19
N THR A 116 -13.03 20.81 -0.73
CA THR A 116 -11.61 20.85 -1.04
C THR A 116 -10.93 21.95 -0.23
N VAL A 117 -9.62 21.82 -0.04
CA VAL A 117 -8.85 22.84 0.66
C VAL A 117 -7.82 23.41 -0.30
N VAL A 118 -8.16 24.54 -0.94
CA VAL A 118 -7.32 25.07 -2.00
C VAL A 118 -6.12 25.82 -1.45
N SER A 119 -6.28 26.52 -0.32
CA SER A 119 -5.16 27.24 0.27
C SER A 119 -5.30 27.26 1.78
N VAL A 120 -4.17 27.26 2.48
CA VAL A 120 -4.21 27.20 3.93
C VAL A 120 -3.11 28.05 4.55
N ASN A 121 -3.49 28.99 5.40
CA ASN A 121 -2.53 29.71 6.23
C ASN A 121 -2.26 28.86 7.46
N PRO A 122 -1.02 28.41 7.70
CA PRO A 122 -0.79 27.41 8.75
C PRO A 122 -1.20 27.85 10.14
N GLN A 123 -1.62 29.10 10.32
CA GLN A 123 -2.07 29.58 11.61
C GLN A 123 -3.57 29.46 11.81
N VAL A 124 -4.31 28.99 10.81
CA VAL A 124 -5.77 28.92 10.90
C VAL A 124 -6.21 27.56 10.36
N ASN A 125 -6.64 26.68 11.26
CA ASN A 125 -7.05 25.35 10.86
C ASN A 125 -8.26 25.44 9.93
N PRO A 126 -8.28 24.66 8.85
CA PRO A 126 -9.37 24.76 7.88
C PRO A 126 -10.58 23.86 8.13
N ASP A 127 -10.64 23.11 9.23
CA ASP A 127 -11.83 22.29 9.45
C ASP A 127 -13.03 23.17 9.77
N ILE A 128 -12.84 24.21 10.59
CA ILE A 128 -13.92 25.14 10.87
C ILE A 128 -14.39 25.80 9.59
N VAL A 129 -13.45 26.17 8.72
CA VAL A 129 -13.83 26.80 7.47
C VAL A 129 -14.61 25.82 6.60
N ALA A 130 -14.18 24.56 6.56
CA ALA A 130 -14.92 23.58 5.77
C ALA A 130 -16.32 23.37 6.31
N MET A 131 -16.48 23.46 7.64
CA MET A 131 -17.81 23.29 8.21
C MET A 131 -18.71 24.46 7.84
N ILE A 132 -18.21 25.68 7.99
CA ILE A 132 -18.98 26.85 7.55
C ILE A 132 -19.31 26.75 6.07
N GLY A 133 -18.39 26.22 5.28
CA GLY A 133 -18.61 26.14 3.85
C GLY A 133 -19.69 25.14 3.48
N ALA A 134 -19.65 23.95 4.10
CA ALA A 134 -20.71 22.97 3.85
C ALA A 134 -22.05 23.51 4.29
N SER A 135 -22.08 24.25 5.41
CA SER A 135 -23.32 24.85 5.86
C SER A 135 -23.84 25.86 4.86
N ALA A 136 -22.98 26.78 4.42
CA ALA A 136 -23.40 27.80 3.48
C ALA A 136 -23.86 27.18 2.17
N ALA A 137 -23.17 26.15 1.70
CA ALA A 137 -23.56 25.49 0.47
C ALA A 137 -24.93 24.85 0.59
N LEU A 138 -25.13 24.02 1.62
CA LEU A 138 -26.41 23.35 1.78
C LEU A 138 -27.55 24.34 1.95
N SER A 139 -27.37 25.35 2.81
CA SER A 139 -28.43 26.32 2.99
C SER A 139 -28.66 27.15 1.74
N LEU A 140 -27.62 27.29 0.91
CA LEU A 140 -27.71 28.08 -0.31
C LEU A 140 -28.27 27.27 -1.48
N SER A 141 -28.09 25.95 -1.45
CA SER A 141 -28.49 25.11 -2.57
C SER A 141 -29.99 25.02 -2.73
N GLY A 142 -30.75 25.27 -1.68
CA GLY A 142 -32.18 25.05 -1.76
C GLY A 142 -32.61 23.63 -1.54
N ILE A 143 -31.66 22.72 -1.30
CA ILE A 143 -32.03 21.35 -0.91
C ILE A 143 -32.84 21.43 0.38
N PRO A 144 -33.85 20.57 0.58
CA PRO A 144 -34.57 20.60 1.86
C PRO A 144 -33.60 20.48 3.02
N PHE A 145 -33.41 21.58 3.76
CA PHE A 145 -32.44 21.59 4.90
C PHE A 145 -33.05 22.46 6.00
N ASN A 146 -33.24 21.91 7.19
CA ASN A 146 -33.97 22.67 8.23
C ASN A 146 -33.26 23.96 8.64
N GLY A 147 -31.94 23.97 8.84
CA GLY A 147 -31.33 25.23 9.29
C GLY A 147 -29.92 25.50 8.85
N PRO A 148 -29.47 26.77 8.73
CA PRO A 148 -28.06 27.06 8.46
C PRO A 148 -27.33 26.70 9.75
N ILE A 149 -26.11 26.18 9.67
CA ILE A 149 -25.38 25.73 10.89
C ILE A 149 -24.01 26.42 10.94
N GLY A 150 -23.64 27.00 12.08
CA GLY A 150 -22.34 27.61 12.18
C GLY A 150 -21.28 26.64 12.61
N ALA A 151 -20.22 27.17 13.22
CA ALA A 151 -19.13 26.35 13.74
C ALA A 151 -18.19 27.23 14.54
N ALA A 152 -17.60 26.68 15.58
CA ALA A 152 -16.64 27.42 16.38
C ALA A 152 -15.77 26.43 17.13
N ARG A 153 -14.52 26.80 17.32
CA ARG A 153 -13.58 26.01 18.11
C ARG A 153 -13.16 26.85 19.29
N VAL A 154 -13.49 26.40 20.47
CA VAL A 154 -13.23 27.17 21.68
C VAL A 154 -11.94 26.67 22.31
N GLY A 155 -11.18 27.61 22.88
CA GLY A 155 -10.01 27.26 23.63
C GLY A 155 -10.08 27.88 25.02
N TYR A 156 -9.26 27.35 25.91
CA TYR A 156 -9.24 27.77 27.30
C TYR A 156 -7.85 28.27 27.64
N ILE A 157 -7.72 29.57 27.89
CA ILE A 157 -6.44 30.19 28.19
C ILE A 157 -6.62 31.15 29.35
N ASN A 158 -5.83 30.97 30.40
CA ASN A 158 -5.87 31.83 31.58
C ASN A 158 -7.29 31.98 32.12
N ASP A 159 -8.03 30.87 32.12
CA ASP A 159 -9.41 30.85 32.56
C ASP A 159 -10.27 31.84 31.78
N GLN A 160 -9.90 32.09 30.52
CA GLN A 160 -10.68 32.92 29.62
C GLN A 160 -10.93 32.16 28.35
N TYR A 161 -12.20 32.10 27.93
CA TYR A 161 -12.56 31.40 26.72
C TYR A 161 -12.10 32.23 25.52
N VAL A 162 -11.23 31.67 24.69
CA VAL A 162 -10.77 32.34 23.48
C VAL A 162 -11.43 31.64 22.30
N LEU A 163 -12.06 32.41 21.43
CA LEU A 163 -12.82 31.86 20.33
C LEU A 163 -11.93 31.66 19.11
N ASN A 164 -11.96 30.45 18.57
CA ASN A 164 -11.28 30.10 17.33
C ASN A 164 -9.79 30.44 17.40
N PRO A 165 -9.04 29.79 18.28
CA PRO A 165 -7.65 30.19 18.48
C PRO A 165 -6.78 29.78 17.31
N THR A 166 -5.75 30.57 17.07
CA THR A 166 -4.72 30.20 16.13
C THR A 166 -3.93 29.02 16.68
N GLN A 167 -3.21 28.33 15.79
CA GLN A 167 -2.48 27.15 16.20
C GLN A 167 -1.46 27.46 17.30
N ASP A 168 -0.86 28.65 17.24
CA ASP A 168 0.05 29.05 18.31
C ASP A 168 -0.64 29.08 19.65
N GLU A 169 -1.77 29.78 19.74
CA GLU A 169 -2.50 29.87 21.00
C GLU A 169 -3.00 28.52 21.48
N LEU A 170 -3.01 27.49 20.63
CA LEU A 170 -3.49 26.19 21.07
C LEU A 170 -2.45 25.46 21.91
N LYS A 171 -1.17 25.84 21.79
CA LYS A 171 -0.14 25.20 22.59
C LYS A 171 -0.38 25.42 24.08
N GLU A 172 -0.96 26.55 24.46
CA GLU A 172 -1.21 26.86 25.86
C GLU A 172 -2.69 26.86 26.20
N SER A 173 -3.47 26.02 25.52
CA SER A 173 -4.90 25.95 25.73
C SER A 173 -5.26 24.59 26.30
N LYS A 174 -5.92 24.59 27.45
CA LYS A 174 -6.30 23.34 28.08
C LYS A 174 -7.36 22.61 27.27
N LEU A 175 -8.24 23.34 26.60
CA LEU A 175 -9.43 22.80 25.99
C LEU A 175 -9.44 23.07 24.49
N ASP A 176 -10.03 22.16 23.72
CA ASP A 176 -10.11 22.23 22.25
C ASP A 176 -11.49 21.75 21.84
N LEU A 177 -12.48 22.65 21.87
CA LEU A 177 -13.89 22.27 21.79
C LEU A 177 -14.50 22.74 20.47
N VAL A 178 -14.76 21.80 19.56
CA VAL A 178 -15.49 22.12 18.34
C VAL A 178 -16.98 21.97 18.61
N VAL A 179 -17.73 23.06 18.57
CA VAL A 179 -19.18 23.04 18.78
C VAL A 179 -19.86 23.59 17.53
N ALA A 180 -20.83 22.84 17.02
CA ALA A 180 -21.58 23.23 15.83
C ALA A 180 -23.06 23.14 16.12
N GLY A 181 -23.79 24.21 15.85
CA GLY A 181 -25.21 24.20 16.10
C GLY A 181 -25.98 25.34 15.44
N THR A 182 -27.22 25.09 15.07
CA THR A 182 -28.08 26.14 14.55
C THR A 182 -28.48 27.10 15.67
N GLU A 183 -29.26 28.12 15.29
CA GLU A 183 -29.68 29.12 16.26
C GLU A 183 -30.48 28.49 17.39
N ALA A 184 -31.23 27.43 17.09
CA ALA A 184 -32.12 26.85 18.10
C ALA A 184 -31.33 26.25 19.25
N ALA A 185 -30.36 25.38 18.97
CA ALA A 185 -29.64 24.71 20.04
C ALA A 185 -28.42 24.00 19.45
N VAL A 186 -27.61 23.46 20.34
CA VAL A 186 -26.33 22.85 19.98
C VAL A 186 -26.60 21.50 19.34
N LEU A 187 -25.89 21.21 18.24
CA LEU A 187 -26.01 19.93 17.55
C LEU A 187 -24.87 18.99 17.87
N MET A 188 -23.63 19.39 17.61
CA MET A 188 -22.47 18.52 17.77
C MET A 188 -21.41 19.21 18.62
N VAL A 189 -20.80 18.46 19.52
CA VAL A 189 -19.72 18.96 20.36
C VAL A 189 -18.61 17.91 20.37
N GLU A 190 -17.37 18.36 20.22
CA GLU A 190 -16.20 17.49 20.36
C GLU A 190 -15.12 18.24 21.12
N SER A 191 -14.25 17.52 21.81
CA SER A 191 -13.36 18.19 22.74
C SER A 191 -12.17 17.31 23.08
N GLU A 192 -11.26 17.87 23.87
CA GLU A 192 -10.04 17.23 24.33
C GLU A 192 -9.40 18.11 25.40
N ALA A 193 -9.94 18.07 26.61
CA ALA A 193 -9.46 18.94 27.67
C ALA A 193 -8.42 18.26 28.54
N GLN A 194 -7.64 19.07 29.25
CA GLN A 194 -6.74 18.59 30.29
C GLN A 194 -7.46 18.56 31.64
N LEU A 195 -8.35 17.59 31.78
CA LEU A 195 -8.99 17.29 33.06
C LEU A 195 -9.74 18.50 33.61
N LEU A 196 -10.47 19.18 32.75
CA LEU A 196 -11.28 20.32 33.16
C LEU A 196 -12.56 19.86 33.86
N SER A 197 -13.06 20.70 34.75
CA SER A 197 -14.30 20.41 35.46
C SER A 197 -15.51 20.50 34.54
N GLU A 198 -16.59 19.82 34.92
CA GLU A 198 -17.82 19.83 34.14
C GLU A 198 -18.29 21.25 33.86
N ASP A 199 -18.24 22.13 34.86
CA ASP A 199 -18.74 23.48 34.67
C ASP A 199 -17.98 24.23 33.60
N GLN A 200 -16.66 24.07 33.57
CA GLN A 200 -15.86 24.74 32.54
C GLN A 200 -16.21 24.22 31.16
N MET A 201 -16.37 22.91 31.01
CA MET A 201 -16.77 22.36 29.72
C MET A 201 -18.11 22.90 29.27
N LEU A 202 -19.09 22.94 30.18
CA LEU A 202 -20.41 23.41 29.79
C LEU A 202 -20.38 24.89 29.45
N GLY A 203 -19.62 25.68 30.20
CA GLY A 203 -19.45 27.08 29.87
C GLY A 203 -18.80 27.26 28.52
N ALA A 204 -17.82 26.42 28.20
CA ALA A 204 -17.19 26.48 26.89
C ALA A 204 -18.19 26.18 25.79
N VAL A 205 -19.06 25.19 26.00
CA VAL A 205 -20.03 24.86 24.96
C VAL A 205 -21.01 26.01 24.76
N VAL A 206 -21.56 26.54 25.85
CA VAL A 206 -22.53 27.60 25.71
C VAL A 206 -21.89 28.86 25.14
N PHE A 207 -20.62 29.12 25.46
CA PHE A 207 -19.95 30.29 24.92
C PHE A 207 -19.67 30.13 23.44
N GLY A 208 -19.13 28.97 23.04
CA GLY A 208 -18.91 28.71 21.64
C GLY A 208 -20.19 28.84 20.83
N HIS A 209 -21.32 28.37 21.36
CA HIS A 209 -22.60 28.53 20.63
C HIS A 209 -22.88 29.99 20.29
N GLU A 210 -22.64 30.92 21.22
CA GLU A 210 -23.00 32.34 20.97
C GLU A 210 -22.19 32.90 19.80
N GLN A 211 -20.90 32.56 19.72
CA GLN A 211 -20.02 33.02 18.61
C GLN A 211 -20.55 32.48 17.28
N GLN A 212 -21.05 31.26 17.28
CA GLN A 212 -21.52 30.58 16.04
C GLN A 212 -22.66 31.40 15.44
N GLN A 213 -23.49 32.02 16.26
CA GLN A 213 -24.70 32.69 15.74
C GLN A 213 -24.33 33.77 14.74
N VAL A 214 -23.23 34.52 14.93
CA VAL A 214 -22.96 35.61 13.95
C VAL A 214 -22.77 34.98 12.56
N VAL A 215 -22.09 33.84 12.48
CA VAL A 215 -21.87 33.18 11.16
C VAL A 215 -23.24 32.76 10.60
N ILE A 216 -24.12 32.26 11.46
CA ILE A 216 -25.46 31.81 10.99
C ILE A 216 -26.21 33.03 10.45
N GLN A 217 -26.10 34.17 11.12
CA GLN A 217 -26.87 35.38 10.71
C GLN A 217 -26.44 35.81 9.30
N ASN A 218 -25.13 35.78 9.02
CA ASN A 218 -24.65 36.27 7.71
C ASN A 218 -25.09 35.28 6.63
N ILE A 219 -24.88 34.00 6.87
CA ILE A 219 -25.24 32.97 5.90
C ILE A 219 -26.68 33.15 5.45
N ASN A 220 -27.57 33.51 6.39
CA ASN A 220 -28.96 33.75 6.02
C ASN A 220 -29.08 34.94 5.09
N GLU A 221 -28.33 36.01 5.37
CA GLU A 221 -28.35 37.17 4.48
C GLU A 221 -27.87 36.80 3.09
N LEU A 222 -26.78 36.04 3.01
CA LEU A 222 -26.27 35.61 1.72
C LEU A 222 -27.28 34.75 0.98
N VAL A 223 -27.96 33.85 1.70
CA VAL A 223 -28.99 33.02 1.08
C VAL A 223 -30.12 33.88 0.55
N LYS A 224 -30.52 34.91 1.29
CA LYS A 224 -31.52 35.84 0.80
C LYS A 224 -31.05 36.53 -0.46
N GLU A 225 -29.76 36.89 -0.52
CA GLU A 225 -29.22 37.59 -1.68
C GLU A 225 -29.23 36.70 -2.92
N ALA A 226 -28.50 35.58 -2.85
CA ALA A 226 -28.27 34.73 -4.02
C ALA A 226 -28.39 33.26 -3.64
N GLY A 227 -29.61 32.79 -3.43
CA GLY A 227 -29.86 31.39 -3.17
C GLY A 227 -30.90 30.85 -4.14
N LYS A 228 -30.67 29.63 -4.61
CA LYS A 228 -31.62 28.99 -5.49
C LYS A 228 -32.96 28.82 -4.78
N PRO A 229 -34.04 28.71 -5.53
CA PRO A 229 -35.36 28.55 -4.89
C PRO A 229 -35.53 27.15 -4.32
N ARG A 230 -36.09 27.09 -3.12
CA ARG A 230 -36.17 25.83 -2.40
C ARG A 230 -36.94 24.78 -3.19
N TRP A 231 -36.48 23.54 -3.11
CA TRP A 231 -37.10 22.45 -3.83
C TRP A 231 -38.57 22.31 -3.42
N ASP A 232 -39.39 21.90 -4.38
CA ASP A 232 -40.78 21.59 -4.12
C ASP A 232 -40.82 20.13 -3.69
N TRP A 233 -40.50 19.89 -2.43
CA TRP A 233 -40.43 18.54 -1.88
C TRP A 233 -41.38 18.40 -0.71
N GLN A 234 -42.13 17.32 -0.70
CA GLN A 234 -43.11 17.07 0.35
C GLN A 234 -42.84 15.72 0.99
N PRO A 235 -43.00 15.62 2.30
CA PRO A 235 -42.81 14.34 2.97
C PRO A 235 -43.88 13.35 2.57
N GLU A 236 -43.61 12.08 2.85
CA GLU A 236 -44.57 11.03 2.54
C GLU A 236 -45.82 11.25 3.36
N PRO A 237 -46.99 11.37 2.73
CA PRO A 237 -48.23 11.57 3.49
C PRO A 237 -48.50 10.38 4.39
N VAL A 238 -48.74 10.67 5.68
CA VAL A 238 -48.94 9.61 6.66
C VAL A 238 -50.20 8.82 6.30
N ASN A 239 -50.09 7.50 6.34
CA ASN A 239 -51.20 6.61 6.05
C ASN A 239 -51.93 6.34 7.36
N GLU A 240 -53.07 7.00 7.55
CA GLU A 240 -53.84 6.80 8.77
C GLU A 240 -54.45 5.41 8.83
N ALA A 241 -54.95 4.92 7.69
CA ALA A 241 -55.65 3.63 7.68
C ALA A 241 -54.72 2.49 8.05
N LEU A 242 -53.62 2.32 7.31
CA LEU A 242 -52.71 1.23 7.58
C LEU A 242 -52.11 1.34 8.97
N ASN A 243 -51.71 2.55 9.37
CA ASN A 243 -51.12 2.75 10.69
C ASN A 243 -52.10 2.33 11.79
N ALA A 244 -53.32 2.86 11.74
CA ALA A 244 -54.30 2.51 12.78
C ALA A 244 -54.63 1.03 12.74
N ARG A 245 -54.70 0.43 11.55
CA ARG A 245 -55.04 -0.98 11.44
C ARG A 245 -53.99 -1.84 12.12
N VAL A 246 -52.72 -1.63 11.78
CA VAL A 246 -51.67 -2.44 12.38
C VAL A 246 -51.54 -2.13 13.88
N ALA A 247 -51.71 -0.85 14.25
CA ALA A 247 -51.54 -0.47 15.64
C ALA A 247 -52.60 -1.13 16.52
N ALA A 248 -53.85 -1.12 16.07
CA ALA A 248 -54.88 -1.90 16.75
C ALA A 248 -54.52 -3.38 16.65
N LEU A 249 -54.77 -4.12 17.73
CA LEU A 249 -54.52 -5.55 17.87
C LEU A 249 -53.05 -5.86 18.09
N ALA A 250 -52.13 -4.95 17.79
CA ALA A 250 -50.70 -5.19 18.00
C ALA A 250 -50.07 -4.17 18.93
N GLU A 251 -50.85 -3.27 19.51
CA GLU A 251 -50.29 -2.21 20.35
C GLU A 251 -50.28 -2.61 21.82
N ALA A 252 -51.46 -2.82 22.40
CA ALA A 252 -51.55 -3.16 23.81
C ALA A 252 -50.77 -4.42 24.14
N ARG A 253 -50.92 -5.45 23.31
CA ARG A 253 -50.14 -6.68 23.52
C ARG A 253 -48.65 -6.42 23.44
N LEU A 254 -48.22 -5.50 22.57
CA LEU A 254 -46.81 -5.13 22.54
C LEU A 254 -46.37 -4.53 23.87
N SER A 255 -47.21 -3.68 24.46
CA SER A 255 -46.88 -3.13 25.77
C SER A 255 -46.79 -4.23 26.82
N ASP A 256 -47.73 -5.18 26.80
CA ASP A 256 -47.65 -6.31 27.70
C ASP A 256 -46.51 -7.25 27.34
N ALA A 257 -46.24 -7.43 26.04
CA ALA A 257 -45.15 -8.28 25.61
C ALA A 257 -43.78 -7.75 26.00
N TYR A 258 -43.70 -6.47 26.39
CA TYR A 258 -42.44 -5.91 26.83
C TYR A 258 -42.29 -5.94 28.34
N ARG A 259 -43.30 -6.41 29.07
CA ARG A 259 -43.20 -6.59 30.50
C ARG A 259 -42.41 -7.84 30.88
N ILE A 260 -42.00 -8.64 29.90
CA ILE A 260 -41.25 -9.84 30.19
C ILE A 260 -39.91 -9.47 30.82
N THR A 261 -39.45 -10.31 31.76
CA THR A 261 -38.18 -10.03 32.43
C THR A 261 -36.99 -10.43 31.56
N ASP A 262 -37.04 -11.60 30.94
CA ASP A 262 -35.93 -12.09 30.14
C ASP A 262 -35.90 -11.37 28.79
N LYS A 263 -34.73 -10.87 28.42
CA LYS A 263 -34.61 -10.10 27.18
C LYS A 263 -34.85 -10.98 25.95
N GLN A 264 -34.32 -12.21 25.96
CA GLN A 264 -34.47 -13.07 24.80
C GLN A 264 -35.86 -13.68 24.70
N GLU A 265 -36.50 -13.94 25.84
CA GLU A 265 -37.88 -14.41 25.82
C GLU A 265 -38.79 -13.37 25.21
N ARG A 266 -38.66 -12.11 25.66
CA ARG A 266 -39.39 -11.01 25.05
C ARG A 266 -39.03 -10.86 23.58
N TYR A 267 -37.73 -11.00 23.26
CA TYR A 267 -37.29 -10.99 21.87
C TYR A 267 -38.13 -11.93 21.02
N ALA A 268 -38.11 -13.22 21.35
CA ALA A 268 -38.80 -14.22 20.55
C ALA A 268 -40.32 -14.01 20.58
N GLN A 269 -40.86 -13.62 21.73
CA GLN A 269 -42.31 -13.47 21.84
C GLN A 269 -42.80 -12.31 20.98
N VAL A 270 -42.08 -11.19 20.97
CA VAL A 270 -42.47 -10.06 20.14
C VAL A 270 -42.21 -10.36 18.67
N ASP A 271 -41.18 -11.15 18.35
CA ASP A 271 -41.04 -11.61 16.98
C ASP A 271 -42.24 -12.44 16.55
N VAL A 272 -42.77 -13.26 17.46
CA VAL A 272 -43.96 -14.04 17.16
C VAL A 272 -45.16 -13.12 16.94
N ILE A 273 -45.30 -12.11 17.79
CA ILE A 273 -46.43 -11.18 17.65
C ILE A 273 -46.36 -10.45 16.31
N LYS A 274 -45.18 -9.93 15.98
CA LYS A 274 -45.05 -9.18 14.74
C LYS A 274 -45.26 -10.09 13.53
N SER A 275 -44.80 -11.34 13.61
CA SER A 275 -44.99 -12.27 12.50
C SER A 275 -46.47 -12.57 12.29
N GLU A 276 -47.21 -12.82 13.37
CA GLU A 276 -48.62 -13.11 13.20
C GLU A 276 -49.38 -11.88 12.70
N THR A 277 -49.01 -10.70 13.19
CA THR A 277 -49.70 -9.49 12.75
C THR A 277 -49.40 -9.18 11.29
N ILE A 278 -48.15 -9.35 10.85
CA ILE A 278 -47.85 -9.11 9.45
C ILE A 278 -48.51 -10.17 8.59
N ALA A 279 -48.64 -11.40 9.10
CA ALA A 279 -49.33 -12.44 8.35
C ALA A 279 -50.78 -12.08 8.12
N THR A 280 -51.49 -11.68 9.19
CA THR A 280 -52.90 -11.33 9.04
C THR A 280 -53.07 -10.08 8.17
N LEU A 281 -52.15 -9.11 8.28
CA LEU A 281 -52.25 -7.91 7.48
C LEU A 281 -52.02 -8.19 5.99
N LEU A 282 -51.02 -9.02 5.67
CA LEU A 282 -50.85 -9.43 4.28
C LEU A 282 -52.03 -10.25 3.79
N ALA A 283 -52.66 -11.03 4.70
CA ALA A 283 -53.84 -11.79 4.33
C ALA A 283 -54.98 -10.85 3.95
N GLU A 284 -55.16 -9.77 4.71
CA GLU A 284 -56.23 -8.82 4.38
C GLU A 284 -55.98 -8.16 3.03
N ASP A 285 -54.73 -7.83 2.73
CA ASP A 285 -54.37 -7.22 1.45
C ASP A 285 -52.90 -7.51 1.17
N GLU A 286 -52.60 -7.86 -0.08
CA GLU A 286 -51.26 -8.30 -0.45
C GLU A 286 -50.42 -7.22 -1.12
N THR A 287 -51.03 -6.11 -1.56
CA THR A 287 -50.27 -5.07 -2.24
C THR A 287 -49.40 -4.26 -1.30
N LEU A 288 -49.54 -4.44 0.01
CA LEU A 288 -48.77 -3.66 0.97
C LEU A 288 -47.31 -4.07 0.93
N ASP A 289 -46.44 -3.14 0.53
CA ASP A 289 -45.02 -3.44 0.43
C ASP A 289 -44.42 -3.67 1.81
N GLU A 290 -43.29 -4.38 1.83
CA GLU A 290 -42.74 -4.87 3.09
C GLU A 290 -42.01 -3.79 3.87
N ASN A 291 -41.31 -2.89 3.17
CA ASN A 291 -40.52 -1.88 3.86
C ASN A 291 -41.39 -1.02 4.78
N GLU A 292 -42.56 -0.60 4.28
CA GLU A 292 -43.41 0.29 5.07
C GLU A 292 -44.03 -0.43 6.26
N LEU A 293 -44.42 -1.70 6.08
CA LEU A 293 -44.96 -2.47 7.20
C LEU A 293 -43.91 -2.67 8.28
N GLY A 294 -42.71 -3.10 7.88
CA GLY A 294 -41.63 -3.24 8.84
C GLY A 294 -41.30 -1.93 9.52
N GLU A 295 -41.37 -0.82 8.78
CA GLU A 295 -41.14 0.48 9.39
C GLU A 295 -42.19 0.81 10.44
N ILE A 296 -43.46 0.52 10.14
CA ILE A 296 -44.51 0.80 11.12
C ILE A 296 -44.33 -0.05 12.37
N LEU A 297 -43.95 -1.33 12.20
CA LEU A 297 -43.72 -2.17 13.35
C LEU A 297 -42.53 -1.69 14.18
N HIS A 298 -41.43 -1.36 13.50
CA HIS A 298 -40.29 -0.76 14.19
C HIS A 298 -40.71 0.49 14.95
N ALA A 299 -41.54 1.34 14.32
CA ALA A 299 -41.92 2.61 14.93
C ALA A 299 -42.78 2.39 16.16
N ILE A 300 -43.74 1.47 16.09
CA ILE A 300 -44.58 1.24 17.26
C ILE A 300 -43.78 0.62 18.39
N GLU A 301 -42.85 -0.27 18.07
CA GLU A 301 -41.99 -0.83 19.11
C GLU A 301 -41.17 0.27 19.79
N LYS A 302 -40.56 1.14 18.98
CA LYS A 302 -39.76 2.22 19.54
C LYS A 302 -40.62 3.15 20.38
N ASN A 303 -41.84 3.40 19.95
CA ASN A 303 -42.73 4.26 20.74
C ASN A 303 -43.05 3.62 22.08
N VAL A 304 -43.28 2.31 22.09
CA VAL A 304 -43.54 1.62 23.36
C VAL A 304 -42.35 1.75 24.28
N VAL A 305 -41.14 1.50 23.77
CA VAL A 305 -39.94 1.58 24.59
C VAL A 305 -39.77 2.99 25.16
N ARG A 306 -39.91 4.00 24.30
CA ARG A 306 -39.72 5.39 24.73
C ARG A 306 -40.74 5.77 25.79
N SER A 307 -42.02 5.46 25.54
CA SER A 307 -43.05 5.79 26.51
C SER A 307 -42.82 5.08 27.83
N ARG A 308 -42.33 3.84 27.78
CA ARG A 308 -42.02 3.12 29.01
C ARG A 308 -40.92 3.83 29.78
N VAL A 309 -39.84 4.20 29.10
CA VAL A 309 -38.72 4.83 29.79
C VAL A 309 -39.14 6.16 30.40
N LEU A 310 -39.97 6.92 29.67
CA LEU A 310 -40.42 8.20 30.19
C LEU A 310 -41.26 8.02 31.45
N ALA A 311 -42.11 7.00 31.49
CA ALA A 311 -42.91 6.75 32.67
C ALA A 311 -42.04 6.44 33.88
N GLY A 312 -40.86 5.89 33.65
CA GLY A 312 -39.96 5.53 34.73
C GLY A 312 -39.93 4.05 35.07
N GLU A 313 -40.64 3.22 34.33
CA GLU A 313 -40.57 1.79 34.52
C GLU A 313 -39.22 1.27 34.02
N PRO A 314 -38.78 0.11 34.51
CA PRO A 314 -37.42 -0.34 34.20
C PRO A 314 -37.19 -0.52 32.71
N ARG A 315 -35.95 -0.26 32.29
CA ARG A 315 -35.57 -0.34 30.89
C ARG A 315 -35.56 -1.80 30.42
N ILE A 316 -35.36 -1.97 29.11
CA ILE A 316 -35.41 -3.30 28.52
C ILE A 316 -34.36 -4.21 29.15
N ASP A 317 -33.16 -3.68 29.39
CA ASP A 317 -32.13 -4.46 30.06
C ASP A 317 -32.58 -4.91 31.45
N GLY A 318 -33.45 -4.13 32.10
CA GLY A 318 -33.86 -4.39 33.45
C GLY A 318 -33.26 -3.44 34.47
N ARG A 319 -32.18 -2.74 34.13
CA ARG A 319 -31.59 -1.79 35.04
C ARG A 319 -32.49 -0.59 35.22
N GLU A 320 -32.21 0.17 36.29
CA GLU A 320 -32.88 1.44 36.49
C GLU A 320 -32.29 2.48 35.54
N LYS A 321 -32.82 3.71 35.62
CA LYS A 321 -32.29 4.77 34.78
C LYS A 321 -30.91 5.22 35.22
N ASP A 322 -30.36 4.67 36.30
CA ASP A 322 -29.11 5.12 36.87
C ASP A 322 -28.02 4.05 36.88
N MET A 323 -28.36 2.78 37.10
CA MET A 323 -27.36 1.75 37.31
C MET A 323 -26.58 1.47 36.04
N ILE A 324 -25.33 1.09 36.24
CA ILE A 324 -24.44 0.70 35.14
C ILE A 324 -24.50 -0.81 34.98
N ARG A 325 -24.31 -1.26 33.74
CA ARG A 325 -24.26 -2.68 33.45
C ARG A 325 -23.18 -3.35 34.28
N GLY A 326 -23.26 -4.67 34.38
CA GLY A 326 -22.26 -5.45 35.09
C GLY A 326 -20.86 -5.12 34.62
N LEU A 327 -19.93 -4.99 35.55
CA LEU A 327 -18.58 -4.54 35.27
C LEU A 327 -17.61 -5.65 35.63
N ASP A 328 -16.58 -5.84 34.80
CA ASP A 328 -15.56 -6.83 35.10
C ASP A 328 -14.28 -6.48 34.34
N VAL A 329 -13.16 -6.42 35.04
CA VAL A 329 -11.89 -6.05 34.44
C VAL A 329 -10.81 -7.02 34.90
N ARG A 330 -10.02 -7.49 33.95
CA ARG A 330 -8.84 -8.28 34.24
C ARG A 330 -7.67 -7.71 33.45
N THR A 331 -6.46 -8.01 33.91
CA THR A 331 -5.27 -7.40 33.33
C THR A 331 -4.21 -8.46 33.06
N GLY A 332 -3.26 -8.11 32.20
CA GLY A 332 -2.21 -9.05 31.81
C GLY A 332 -2.74 -10.30 31.16
N VAL A 333 -3.79 -10.17 30.34
CA VAL A 333 -4.41 -11.34 29.76
C VAL A 333 -3.57 -11.94 28.65
N LEU A 334 -2.62 -11.19 28.10
CA LEU A 334 -1.80 -11.71 27.03
C LEU A 334 -0.40 -12.01 27.52
N PRO A 335 0.24 -13.05 27.01
CA PRO A 335 1.49 -13.51 27.63
C PRO A 335 2.73 -12.73 27.22
N ARG A 336 2.74 -12.16 26.02
CA ARG A 336 3.98 -11.62 25.49
C ARG A 336 3.86 -10.18 24.98
N THR A 337 2.67 -9.59 24.97
CA THR A 337 2.59 -8.17 24.70
C THR A 337 3.09 -7.39 25.90
N HIS A 338 3.49 -6.15 25.65
CA HIS A 338 4.06 -5.33 26.73
C HIS A 338 3.02 -5.06 27.80
N GLY A 339 1.81 -4.73 27.40
CA GLY A 339 0.71 -4.56 28.35
C GLY A 339 -0.60 -4.99 27.74
N SER A 340 -1.49 -5.58 28.52
CA SER A 340 -2.76 -6.02 27.99
C SER A 340 -3.83 -5.94 29.07
N ALA A 341 -5.07 -5.78 28.65
CA ALA A 341 -6.18 -5.73 29.59
C ALA A 341 -7.46 -6.13 28.89
N LEU A 342 -8.40 -6.63 29.68
CA LEU A 342 -9.74 -6.98 29.20
C LEU A 342 -10.75 -6.22 30.04
N PHE A 343 -11.60 -5.44 29.39
CA PHE A 343 -12.58 -4.63 30.10
C PHE A 343 -13.97 -5.03 29.62
N THR A 344 -14.51 -6.07 30.25
CA THR A 344 -15.86 -6.53 29.93
C THR A 344 -16.86 -5.70 30.72
N ARG A 345 -17.68 -4.92 30.02
CA ARG A 345 -18.74 -4.15 30.65
C ARG A 345 -20.07 -4.60 30.05
N GLY A 346 -20.89 -5.26 30.86
CA GLY A 346 -22.14 -5.78 30.34
C GLY A 346 -21.85 -6.75 29.21
N GLU A 347 -22.37 -6.41 28.03
CA GLU A 347 -21.98 -7.12 26.82
C GLU A 347 -20.86 -6.44 26.06
N THR A 348 -20.50 -5.22 26.38
CA THR A 348 -19.48 -4.50 25.64
C THR A 348 -18.11 -4.90 26.17
N GLN A 349 -17.28 -5.45 25.31
CA GLN A 349 -15.95 -5.93 25.67
C GLN A 349 -14.91 -5.31 24.77
N ALA A 350 -13.78 -4.92 25.35
CA ALA A 350 -12.64 -4.44 24.58
C ALA A 350 -11.38 -5.10 25.10
N LEU A 351 -10.62 -5.72 24.20
CA LEU A 351 -9.31 -6.28 24.54
C LEU A 351 -8.26 -5.30 24.07
N VAL A 352 -7.58 -4.65 25.01
CA VAL A 352 -6.71 -3.53 24.72
C VAL A 352 -5.29 -3.90 25.09
N THR A 353 -4.35 -3.60 24.20
CA THR A 353 -2.95 -3.97 24.38
C THR A 353 -2.06 -2.80 24.00
N ALA A 354 -1.22 -2.36 24.92
CA ALA A 354 -0.30 -1.25 24.68
C ALA A 354 1.11 -1.78 24.50
N THR A 355 1.82 -1.27 23.50
CA THR A 355 3.17 -1.70 23.19
C THR A 355 4.09 -0.50 23.13
N LEU A 356 5.23 -0.59 23.78
CA LEU A 356 6.21 0.47 23.75
C LEU A 356 7.10 0.31 22.51
N GLY A 357 7.92 1.32 22.27
CA GLY A 357 8.81 1.29 21.13
C GLY A 357 9.81 2.42 21.24
N THR A 358 10.82 2.35 20.40
CA THR A 358 11.84 3.39 20.42
C THR A 358 11.43 4.53 19.48
N ALA A 359 12.06 5.70 19.70
CA ALA A 359 11.62 6.92 19.04
C ALA A 359 11.72 6.86 17.53
N ARG A 360 12.35 5.82 16.97
CA ARG A 360 12.41 5.62 15.54
C ARG A 360 11.04 5.28 14.95
N ASP A 361 10.08 4.83 15.76
CA ASP A 361 8.81 4.34 15.27
C ASP A 361 7.68 5.36 15.39
N ALA A 362 7.95 6.54 15.95
CA ALA A 362 6.94 7.58 15.99
C ALA A 362 6.44 7.90 14.59
N GLN A 363 5.13 7.96 14.44
CA GLN A 363 4.56 8.27 13.14
C GLN A 363 4.91 9.69 12.73
N VAL A 364 5.29 9.86 11.47
CA VAL A 364 5.63 11.16 10.92
C VAL A 364 4.45 11.62 10.06
N LEU A 365 3.67 12.54 10.59
CA LEU A 365 2.48 13.02 9.91
C LEU A 365 2.82 14.26 9.09
N ASP A 366 2.33 14.30 7.85
CA ASP A 366 2.57 15.42 6.96
C ASP A 366 1.25 16.14 6.70
N GLU A 367 0.74 16.79 7.74
CA GLU A 367 -0.49 17.54 7.62
C GLU A 367 -0.25 18.84 6.87
N LEU A 368 -1.34 19.55 6.59
CA LEU A 368 -1.23 20.85 5.92
C LEU A 368 -0.58 21.88 6.84
N MET A 369 -1.02 21.93 8.10
CA MET A 369 -0.47 22.91 9.03
C MET A 369 1.03 22.75 9.19
N GLY A 370 1.55 21.54 9.02
CA GLY A 370 2.98 21.32 9.08
C GLY A 370 3.29 19.90 9.49
N GLU A 371 4.52 19.51 9.21
CA GLU A 371 4.97 18.19 9.63
C GLU A 371 4.90 18.06 11.13
N ARG A 372 4.24 17.00 11.60
CA ARG A 372 4.10 16.74 13.02
C ARG A 372 4.40 15.28 13.28
N THR A 373 5.11 15.00 14.36
CA THR A 373 5.53 13.64 14.71
C THR A 373 4.68 13.17 15.88
N ASP A 374 3.90 12.11 15.65
CA ASP A 374 3.05 11.53 16.69
C ASP A 374 3.83 10.49 17.48
N THR A 375 3.77 10.60 18.80
CA THR A 375 4.43 9.64 19.66
C THR A 375 3.45 8.80 20.47
N PHE A 376 2.15 8.98 20.28
CA PHE A 376 1.13 8.14 20.90
C PHE A 376 0.08 7.80 19.87
N LEU A 377 0.03 6.54 19.47
CA LEU A 377 -0.88 6.08 18.43
C LEU A 377 -1.97 5.22 19.04
N PHE A 378 -3.21 5.52 18.69
CA PHE A 378 -4.35 4.75 19.18
C PHE A 378 -5.11 4.22 17.98
N HIS A 379 -5.09 2.91 17.81
CA HIS A 379 -5.80 2.26 16.72
C HIS A 379 -6.92 1.42 17.31
N TYR A 380 -8.09 1.49 16.69
CA TYR A 380 -9.30 0.89 17.24
C TYR A 380 -9.88 -0.01 16.18
N ASN A 381 -9.96 -1.31 16.46
CA ASN A 381 -10.41 -2.30 15.51
C ASN A 381 -11.79 -2.79 15.91
N PHE A 382 -12.71 -2.85 14.95
CA PHE A 382 -14.09 -3.25 15.20
C PHE A 382 -14.37 -4.45 14.31
N PRO A 383 -13.92 -5.64 14.69
CA PRO A 383 -14.09 -6.79 13.82
C PRO A 383 -15.53 -7.26 13.84
N PRO A 384 -15.99 -7.87 12.75
CA PRO A 384 -17.43 -8.12 12.61
C PRO A 384 -17.97 -9.22 13.50
N TYR A 385 -17.13 -10.10 14.07
CA TYR A 385 -17.68 -11.12 14.95
C TYR A 385 -18.21 -10.50 16.22
N SER A 386 -17.81 -9.26 16.52
CA SER A 386 -18.25 -8.60 17.75
C SER A 386 -19.77 -8.49 17.80
N VAL A 387 -20.40 -7.96 16.75
CA VAL A 387 -21.85 -7.84 16.74
C VAL A 387 -22.55 -9.13 16.35
N GLY A 388 -21.80 -10.19 16.09
CA GLY A 388 -22.39 -11.49 15.84
C GLY A 388 -22.75 -11.79 14.40
N GLU A 389 -22.36 -10.94 13.46
CA GLU A 389 -22.66 -11.18 12.05
C GLU A 389 -21.37 -11.23 11.26
N THR A 390 -21.35 -12.11 10.26
CA THR A 390 -20.21 -12.19 9.36
C THR A 390 -20.07 -10.89 8.58
N GLY A 391 -18.85 -10.61 8.17
CA GLY A 391 -18.56 -9.39 7.44
C GLY A 391 -17.25 -9.55 6.72
N MET A 392 -16.83 -8.49 6.04
CA MET A 392 -15.60 -8.50 5.27
C MET A 392 -14.56 -7.66 5.97
N VAL A 393 -13.56 -8.32 6.55
CA VAL A 393 -12.46 -7.62 7.19
C VAL A 393 -11.59 -6.98 6.12
N GLY A 394 -11.38 -5.69 6.24
CA GLY A 394 -10.60 -4.94 5.26
C GLY A 394 -10.04 -3.69 5.89
N SER A 395 -9.96 -2.63 5.10
CA SER A 395 -9.48 -1.36 5.60
C SER A 395 -10.44 -0.85 6.68
N PRO A 396 -9.93 -0.10 7.66
CA PRO A 396 -10.79 0.41 8.74
C PRO A 396 -11.80 1.44 8.22
N LYS A 397 -13.07 1.18 8.48
CA LYS A 397 -14.14 2.06 8.05
C LYS A 397 -14.11 3.37 8.85
N ARG A 398 -14.93 4.33 8.43
CA ARG A 398 -14.91 5.66 9.04
C ARG A 398 -15.21 5.62 10.54
N ARG A 399 -16.23 4.86 10.93
CA ARG A 399 -16.62 4.79 12.37
C ARG A 399 -15.39 4.39 13.18
N GLU A 400 -14.57 3.47 12.67
CA GLU A 400 -13.41 3.01 13.41
C GLU A 400 -12.38 4.12 13.57
N ILE A 401 -12.18 4.92 12.52
CA ILE A 401 -11.25 6.04 12.63
C ILE A 401 -11.77 7.07 13.62
N GLY A 402 -13.07 7.36 13.55
CA GLY A 402 -13.65 8.31 14.48
C GLY A 402 -13.54 7.87 15.92
N HIS A 403 -13.80 6.59 16.18
CA HIS A 403 -13.72 6.11 17.55
C HIS A 403 -12.28 5.97 18.03
N GLY A 404 -11.36 5.64 17.12
CA GLY A 404 -9.96 5.68 17.48
C GLY A 404 -9.55 7.06 17.95
N ARG A 405 -9.92 8.09 17.18
CA ARG A 405 -9.57 9.44 17.62
C ARG A 405 -10.28 9.82 18.90
N LEU A 406 -11.52 9.39 19.08
CA LEU A 406 -12.23 9.72 20.31
C LEU A 406 -11.52 9.12 21.52
N ALA A 407 -11.19 7.84 21.45
CA ALA A 407 -10.45 7.21 22.53
C ALA A 407 -9.13 7.93 22.77
N LYS A 408 -8.38 8.22 21.70
CA LYS A 408 -7.10 8.88 21.88
C LYS A 408 -7.25 10.22 22.57
N ARG A 409 -8.31 10.96 22.26
CA ARG A 409 -8.56 12.20 22.98
C ARG A 409 -8.97 11.93 24.42
N GLY A 410 -9.55 10.76 24.68
CA GLY A 410 -9.89 10.41 26.03
C GLY A 410 -8.69 10.09 26.89
N VAL A 411 -7.62 9.56 26.29
CA VAL A 411 -6.45 9.17 27.04
C VAL A 411 -5.31 10.18 26.94
N LEU A 412 -5.27 11.00 25.89
CA LEU A 412 -4.16 11.93 25.71
C LEU A 412 -4.00 12.91 26.86
N ALA A 413 -5.05 13.11 27.66
CA ALA A 413 -4.96 14.09 28.72
C ALA A 413 -4.05 13.64 29.85
N VAL A 414 -3.82 12.34 29.98
CA VAL A 414 -3.11 11.81 31.14
C VAL A 414 -1.75 11.24 30.81
N MET A 415 -1.43 11.01 29.53
CA MET A 415 -0.15 10.41 29.21
C MET A 415 1.00 11.36 29.52
N PRO A 416 2.16 10.82 29.90
CA PRO A 416 3.26 11.67 30.33
C PRO A 416 4.00 12.30 29.18
N ASP A 417 4.62 13.44 29.47
CA ASP A 417 5.44 14.12 28.47
C ASP A 417 6.68 13.30 28.15
N MET A 418 7.20 13.49 26.93
CA MET A 418 8.29 12.64 26.45
C MET A 418 9.57 12.81 27.27
N ASP A 419 9.66 13.83 28.11
CA ASP A 419 10.84 13.99 28.95
C ASP A 419 10.84 12.97 30.08
N LYS A 420 9.66 12.70 30.66
CA LYS A 420 9.57 11.79 31.79
C LYS A 420 9.58 10.33 31.36
N PHE A 421 9.28 10.03 30.11
CA PHE A 421 9.13 8.66 29.67
C PHE A 421 9.39 8.59 28.17
N PRO A 422 10.62 8.31 27.75
CA PRO A 422 11.02 8.42 26.34
C PRO A 422 10.72 7.18 25.49
N TYR A 423 9.47 7.06 25.08
CA TYR A 423 9.04 5.93 24.26
C TYR A 423 7.99 6.44 23.28
N THR A 424 7.34 5.51 22.57
CA THR A 424 6.30 5.87 21.60
C THR A 424 5.17 4.86 21.71
N VAL A 425 4.37 5.01 22.76
CA VAL A 425 3.30 4.07 23.06
C VAL A 425 2.35 3.95 21.88
N ARG A 426 1.97 2.72 21.55
CA ARG A 426 0.92 2.45 20.58
C ARG A 426 -0.09 1.52 21.22
N VAL A 427 -1.35 1.95 21.28
CA VAL A 427 -2.38 1.25 22.02
C VAL A 427 -3.40 0.74 21.00
N VAL A 428 -3.39 -0.55 20.71
CA VAL A 428 -4.39 -1.16 19.85
C VAL A 428 -5.52 -1.67 20.72
N SER A 429 -6.75 -1.35 20.36
CA SER A 429 -7.91 -1.83 21.07
C SER A 429 -8.80 -2.61 20.11
N GLU A 430 -8.99 -3.89 20.40
CA GLU A 430 -9.85 -4.75 19.61
C GLU A 430 -11.16 -4.96 20.35
N ILE A 431 -12.27 -4.72 19.67
CA ILE A 431 -13.59 -4.85 20.27
C ILE A 431 -14.08 -6.27 20.02
N THR A 432 -13.89 -7.15 21.01
CA THR A 432 -14.29 -8.54 20.83
C THR A 432 -15.80 -8.68 20.84
N GLU A 433 -16.50 -7.84 21.59
CA GLU A 433 -17.95 -7.89 21.65
C GLU A 433 -18.48 -6.49 21.91
N SER A 434 -19.48 -6.08 21.13
CA SER A 434 -19.88 -4.67 21.05
C SER A 434 -21.40 -4.52 21.14
N ASN A 435 -21.90 -4.27 22.34
CA ASN A 435 -23.31 -3.89 22.50
C ASN A 435 -23.40 -2.50 23.13
N GLY A 436 -22.99 -1.51 22.36
CA GLY A 436 -23.13 -0.12 22.75
C GLY A 436 -21.94 0.39 23.55
N SER A 437 -21.57 1.64 23.27
CA SER A 437 -20.52 2.33 24.01
C SER A 437 -19.19 1.59 23.91
N SER A 438 -18.85 1.13 22.72
CA SER A 438 -17.58 0.44 22.54
C SER A 438 -16.40 1.39 22.73
N SER A 439 -16.57 2.65 22.34
CA SER A 439 -15.46 3.61 22.44
C SER A 439 -15.05 3.82 23.89
N MET A 440 -16.01 3.88 24.81
CA MET A 440 -15.65 4.16 26.18
C MET A 440 -15.06 2.93 26.86
N ALA A 441 -15.55 1.74 26.51
CA ALA A 441 -14.86 0.53 26.92
C ALA A 441 -13.43 0.53 26.41
N SER A 442 -13.22 1.06 25.21
CA SER A 442 -11.87 1.14 24.68
C SER A 442 -11.01 2.10 25.49
N VAL A 443 -11.57 3.23 25.89
CA VAL A 443 -10.81 4.19 26.70
C VAL A 443 -10.42 3.55 28.03
N CYS A 444 -11.37 2.88 28.67
CA CYS A 444 -11.09 2.28 29.97
C CYS A 444 -10.04 1.18 29.84
N GLY A 445 -10.21 0.29 28.85
CA GLY A 445 -9.21 -0.72 28.61
C GLY A 445 -7.85 -0.15 28.28
N ALA A 446 -7.81 0.98 27.59
CA ALA A 446 -6.53 1.59 27.27
C ALA A 446 -5.85 2.13 28.51
N SER A 447 -6.61 2.74 29.42
CA SER A 447 -6.02 3.18 30.67
C SER A 447 -5.49 1.99 31.45
N LEU A 448 -6.25 0.91 31.48
CA LEU A 448 -5.79 -0.30 32.16
C LEU A 448 -4.50 -0.82 31.57
N ALA A 449 -4.44 -0.96 30.24
CA ALA A 449 -3.26 -1.48 29.58
C ALA A 449 -2.05 -0.59 29.85
N LEU A 450 -2.20 0.72 29.68
CA LEU A 450 -1.10 1.63 30.00
C LEU A 450 -0.62 1.44 31.42
N MET A 451 -1.53 1.44 32.40
CA MET A 451 -1.10 1.23 33.77
C MET A 451 -0.51 -0.16 33.97
N ASP A 452 -0.75 -1.08 33.05
CA ASP A 452 -0.15 -2.41 33.15
C ASP A 452 1.26 -2.42 32.60
N ALA A 453 1.45 -1.89 31.38
CA ALA A 453 2.74 -1.95 30.72
C ALA A 453 3.80 -1.11 31.41
N GLY A 454 3.46 -0.38 32.46
CA GLY A 454 4.43 0.41 33.17
C GLY A 454 4.48 1.87 32.78
N VAL A 455 3.57 2.33 31.93
CA VAL A 455 3.58 3.70 31.46
C VAL A 455 3.11 4.61 32.59
N PRO A 456 3.95 5.49 33.10
CA PRO A 456 3.57 6.29 34.26
C PRO A 456 2.57 7.39 33.93
N ILE A 457 1.33 7.00 33.62
CA ILE A 457 0.31 8.00 33.37
C ILE A 457 -0.07 8.69 34.68
N LYS A 458 -0.69 9.86 34.56
CA LYS A 458 -1.00 10.67 35.74
C LYS A 458 -2.04 9.98 36.60
N ALA A 459 -3.17 9.61 36.02
CA ALA A 459 -4.22 8.94 36.80
C ALA A 459 -5.06 8.09 35.86
N ALA A 460 -5.67 7.06 36.42
CA ALA A 460 -6.57 6.22 35.64
C ALA A 460 -7.71 7.05 35.09
N VAL A 461 -8.13 6.73 33.87
CA VAL A 461 -9.13 7.51 33.16
C VAL A 461 -10.08 6.56 32.46
N ALA A 462 -11.35 6.59 32.84
CA ALA A 462 -12.37 5.77 32.22
C ALA A 462 -13.46 6.65 31.65
N GLY A 463 -14.32 6.05 30.86
CA GLY A 463 -15.37 6.80 30.21
C GLY A 463 -16.65 6.01 30.15
N ILE A 464 -17.76 6.73 30.07
CA ILE A 464 -19.08 6.14 29.91
C ILE A 464 -19.76 6.83 28.74
N ALA A 465 -20.88 6.29 28.29
CA ALA A 465 -21.56 6.82 27.12
C ALA A 465 -23.05 6.89 27.44
N MET A 466 -23.50 8.05 27.90
CA MET A 466 -24.89 8.20 28.28
C MET A 466 -25.75 8.57 27.08
N GLY A 467 -27.05 8.66 27.33
CA GLY A 467 -28.01 9.13 26.36
C GLY A 467 -29.06 9.97 27.03
N LEU A 468 -30.14 10.28 26.33
CA LEU A 468 -31.18 11.13 26.89
C LEU A 468 -32.41 11.04 26.01
N VAL A 469 -33.57 11.07 26.65
CA VAL A 469 -34.85 11.02 25.96
C VAL A 469 -35.79 12.02 26.62
N LYS A 470 -36.35 12.92 25.82
CA LYS A 470 -37.11 14.04 26.33
C LYS A 470 -38.35 14.25 25.50
N GLU A 471 -39.48 14.47 26.17
CA GLU A 471 -40.75 14.75 25.52
C GLU A 471 -41.39 15.94 26.19
N GLY A 472 -41.53 17.03 25.47
CA GLY A 472 -42.10 18.24 26.04
C GLY A 472 -41.26 18.73 27.20
N ASP A 473 -41.86 18.77 28.39
CA ASP A 473 -41.17 19.19 29.58
C ASP A 473 -40.51 18.03 30.32
N ASN A 474 -41.15 16.86 30.32
CA ASN A 474 -40.63 15.72 31.04
C ASN A 474 -39.44 15.13 30.29
N TYR A 475 -38.31 15.00 30.97
CA TYR A 475 -37.10 14.43 30.41
C TYR A 475 -36.47 13.48 31.42
N VAL A 476 -35.89 12.40 30.92
CA VAL A 476 -35.14 11.45 31.75
C VAL A 476 -33.85 11.09 31.04
N VAL A 477 -32.77 11.01 31.80
CA VAL A 477 -31.44 10.74 31.27
C VAL A 477 -30.95 9.40 31.79
N LEU A 478 -30.40 8.59 30.90
CA LEU A 478 -29.94 7.24 31.23
C LEU A 478 -28.41 7.20 31.21
N SER A 479 -27.87 6.12 31.75
CA SER A 479 -26.44 5.90 31.79
C SER A 479 -26.11 4.58 31.11
N ASP A 480 -25.01 4.58 30.37
CA ASP A 480 -24.54 3.38 29.67
C ASP A 480 -25.63 2.80 28.77
N ILE A 481 -26.17 3.63 27.88
CA ILE A 481 -27.20 3.16 26.96
C ILE A 481 -26.65 2.03 26.11
N LEU A 482 -27.47 0.99 25.93
CA LEU A 482 -27.11 -0.10 25.03
C LEU A 482 -27.38 0.30 23.59
N GLY A 483 -27.00 -0.60 22.67
CA GLY A 483 -27.21 -0.33 21.26
C GLY A 483 -28.69 -0.17 20.91
N ASP A 484 -29.53 -1.00 21.50
CA ASP A 484 -30.96 -0.89 21.23
C ASP A 484 -31.53 0.43 21.73
N GLU A 485 -31.05 0.90 22.88
CA GLU A 485 -31.55 2.13 23.44
C GLU A 485 -31.15 3.35 22.61
N ASP A 486 -30.24 3.18 21.64
CA ASP A 486 -29.74 4.32 20.89
C ASP A 486 -30.85 5.00 20.12
N HIS A 487 -31.78 4.23 19.55
CA HIS A 487 -32.92 4.83 18.86
C HIS A 487 -33.70 5.73 19.80
N LEU A 488 -33.87 5.30 21.05
CA LEU A 488 -34.67 6.06 22.00
C LEU A 488 -33.95 7.34 22.40
N GLY A 489 -32.64 7.30 22.49
CA GLY A 489 -31.90 8.46 22.94
C GLY A 489 -31.91 9.60 21.94
N ASP A 490 -32.54 10.72 22.33
CA ASP A 490 -32.52 11.90 21.48
C ASP A 490 -31.12 12.47 21.37
N MET A 491 -30.38 12.45 22.47
CA MET A 491 -29.01 12.92 22.52
C MET A 491 -28.09 11.77 22.91
N ASP A 492 -26.80 11.92 22.63
CA ASP A 492 -25.84 10.84 22.83
C ASP A 492 -24.59 11.43 23.47
N PHE A 493 -24.47 11.26 24.78
CA PHE A 493 -23.34 11.81 25.53
C PHE A 493 -22.23 10.78 25.64
N LYS A 494 -21.00 11.20 25.40
CA LYS A 494 -19.83 10.40 25.74
C LYS A 494 -18.89 11.25 26.57
N VAL A 495 -18.62 10.82 27.79
CA VAL A 495 -17.80 11.57 28.72
C VAL A 495 -16.72 10.64 29.25
N ALA A 496 -15.46 11.05 29.14
CA ALA A 496 -14.33 10.21 29.54
C ALA A 496 -13.29 11.06 30.23
N GLY A 497 -13.23 10.99 31.55
CA GLY A 497 -12.23 11.72 32.30
C GLY A 497 -11.82 10.96 33.54
N SER A 498 -10.71 11.40 34.12
CA SER A 498 -10.33 10.86 35.41
C SER A 498 -11.32 11.32 36.47
N ARG A 499 -11.10 10.85 37.70
CA ARG A 499 -12.02 11.20 38.78
C ARG A 499 -12.05 12.71 39.02
N ASP A 500 -10.93 13.38 38.85
CA ASP A 500 -10.90 14.81 39.11
C ASP A 500 -11.57 15.63 38.01
N GLY A 501 -11.29 15.31 36.74
CA GLY A 501 -11.76 16.17 35.67
C GLY A 501 -12.01 15.44 34.36
N ILE A 502 -12.84 16.06 33.52
CA ILE A 502 -13.20 15.50 32.24
C ILE A 502 -12.04 15.61 31.26
N SER A 503 -11.83 14.57 30.45
CA SER A 503 -10.78 14.58 29.45
C SER A 503 -11.29 14.68 28.02
N ALA A 504 -12.38 14.00 27.69
CA ALA A 504 -12.98 14.11 26.37
C ALA A 504 -14.49 14.14 26.50
N LEU A 505 -15.14 14.89 25.63
CA LEU A 505 -16.58 15.04 25.65
C LEU A 505 -17.06 15.06 24.21
N GLN A 506 -18.17 14.40 23.92
CA GLN A 506 -18.58 14.26 22.53
C GLN A 506 -20.09 14.07 22.41
N MET A 507 -20.87 15.10 22.71
CA MET A 507 -22.31 15.04 22.54
C MET A 507 -22.67 15.07 21.06
N ASP A 508 -23.89 14.65 20.75
CA ASP A 508 -24.41 14.63 19.39
C ASP A 508 -25.94 14.63 19.46
N ILE A 509 -26.51 15.76 19.89
CA ILE A 509 -27.95 15.81 20.12
C ILE A 509 -28.70 15.86 18.79
N LYS A 510 -29.95 15.39 18.83
CA LYS A 510 -30.79 15.37 17.63
C LYS A 510 -32.11 16.10 17.86
N ILE A 511 -32.60 16.08 19.10
CA ILE A 511 -33.83 16.79 19.44
C ILE A 511 -33.61 18.29 19.28
N GLU A 512 -34.69 19.02 18.99
CA GLU A 512 -34.54 20.43 18.63
C GLU A 512 -34.08 21.26 19.81
N GLY A 513 -34.70 21.11 20.97
CA GLY A 513 -34.39 22.01 22.07
C GLY A 513 -33.98 21.37 23.37
N ILE A 514 -32.79 21.71 23.87
CA ILE A 514 -32.32 21.30 25.18
C ILE A 514 -31.79 22.55 25.88
N THR A 515 -32.39 22.91 27.02
CA THR A 515 -31.82 23.98 27.83
C THR A 515 -30.50 23.52 28.44
N LYS A 516 -29.70 24.49 28.87
CA LYS A 516 -28.40 24.19 29.47
C LYS A 516 -28.51 23.30 30.69
N GLU A 517 -29.50 23.57 31.55
CA GLU A 517 -29.64 22.80 32.79
C GLU A 517 -29.79 21.31 32.54
N ILE A 518 -30.42 20.92 31.44
CA ILE A 518 -30.48 19.50 31.09
C ILE A 518 -29.08 18.96 30.89
N MET A 519 -28.26 19.69 30.15
CA MET A 519 -26.87 19.29 29.95
C MET A 519 -26.12 19.21 31.27
N GLN A 520 -26.43 20.12 32.20
CA GLN A 520 -25.74 20.09 33.48
C GLN A 520 -26.12 18.86 34.28
N VAL A 521 -27.40 18.52 34.29
CA VAL A 521 -27.84 17.30 34.98
C VAL A 521 -27.18 16.07 34.35
N ALA A 522 -27.14 16.03 33.02
CA ALA A 522 -26.52 14.91 32.34
C ALA A 522 -25.05 14.77 32.72
N LEU A 523 -24.32 15.88 32.71
CA LEU A 523 -22.91 15.82 33.07
C LEU A 523 -22.72 15.42 34.52
N ASN A 524 -23.62 15.85 35.42
CA ASN A 524 -23.52 15.43 36.81
C ASN A 524 -23.66 13.91 36.93
N GLN A 525 -24.69 13.36 36.30
CA GLN A 525 -24.84 11.91 36.34
C GLN A 525 -23.65 11.21 35.69
N ALA A 526 -23.08 11.81 34.66
CA ALA A 526 -21.91 11.22 34.02
C ALA A 526 -20.74 11.15 34.99
N LYS A 527 -20.50 12.25 35.71
CA LYS A 527 -19.45 12.23 36.71
C LYS A 527 -19.69 11.14 37.74
N GLY A 528 -20.94 10.98 38.17
CA GLY A 528 -21.26 9.94 39.13
C GLY A 528 -20.93 8.55 38.63
N ALA A 529 -21.43 8.21 37.45
CA ALA A 529 -21.23 6.87 36.91
C ALA A 529 -19.76 6.61 36.61
N ARG A 530 -19.06 7.61 36.09
CA ARG A 530 -17.65 7.43 35.79
C ARG A 530 -16.82 7.27 37.07
N LEU A 531 -17.19 7.98 38.13
CA LEU A 531 -16.56 7.72 39.41
C LEU A 531 -16.81 6.30 39.88
N HIS A 532 -18.02 5.78 39.65
CA HIS A 532 -18.30 4.40 40.02
C HIS A 532 -17.38 3.44 39.27
N ILE A 533 -17.28 3.62 37.94
CA ILE A 533 -16.41 2.76 37.14
C ILE A 533 -14.98 2.82 37.65
N LEU A 534 -14.44 4.03 37.78
CA LEU A 534 -13.09 4.17 38.32
C LEU A 534 -12.96 3.52 39.68
N GLY A 535 -14.02 3.50 40.47
CA GLY A 535 -13.97 2.80 41.75
C GLY A 535 -13.73 1.32 41.57
N VAL A 536 -14.57 0.69 40.74
CA VAL A 536 -14.38 -0.75 40.49
C VAL A 536 -13.08 -0.99 39.75
N MET A 537 -12.86 -0.26 38.65
CA MET A 537 -11.66 -0.42 37.84
C MET A 537 -10.38 -0.30 38.65
N GLU A 538 -10.42 0.43 39.77
CA GLU A 538 -9.21 0.61 40.58
C GLU A 538 -8.83 -0.67 41.31
N GLN A 539 -9.81 -1.53 41.61
CA GLN A 539 -9.54 -2.75 42.35
C GLN A 539 -8.54 -3.64 41.61
N ALA A 540 -8.70 -3.77 40.29
CA ALA A 540 -7.85 -4.70 39.54
C ALA A 540 -6.40 -4.24 39.53
N ILE A 541 -6.15 -3.00 39.15
CA ILE A 541 -4.81 -2.43 39.14
C ILE A 541 -4.83 -1.13 39.93
N ASN A 542 -3.86 -0.96 40.81
CA ASN A 542 -3.89 0.15 41.75
C ASN A 542 -3.16 1.38 41.20
N ALA A 543 -2.03 1.17 40.55
CA ALA A 543 -1.19 2.24 40.05
C ALA A 543 -0.27 1.68 38.98
N PRO A 544 0.23 2.52 38.07
CA PRO A 544 1.10 2.01 37.01
C PRO A 544 2.25 1.18 37.56
N ARG A 545 2.45 0.01 36.97
CA ARG A 545 3.46 -0.92 37.42
C ARG A 545 4.81 -0.22 37.53
N GLY A 546 5.54 -0.54 38.62
CA GLY A 546 6.78 0.15 38.88
C GLY A 546 7.87 -0.11 37.87
N ASP A 547 7.80 -1.24 37.17
CA ASP A 547 8.86 -1.64 36.26
C ASP A 547 8.27 -2.03 34.91
N ILE A 548 8.98 -1.66 33.84
CA ILE A 548 8.51 -1.96 32.50
C ILE A 548 8.47 -3.48 32.29
N SER A 549 7.67 -3.91 31.32
CA SER A 549 7.60 -5.32 31.00
C SER A 549 8.94 -5.84 30.50
N GLU A 550 9.27 -7.07 30.88
CA GLU A 550 10.59 -7.63 30.59
C GLU A 550 10.90 -7.70 29.10
N PHE A 551 9.91 -7.50 28.23
CA PHE A 551 10.13 -7.56 26.79
C PHE A 551 10.20 -6.19 26.15
N ALA A 552 10.21 -5.16 26.90
CA ALA A 552 10.15 -3.89 26.21
C ALA A 552 11.55 -3.31 25.99
N PRO A 553 11.71 -2.52 24.93
CA PRO A 553 13.00 -1.85 24.70
C PRO A 553 13.32 -0.90 25.85
N ARG A 554 14.61 -0.82 26.18
CA ARG A 554 15.04 0.02 27.29
C ARG A 554 16.44 0.52 27.01
N ILE A 555 16.92 1.40 27.88
CA ILE A 555 18.28 1.90 27.85
C ILE A 555 18.93 1.57 29.19
N HIS A 556 20.06 0.88 29.14
CA HIS A 556 20.81 0.50 30.32
C HIS A 556 22.08 1.34 30.39
N THR A 557 22.29 2.02 31.50
CA THR A 557 23.43 2.91 31.69
C THR A 557 24.33 2.37 32.78
N ILE A 558 25.63 2.32 32.50
CA ILE A 558 26.65 1.93 33.48
C ILE A 558 27.83 2.86 33.31
N LYS A 559 28.49 3.19 34.42
CA LYS A 559 29.62 4.10 34.44
C LYS A 559 30.90 3.34 34.73
N ILE A 560 31.81 3.32 33.75
CA ILE A 560 33.12 2.70 33.91
C ILE A 560 34.16 3.80 33.79
N ASN A 561 35.37 3.51 34.29
CA ASN A 561 36.44 4.50 34.29
C ASN A 561 36.70 5.02 32.88
N PRO A 562 36.79 6.33 32.69
CA PRO A 562 36.92 6.88 31.33
C PRO A 562 38.21 6.50 30.63
N ASP A 563 39.30 6.22 31.37
CA ASP A 563 40.59 6.00 30.74
C ASP A 563 40.72 4.61 30.17
N LYS A 564 39.99 3.64 30.71
CA LYS A 564 40.16 2.24 30.32
C LYS A 564 39.31 1.85 29.12
N ILE A 565 38.71 2.81 28.42
CA ILE A 565 37.86 2.48 27.29
C ILE A 565 38.70 1.91 26.14
N LYS A 566 39.83 2.55 25.83
CA LYS A 566 40.60 2.18 24.65
C LYS A 566 41.14 0.76 24.73
N ASP A 567 41.20 0.17 25.93
CA ASP A 567 41.59 -1.22 26.05
C ASP A 567 40.56 -2.15 25.42
N VAL A 568 39.28 -1.84 25.60
CA VAL A 568 38.21 -2.71 25.11
C VAL A 568 37.68 -2.28 23.74
N ILE A 569 37.78 -0.99 23.39
CA ILE A 569 37.31 -0.56 22.07
C ILE A 569 38.12 -1.24 20.98
N GLY A 570 39.44 -1.14 21.06
CA GLY A 570 40.31 -1.78 20.09
C GLY A 570 40.58 -0.91 18.87
N LYS A 571 41.48 -1.38 18.04
CA LYS A 571 41.85 -0.65 16.84
C LYS A 571 40.71 -0.69 15.81
N GLY A 572 40.25 0.49 15.40
CA GLY A 572 39.18 0.60 14.42
C GLY A 572 37.83 0.13 14.91
N GLY A 573 37.72 -0.14 16.21
CA GLY A 573 36.45 -0.53 16.78
C GLY A 573 36.01 -1.94 16.46
N SER A 574 36.94 -2.85 16.19
CA SER A 574 36.58 -4.21 15.83
C SER A 574 35.94 -4.94 17.00
N VAL A 575 36.48 -4.75 18.21
CA VAL A 575 35.99 -5.47 19.37
C VAL A 575 34.53 -5.09 19.65
N ILE A 576 34.23 -3.80 19.62
CA ILE A 576 32.88 -3.35 19.95
C ILE A 576 31.89 -3.82 18.89
N ARG A 577 32.25 -3.74 17.60
CA ARG A 577 31.31 -4.16 16.58
C ARG A 577 31.08 -5.67 16.64
N ALA A 578 32.14 -6.43 16.90
CA ALA A 578 31.98 -7.87 17.07
C ALA A 578 31.07 -8.18 18.26
N LEU A 579 31.27 -7.47 19.37
CA LEU A 579 30.44 -7.71 20.55
C LEU A 579 28.98 -7.36 20.26
N THR A 580 28.75 -6.27 19.53
CA THR A 580 27.38 -5.86 19.23
C THR A 580 26.69 -6.89 18.34
N GLU A 581 27.35 -7.32 17.26
CA GLU A 581 26.74 -8.34 16.42
C GLU A 581 26.62 -9.67 17.16
N GLU A 582 27.40 -9.86 18.23
CA GLU A 582 27.27 -11.06 19.04
C GLU A 582 26.02 -10.99 19.92
N THR A 583 25.78 -9.84 20.54
CA THR A 583 24.66 -9.69 21.47
C THR A 583 23.43 -9.07 20.81
N GLY A 584 23.54 -8.58 19.59
CA GLY A 584 22.38 -8.02 18.90
C GLY A 584 21.83 -6.75 19.51
N THR A 585 22.67 -5.97 20.17
CA THR A 585 22.27 -4.71 20.77
C THR A 585 23.16 -3.60 20.23
N THR A 586 22.94 -2.39 20.74
CA THR A 586 23.71 -1.21 20.35
C THR A 586 24.31 -0.59 21.60
N ILE A 587 25.63 -0.67 21.72
CA ILE A 587 26.34 -0.10 22.85
C ILE A 587 26.83 1.30 22.47
N GLU A 588 26.71 2.23 23.41
CA GLU A 588 27.13 3.60 23.20
C GLU A 588 28.10 3.99 24.30
N ILE A 589 29.23 4.57 23.89
CA ILE A 589 30.28 4.94 24.82
C ILE A 589 30.70 6.38 24.53
N GLU A 590 30.88 7.16 25.58
CA GLU A 590 31.25 8.56 25.49
C GLU A 590 32.65 8.74 26.06
N ASP A 591 33.27 9.89 25.75
CA ASP A 591 34.64 10.14 26.17
C ASP A 591 34.81 10.07 27.69
N ASP A 592 33.76 10.36 28.45
CA ASP A 592 33.82 10.28 29.90
C ASP A 592 33.65 8.85 30.41
N GLY A 593 33.54 7.87 29.51
CA GLY A 593 33.48 6.48 29.90
C GLY A 593 32.12 5.97 30.30
N THR A 594 31.05 6.74 30.13
CA THR A 594 29.72 6.25 30.42
C THR A 594 29.28 5.26 29.34
N VAL A 595 28.99 4.04 29.74
CA VAL A 595 28.63 2.96 28.82
C VAL A 595 27.11 2.91 28.75
N LYS A 596 26.57 3.18 27.58
CA LYS A 596 25.14 3.21 27.35
C LYS A 596 24.75 2.04 26.46
N ILE A 597 23.98 1.12 27.00
CA ILE A 597 23.56 -0.09 26.28
C ILE A 597 22.07 0.04 26.00
N ALA A 598 21.73 0.16 24.73
CA ALA A 598 20.35 0.15 24.28
C ALA A 598 20.03 -1.24 23.74
N ALA A 599 18.92 -1.81 24.19
CA ALA A 599 18.55 -3.17 23.82
C ALA A 599 17.06 -3.25 23.58
N THR A 600 16.66 -4.20 22.74
CA THR A 600 15.26 -4.43 22.44
C THR A 600 14.65 -5.51 23.32
N ASP A 601 15.37 -5.95 24.35
CA ASP A 601 14.88 -7.02 25.20
C ASP A 601 15.71 -7.05 26.48
N GLY A 602 15.07 -7.47 27.57
CA GLY A 602 15.79 -7.64 28.82
C GLY A 602 16.81 -8.75 28.76
N GLU A 603 16.52 -9.82 28.04
CA GLU A 603 17.47 -10.92 27.93
C GLU A 603 18.69 -10.52 27.14
N LYS A 604 18.50 -9.81 26.02
CA LYS A 604 19.64 -9.32 25.27
C LYS A 604 20.41 -8.29 26.08
N ALA A 605 19.70 -7.49 26.88
CA ALA A 605 20.38 -6.58 27.79
C ALA A 605 21.27 -7.34 28.77
N LYS A 606 20.76 -8.45 29.32
CA LYS A 606 21.55 -9.23 30.25
C LYS A 606 22.76 -9.85 29.57
N HIS A 607 22.57 -10.35 28.35
CA HIS A 607 23.68 -10.94 27.61
C HIS A 607 24.77 -9.90 27.35
N ALA A 608 24.37 -8.73 26.86
CA ALA A 608 25.33 -7.67 26.60
C ALA A 608 26.01 -7.21 27.89
N ILE A 609 25.26 -7.08 28.97
CA ILE A 609 25.85 -6.60 30.21
C ILE A 609 26.86 -7.60 30.75
N ARG A 610 26.58 -8.90 30.61
CA ARG A 610 27.53 -9.90 31.07
C ARG A 610 28.79 -9.88 30.21
N ARG A 611 28.62 -9.83 28.88
CA ARG A 611 29.80 -9.77 28.02
C ARG A 611 30.61 -8.51 28.31
N ILE A 612 29.95 -7.44 28.73
CA ILE A 612 30.66 -6.22 29.14
C ILE A 612 31.43 -6.46 30.44
N GLU A 613 30.82 -7.16 31.40
CA GLU A 613 31.55 -7.42 32.64
C GLU A 613 32.78 -8.27 32.40
N GLU A 614 32.70 -9.22 31.47
CA GLU A 614 33.83 -10.13 31.26
C GLU A 614 35.09 -9.38 30.85
N ILE A 615 35.01 -8.49 29.88
CA ILE A 615 36.19 -7.78 29.37
C ILE A 615 36.19 -6.31 29.73
N THR A 616 35.11 -5.60 29.39
CA THR A 616 35.06 -4.14 29.53
C THR A 616 35.16 -3.68 30.98
N ALA A 617 34.79 -4.53 31.94
CA ALA A 617 34.81 -4.11 33.33
C ALA A 617 36.24 -3.81 33.77
N GLU A 618 36.38 -2.85 34.68
CA GLU A 618 37.70 -2.52 35.22
C GLU A 618 38.30 -3.74 35.90
N ILE A 619 39.62 -3.89 35.77
CA ILE A 619 40.29 -5.08 36.28
C ILE A 619 40.06 -5.16 37.79
N GLU A 620 39.55 -6.30 38.23
CA GLU A 620 39.17 -6.51 39.62
C GLU A 620 40.04 -7.60 40.23
N VAL A 621 40.52 -7.35 41.44
CA VAL A 621 41.35 -8.34 42.14
C VAL A 621 40.49 -9.54 42.50
N GLY A 622 41.08 -10.72 42.45
CA GLY A 622 40.36 -11.95 42.67
C GLY A 622 39.59 -12.47 41.49
N ARG A 623 39.66 -11.80 40.34
CA ARG A 623 39.00 -12.26 39.13
C ARG A 623 39.94 -13.21 38.41
N VAL A 624 39.44 -14.38 38.03
CA VAL A 624 40.26 -15.43 37.47
C VAL A 624 40.40 -15.24 35.97
N TYR A 625 41.62 -15.38 35.46
CA TYR A 625 41.91 -15.22 34.04
C TYR A 625 42.14 -16.58 33.40
N THR A 626 41.48 -16.83 32.27
CA THR A 626 41.64 -18.08 31.55
C THR A 626 42.87 -17.98 30.66
N GLY A 627 43.92 -18.71 31.01
CA GLY A 627 45.13 -18.72 30.20
C GLY A 627 45.41 -20.06 29.56
N LYS A 628 45.41 -20.10 28.23
CA LYS A 628 45.62 -21.33 27.48
C LYS A 628 46.79 -21.15 26.52
N VAL A 629 47.78 -22.02 26.63
CA VAL A 629 48.90 -22.02 25.70
C VAL A 629 48.45 -22.63 24.38
N THR A 630 48.89 -22.03 23.27
CA THR A 630 48.54 -22.49 21.94
C THR A 630 49.61 -23.37 21.30
N ARG A 631 50.86 -23.26 21.72
CA ARG A 631 51.95 -24.01 21.13
C ARG A 631 53.05 -24.22 22.16
N ILE A 632 53.57 -25.44 22.21
CA ILE A 632 54.66 -25.81 23.10
C ILE A 632 55.98 -25.55 22.37
N VAL A 633 56.82 -24.70 22.95
CA VAL A 633 58.04 -24.24 22.31
C VAL A 633 59.20 -24.28 23.30
N ASP A 634 60.41 -24.14 22.76
CA ASP A 634 61.61 -24.24 23.58
C ASP A 634 61.81 -23.03 24.48
N PHE A 635 61.45 -21.83 24.01
CA PHE A 635 61.77 -20.61 24.75
C PHE A 635 60.80 -20.35 25.89
N GLY A 636 59.75 -21.15 26.05
CA GLY A 636 58.85 -20.99 27.17
C GLY A 636 57.40 -21.27 26.84
N ALA A 637 56.49 -20.51 27.44
CA ALA A 637 55.06 -20.68 27.23
C ALA A 637 54.50 -19.43 26.55
N PHE A 638 53.83 -19.63 25.41
CA PHE A 638 53.23 -18.54 24.65
C PHE A 638 51.75 -18.44 24.99
N VAL A 639 51.33 -17.27 25.48
CA VAL A 639 49.96 -17.05 25.92
C VAL A 639 49.25 -16.21 24.87
N ALA A 640 48.17 -16.76 24.32
CA ALA A 640 47.35 -16.09 23.32
C ALA A 640 45.94 -15.90 23.85
N ILE A 641 45.42 -14.68 23.76
CA ILE A 641 44.06 -14.38 24.20
C ILE A 641 43.36 -13.51 23.17
N GLY A 642 44.14 -12.85 22.32
CA GLY A 642 43.58 -12.08 21.23
C GLY A 642 43.36 -10.62 21.60
N GLY A 643 43.19 -9.79 20.58
CA GLY A 643 42.90 -8.39 20.80
C GLY A 643 44.10 -7.51 21.09
N GLY A 644 45.29 -7.94 20.67
CA GLY A 644 46.47 -7.13 20.88
C GLY A 644 47.03 -7.18 22.28
N LYS A 645 46.85 -8.30 22.98
CA LYS A 645 47.33 -8.47 24.34
C LYS A 645 48.44 -9.51 24.35
N GLU A 646 49.60 -9.11 24.88
CA GLU A 646 50.78 -9.97 24.92
C GLU A 646 51.43 -9.86 26.28
N GLY A 647 51.88 -10.99 26.83
CA GLY A 647 52.54 -11.01 28.10
C GLY A 647 53.84 -11.78 28.04
N LEU A 648 54.78 -11.36 28.88
CA LEU A 648 56.09 -11.99 28.99
C LEU A 648 56.20 -12.65 30.36
N VAL A 649 56.59 -13.92 30.37
CA VAL A 649 56.70 -14.69 31.61
C VAL A 649 58.17 -14.76 32.02
N HIS A 650 58.44 -14.45 33.27
CA HIS A 650 59.79 -14.57 33.82
C HIS A 650 60.06 -16.00 34.24
N ILE A 651 61.31 -16.44 34.04
CA ILE A 651 61.65 -17.81 34.36
C ILE A 651 61.97 -17.96 35.84
N SER A 652 62.49 -16.92 36.48
CA SER A 652 62.89 -16.98 37.88
C SER A 652 61.87 -16.34 38.82
N GLN A 653 60.73 -15.90 38.31
CA GLN A 653 59.69 -15.28 39.13
C GLN A 653 58.51 -16.22 39.37
N ILE A 654 58.75 -17.53 39.34
CA ILE A 654 57.67 -18.48 39.62
C ILE A 654 57.43 -18.58 41.12
N ALA A 655 58.50 -18.74 41.90
CA ALA A 655 58.39 -18.86 43.34
C ALA A 655 59.74 -18.48 43.95
N ASP A 656 59.82 -18.57 45.28
CA ASP A 656 61.07 -18.27 45.98
C ASP A 656 62.17 -19.28 45.65
N LYS A 657 61.81 -20.49 45.24
CA LYS A 657 62.77 -21.52 44.89
C LYS A 657 63.01 -21.53 43.39
N ARG A 658 64.23 -21.93 43.00
CA ARG A 658 64.60 -21.97 41.60
C ARG A 658 63.92 -23.16 40.90
N VAL A 659 63.04 -22.86 39.97
CA VAL A 659 62.37 -23.90 39.17
C VAL A 659 63.18 -24.14 37.91
N GLU A 660 63.18 -25.40 37.46
CA GLU A 660 63.94 -25.75 36.26
C GLU A 660 63.14 -25.47 35.00
N LYS A 661 61.86 -25.85 34.99
CA LYS A 661 60.98 -25.61 33.86
C LYS A 661 59.59 -25.31 34.38
N VAL A 662 58.96 -24.25 33.85
CA VAL A 662 57.61 -23.90 34.26
C VAL A 662 56.58 -24.88 33.73
N THR A 663 56.91 -25.61 32.66
CA THR A 663 55.98 -26.58 32.08
C THR A 663 55.86 -27.85 32.92
N ASP A 664 56.79 -28.07 33.85
CA ASP A 664 56.74 -29.27 34.68
C ASP A 664 55.70 -29.19 35.79
N TYR A 665 55.32 -27.97 36.19
CA TYR A 665 54.30 -27.78 37.20
C TYR A 665 52.95 -27.33 36.63
N LEU A 666 52.94 -26.73 35.45
CA LEU A 666 51.72 -26.31 34.78
C LEU A 666 51.46 -27.22 33.59
N GLN A 667 50.23 -27.70 33.46
CA GLN A 667 49.87 -28.66 32.43
C GLN A 667 48.91 -28.01 31.44
N MET A 668 48.94 -28.52 30.20
CA MET A 668 48.10 -27.97 29.15
C MET A 668 46.64 -28.21 29.45
N GLY A 669 45.81 -27.20 29.19
CA GLY A 669 44.39 -27.29 29.44
C GLY A 669 43.97 -26.95 30.85
N GLN A 670 44.91 -26.84 31.79
CA GLN A 670 44.60 -26.50 33.16
C GLN A 670 44.54 -24.99 33.32
N GLU A 671 43.55 -24.53 34.08
CA GLU A 671 43.41 -23.10 34.34
C GLU A 671 44.41 -22.68 35.41
N VAL A 672 45.13 -21.60 35.14
CA VAL A 672 46.15 -21.08 36.06
C VAL A 672 45.66 -19.73 36.58
N PRO A 673 45.67 -19.50 37.90
CA PRO A 673 45.25 -18.20 38.44
C PRO A 673 46.39 -17.20 38.37
N VAL A 674 46.19 -16.13 37.62
CA VAL A 674 47.20 -15.07 37.47
C VAL A 674 46.50 -13.73 37.67
N LYS A 675 46.98 -12.94 38.62
CA LYS A 675 46.38 -11.66 38.97
C LYS A 675 47.18 -10.51 38.37
N VAL A 676 46.47 -9.43 38.07
CA VAL A 676 47.08 -8.19 37.59
C VAL A 676 47.37 -7.32 38.82
N LEU A 677 48.65 -7.13 39.13
CA LEU A 677 49.05 -6.33 40.26
C LEU A 677 49.48 -4.92 39.87
N GLU A 678 49.75 -4.68 38.58
CA GLU A 678 50.16 -3.37 38.12
C GLU A 678 49.99 -3.31 36.60
N VAL A 679 49.88 -2.10 36.07
CA VAL A 679 49.78 -1.87 34.64
C VAL A 679 50.87 -0.88 34.22
N ASP A 680 51.57 -1.20 33.15
CA ASP A 680 52.57 -0.31 32.60
C ASP A 680 51.93 0.74 31.70
N ARG A 681 52.76 1.70 31.26
CA ARG A 681 52.28 2.73 30.36
C ARG A 681 52.08 2.22 28.94
N GLN A 682 52.76 1.14 28.56
CA GLN A 682 52.71 0.62 27.21
C GLN A 682 51.70 -0.49 27.02
N GLY A 683 51.31 -1.18 28.09
CA GLY A 683 50.35 -2.27 27.99
C GLY A 683 50.98 -3.64 28.18
N ARG A 684 52.13 -3.67 28.84
CA ARG A 684 52.79 -4.94 29.17
C ARG A 684 52.16 -5.49 30.45
N ILE A 685 51.59 -6.69 30.35
CA ILE A 685 50.94 -7.34 31.48
C ILE A 685 51.96 -8.23 32.20
N ARG A 686 51.95 -8.15 33.53
CA ARG A 686 52.84 -8.96 34.36
C ARG A 686 52.02 -10.01 35.08
N LEU A 687 52.46 -11.26 35.00
CA LEU A 687 51.78 -12.36 35.67
C LEU A 687 52.37 -12.57 37.05
N SER A 688 51.49 -12.82 38.02
CA SER A 688 51.89 -12.98 39.42
C SER A 688 51.38 -14.33 39.90
N ILE A 689 52.30 -15.28 40.11
CA ILE A 689 51.94 -16.64 40.47
C ILE A 689 52.38 -17.00 41.89
N LYS A 690 53.50 -16.43 42.38
CA LYS A 690 54.00 -16.81 43.69
C LYS A 690 53.01 -16.47 44.80
N GLU A 691 52.48 -15.25 44.81
CA GLU A 691 51.52 -14.88 45.83
C GLU A 691 50.12 -15.42 45.56
N ALA A 692 49.85 -15.84 44.32
CA ALA A 692 48.54 -16.37 43.99
C ALA A 692 48.40 -17.83 44.38
N THR A 693 49.45 -18.63 44.20
CA THR A 693 49.31 -20.07 44.39
C THR A 693 49.50 -20.48 45.84
N GLU A 694 50.64 -20.14 46.45
CA GLU A 694 50.94 -20.64 47.79
C GLU A 694 50.11 -19.91 48.85
N GLN A 695 50.17 -18.58 48.87
CA GLN A 695 49.42 -17.80 49.83
C GLN A 695 48.67 -16.66 49.15
N MET B 1 -19.39 -11.29 36.73
CA MET B 1 -18.20 -12.10 36.94
C MET B 1 -18.25 -13.36 36.07
N LEU B 2 -18.11 -13.16 34.76
CA LEU B 2 -18.11 -14.29 33.84
C LEU B 2 -16.89 -15.17 34.08
N ASN B 3 -17.03 -16.45 33.72
CA ASN B 3 -16.05 -17.47 34.09
C ASN B 3 -15.60 -18.21 32.83
N PRO B 4 -14.31 -18.23 32.53
CA PRO B 4 -13.83 -18.99 31.36
C PRO B 4 -13.73 -20.48 31.66
N ILE B 5 -13.71 -21.26 30.60
CA ILE B 5 -13.52 -22.70 30.67
C ILE B 5 -12.18 -23.02 30.04
N VAL B 6 -11.26 -23.55 30.84
CA VAL B 6 -9.88 -23.76 30.41
C VAL B 6 -9.56 -25.24 30.50
N ARG B 7 -9.00 -25.79 29.43
CA ARG B 7 -8.49 -27.15 29.42
C ARG B 7 -7.14 -27.13 28.73
N LYS B 8 -6.11 -27.62 29.41
CA LYS B 8 -4.74 -27.56 28.92
C LYS B 8 -4.15 -28.95 28.90
N PHE B 9 -3.34 -29.24 27.88
CA PHE B 9 -2.77 -30.56 27.70
C PHE B 9 -1.35 -30.46 27.17
N GLN B 10 -0.58 -31.51 27.41
CA GLN B 10 0.75 -31.61 26.82
C GLN B 10 0.65 -32.08 25.38
N TYR B 11 1.42 -31.42 24.51
CA TYR B 11 1.42 -31.72 23.08
C TYR B 11 2.85 -31.57 22.58
N GLY B 12 3.63 -32.62 22.72
CA GLY B 12 5.06 -32.49 22.53
C GLY B 12 5.69 -31.82 23.74
N GLN B 13 6.82 -31.16 23.52
CA GLN B 13 7.43 -30.41 24.59
C GLN B 13 6.57 -29.22 25.01
N HIS B 14 5.95 -28.55 24.05
CA HIS B 14 5.11 -27.40 24.36
C HIS B 14 3.83 -27.84 25.05
N THR B 15 3.26 -26.93 25.84
CA THR B 15 1.96 -27.14 26.45
C THR B 15 0.93 -26.23 25.80
N VAL B 16 -0.25 -26.77 25.53
CA VAL B 16 -1.31 -26.07 24.81
C VAL B 16 -2.43 -25.75 25.80
N THR B 17 -3.00 -24.55 25.68
CA THR B 17 -3.98 -24.04 26.65
C THR B 17 -5.21 -23.54 25.92
N LEU B 18 -6.08 -24.47 25.52
CA LEU B 18 -7.39 -24.07 25.00
C LEU B 18 -8.17 -23.35 26.09
N GLU B 19 -8.99 -22.38 25.66
CA GLU B 19 -9.73 -21.56 26.62
C GLU B 19 -10.86 -20.85 25.89
N THR B 20 -12.08 -20.99 26.40
CA THR B 20 -13.25 -20.45 25.76
C THR B 20 -14.19 -19.88 26.82
N GLY B 21 -15.23 -19.21 26.35
CA GLY B 21 -16.28 -18.70 27.21
C GLY B 21 -16.04 -17.33 27.79
N MET B 22 -14.83 -16.80 27.73
CA MET B 22 -14.54 -15.52 28.33
C MET B 22 -14.73 -14.36 27.37
N MET B 23 -14.26 -14.49 26.13
CA MET B 23 -14.26 -13.37 25.21
C MET B 23 -15.00 -13.72 23.92
N ALA B 24 -15.59 -12.68 23.32
CA ALA B 24 -16.33 -12.78 22.07
C ALA B 24 -17.62 -13.59 22.19
N ARG B 25 -18.37 -13.38 23.28
CA ARG B 25 -19.57 -14.17 23.52
C ARG B 25 -20.58 -14.07 22.38
N GLN B 26 -20.63 -12.94 21.69
CA GLN B 26 -21.67 -12.76 20.68
C GLN B 26 -21.35 -13.49 19.38
N ALA B 27 -20.09 -13.76 19.09
CA ALA B 27 -19.78 -14.65 17.99
C ALA B 27 -20.34 -16.03 18.29
N THR B 28 -20.52 -16.83 17.23
CA THR B 28 -21.14 -18.14 17.42
C THR B 28 -20.31 -19.00 18.37
N ALA B 29 -18.98 -18.90 18.27
CA ALA B 29 -18.07 -19.55 19.21
C ALA B 29 -16.67 -19.00 19.02
N ALA B 30 -15.96 -18.78 20.11
CA ALA B 30 -14.61 -18.24 20.03
C ALA B 30 -13.73 -18.96 21.03
N VAL B 31 -12.48 -19.21 20.64
CA VAL B 31 -11.57 -20.02 21.43
C VAL B 31 -10.20 -19.37 21.37
N MET B 32 -9.64 -19.04 22.51
CA MET B 32 -8.29 -18.52 22.59
C MET B 32 -7.35 -19.68 22.90
N VAL B 33 -6.62 -20.12 21.90
CA VAL B 33 -5.68 -21.24 22.04
C VAL B 33 -4.28 -20.67 22.10
N SER B 34 -3.55 -21.03 23.15
CA SER B 34 -2.19 -20.58 23.33
C SER B 34 -1.29 -21.79 23.54
N MET B 35 -0.21 -21.87 22.76
CA MET B 35 0.77 -22.93 22.90
C MET B 35 2.11 -22.30 23.23
N ASP B 36 2.58 -22.53 24.46
CA ASP B 36 3.93 -22.12 24.87
C ASP B 36 4.17 -20.63 24.64
N ASP B 37 3.26 -19.81 25.13
CA ASP B 37 3.31 -18.34 25.11
C ASP B 37 3.00 -17.76 23.74
N THR B 38 2.59 -18.57 22.77
CA THR B 38 2.08 -18.08 21.50
C THR B 38 0.58 -18.32 21.47
N ALA B 39 -0.20 -17.27 21.31
CA ALA B 39 -1.64 -17.32 21.45
C ALA B 39 -2.30 -16.81 20.19
N VAL B 40 -3.26 -17.57 19.67
CA VAL B 40 -4.04 -17.17 18.51
C VAL B 40 -5.51 -17.22 18.89
N PHE B 41 -6.19 -16.11 18.74
CA PHE B 41 -7.58 -15.98 19.16
C PHE B 41 -8.47 -16.21 17.95
N VAL B 42 -9.14 -17.36 17.92
CA VAL B 42 -9.90 -17.81 16.76
C VAL B 42 -11.38 -17.70 17.07
N THR B 43 -12.15 -17.14 16.14
CA THR B 43 -13.59 -16.99 16.30
C THR B 43 -14.29 -17.33 15.00
N VAL B 44 -15.47 -17.93 15.12
CA VAL B 44 -16.24 -18.40 13.98
C VAL B 44 -17.68 -17.94 14.11
N VAL B 45 -18.19 -17.28 13.08
CA VAL B 45 -19.56 -16.79 13.05
C VAL B 45 -20.28 -17.47 11.91
N GLY B 46 -21.36 -18.18 12.22
CA GLY B 46 -22.10 -18.87 11.19
C GLY B 46 -23.54 -18.42 11.13
N GLN B 47 -23.96 -17.86 10.00
CA GLN B 47 -25.33 -17.41 9.86
C GLN B 47 -26.28 -18.59 9.95
N LYS B 48 -27.55 -18.28 10.21
CA LYS B 48 -28.55 -19.32 10.44
C LYS B 48 -29.48 -19.54 9.27
N LYS B 49 -29.69 -18.53 8.44
CA LYS B 49 -30.62 -18.62 7.31
C LYS B 49 -29.80 -18.60 6.03
N ALA B 50 -29.83 -19.71 5.30
CA ALA B 50 -29.15 -19.77 4.01
C ALA B 50 -29.69 -18.69 3.08
N LYS B 51 -28.80 -18.04 2.35
CA LYS B 51 -29.24 -17.05 1.39
C LYS B 51 -30.08 -17.73 0.31
N PRO B 52 -31.12 -17.09 -0.20
CA PRO B 52 -32.01 -17.75 -1.15
C PRO B 52 -31.27 -18.10 -2.44
N GLY B 53 -31.45 -19.32 -2.90
CA GLY B 53 -30.82 -19.77 -4.13
C GLY B 53 -29.31 -19.77 -4.09
N GLN B 54 -28.72 -20.07 -2.94
CA GLN B 54 -27.29 -20.22 -2.86
C GLN B 54 -26.87 -21.58 -3.38
N ASP B 55 -25.77 -21.60 -4.15
CA ASP B 55 -25.32 -22.82 -4.80
C ASP B 55 -23.95 -23.30 -4.37
N PHE B 56 -23.08 -22.41 -3.88
CA PHE B 56 -21.75 -22.79 -3.46
C PHE B 56 -21.53 -22.39 -2.01
N PHE B 57 -20.77 -23.19 -1.30
CA PHE B 57 -20.48 -22.94 0.11
C PHE B 57 -19.61 -21.69 0.25
N PRO B 58 -20.09 -20.65 0.91
CA PRO B 58 -19.30 -19.41 1.00
C PRO B 58 -18.48 -19.29 2.28
N LEU B 59 -17.66 -20.27 2.59
CA LEU B 59 -16.82 -20.19 3.78
C LEU B 59 -15.57 -19.39 3.46
N THR B 60 -15.26 -18.40 4.30
CA THR B 60 -14.10 -17.54 4.10
C THR B 60 -13.31 -17.51 5.40
N VAL B 61 -12.09 -18.01 5.37
CA VAL B 61 -11.22 -18.05 6.53
C VAL B 61 -10.23 -16.90 6.43
N ASN B 62 -10.28 -15.98 7.38
CA ASN B 62 -9.32 -14.89 7.44
C ASN B 62 -8.21 -15.25 8.43
N TYR B 63 -7.13 -14.48 8.41
CA TYR B 63 -6.04 -14.69 9.36
C TYR B 63 -5.20 -13.43 9.43
N GLN B 64 -5.09 -12.84 10.62
CA GLN B 64 -4.43 -11.56 10.79
C GLN B 64 -3.32 -11.71 11.81
N GLU B 65 -2.12 -11.34 11.42
CA GLU B 65 -0.97 -11.31 12.33
C GLU B 65 -0.83 -9.86 12.80
N ARG B 66 -1.17 -9.61 14.04
CA ARG B 66 -1.10 -8.27 14.60
C ARG B 66 0.33 -8.04 15.07
N THR B 67 0.97 -7.00 14.55
CA THR B 67 2.38 -6.79 14.86
C THR B 67 2.60 -6.35 16.28
N TYR B 68 1.56 -6.15 17.08
CA TYR B 68 1.77 -5.93 18.50
C TYR B 68 1.96 -7.22 19.26
N ALA B 69 1.79 -8.37 18.60
CA ALA B 69 2.05 -9.64 19.24
C ALA B 69 3.53 -9.78 19.57
N ALA B 70 4.39 -9.42 18.62
CA ALA B 70 5.81 -9.51 18.88
C ALA B 70 6.32 -8.36 19.72
N GLY B 71 5.53 -7.31 19.89
CA GLY B 71 5.97 -6.15 20.63
C GLY B 71 6.70 -5.17 19.75
N ARG B 72 6.08 -4.81 18.62
CA ARG B 72 6.72 -3.92 17.67
C ARG B 72 5.65 -3.11 16.95
N ILE B 73 5.84 -1.79 16.92
CA ILE B 73 4.98 -0.93 16.12
C ILE B 73 5.19 -1.23 14.64
N PRO B 74 4.15 -1.29 13.82
CA PRO B 74 4.32 -1.73 12.43
C PRO B 74 5.28 -0.85 11.67
N GLY B 75 5.95 -1.46 10.68
CA GLY B 75 6.89 -0.71 9.86
C GLY B 75 6.22 0.24 8.90
N SER B 76 4.98 -0.05 8.52
CA SER B 76 4.33 0.70 7.46
C SER B 76 4.27 2.18 7.79
N PHE B 77 4.22 3.00 6.74
CA PHE B 77 4.23 4.45 6.95
C PHE B 77 3.08 4.90 7.83
N PHE B 78 1.92 4.28 7.69
CA PHE B 78 0.78 4.63 8.52
C PHE B 78 0.86 4.03 9.91
N ARG B 79 1.89 3.24 10.19
CA ARG B 79 2.08 2.60 11.49
C ARG B 79 0.87 1.74 11.85
N ARG B 80 0.22 1.16 10.86
CA ARG B 80 -0.95 0.33 11.09
C ARG B 80 -0.84 -0.93 10.25
N GLU B 81 -1.41 -2.02 10.76
CA GLU B 81 -1.37 -3.28 10.05
C GLU B 81 -2.17 -3.16 8.75
N GLY B 82 -1.51 -3.50 7.64
CA GLY B 82 -2.09 -3.31 6.33
C GLY B 82 -2.89 -4.50 5.87
N ARG B 83 -3.06 -4.58 4.55
CA ARG B 83 -3.72 -5.72 3.94
C ARG B 83 -2.90 -6.99 4.19
N PRO B 84 -3.56 -8.15 4.14
CA PRO B 84 -2.85 -9.41 4.40
C PRO B 84 -1.59 -9.60 3.56
N SER B 85 -0.48 -9.85 4.22
CA SER B 85 0.76 -10.15 3.53
C SER B 85 0.71 -11.57 2.96
N GLU B 86 1.77 -11.92 2.22
CA GLU B 86 1.80 -13.23 1.58
C GLU B 86 1.79 -14.35 2.60
N GLY B 87 2.54 -14.18 3.69
CA GLY B 87 2.54 -15.22 4.72
C GLY B 87 1.17 -15.42 5.34
N GLU B 88 0.47 -14.33 5.61
CA GLU B 88 -0.86 -14.44 6.20
C GLU B 88 -1.84 -15.11 5.25
N THR B 89 -1.79 -14.77 3.96
CA THR B 89 -2.66 -15.45 3.01
C THR B 89 -2.33 -16.92 2.91
N LEU B 90 -1.05 -17.26 2.91
CA LEU B 90 -0.66 -18.67 2.86
C LEU B 90 -1.20 -19.42 4.07
N ILE B 91 -1.05 -18.86 5.26
CA ILE B 91 -1.56 -19.53 6.45
C ILE B 91 -3.09 -19.56 6.47
N ALA B 92 -3.74 -18.59 5.83
CA ALA B 92 -5.19 -18.65 5.71
C ALA B 92 -5.61 -19.83 4.86
N ARG B 93 -4.95 -20.01 3.71
CA ARG B 93 -5.22 -21.20 2.90
C ARG B 93 -4.90 -22.47 3.65
N LEU B 94 -3.84 -22.44 4.45
CA LEU B 94 -3.48 -23.59 5.30
C LEU B 94 -4.64 -23.96 6.21
N ILE B 95 -5.23 -22.97 6.88
CA ILE B 95 -6.39 -23.23 7.72
C ILE B 95 -7.59 -23.68 6.90
N ASP B 96 -7.71 -23.17 5.67
CA ASP B 96 -8.93 -23.33 4.90
C ASP B 96 -9.03 -24.72 4.29
N ARG B 97 -7.94 -25.23 3.73
CA ARG B 97 -7.99 -26.47 2.96
C ARG B 97 -8.49 -27.68 3.75
N PRO B 98 -8.15 -27.84 5.02
CA PRO B 98 -8.68 -29.02 5.74
C PRO B 98 -10.13 -28.92 6.12
N ILE B 99 -10.63 -27.74 6.46
CA ILE B 99 -11.96 -27.61 7.04
C ILE B 99 -13.04 -27.38 6.00
N ARG B 100 -12.70 -27.37 4.72
CA ARG B 100 -13.75 -27.21 3.73
C ARG B 100 -14.39 -28.55 3.37
N PRO B 101 -13.62 -29.60 3.06
CA PRO B 101 -14.26 -30.88 2.73
C PRO B 101 -14.97 -31.53 3.91
N LEU B 102 -14.96 -30.90 5.08
CA LEU B 102 -15.54 -31.52 6.26
C LEU B 102 -16.98 -31.11 6.51
N PHE B 103 -17.37 -29.92 6.06
CA PHE B 103 -18.77 -29.52 6.16
C PHE B 103 -19.60 -30.43 5.26
N PRO B 104 -20.77 -30.86 5.72
CA PRO B 104 -21.55 -31.83 4.96
C PRO B 104 -22.06 -31.23 3.65
N GLU B 105 -22.50 -32.11 2.76
CA GLU B 105 -22.87 -31.71 1.41
C GLU B 105 -24.20 -30.98 1.43
N GLY B 106 -24.29 -29.91 0.66
CA GLY B 106 -25.49 -29.09 0.63
C GLY B 106 -25.54 -28.00 1.66
N PHE B 107 -24.56 -27.93 2.56
CA PHE B 107 -24.49 -26.84 3.52
C PHE B 107 -24.06 -25.57 2.80
N VAL B 108 -24.81 -24.49 2.97
CA VAL B 108 -24.55 -23.28 2.20
C VAL B 108 -24.67 -22.04 3.05
N ASN B 109 -24.89 -22.20 4.36
CA ASN B 109 -24.91 -21.05 5.24
C ASN B 109 -23.51 -20.45 5.33
N GLU B 110 -23.44 -19.13 5.22
CA GLU B 110 -22.15 -18.46 5.28
C GLU B 110 -21.46 -18.73 6.61
N VAL B 111 -20.14 -18.89 6.56
CA VAL B 111 -19.32 -19.15 7.73
C VAL B 111 -18.04 -18.36 7.57
N GLN B 112 -17.54 -17.80 8.67
CA GLN B 112 -16.33 -16.99 8.63
C GLN B 112 -15.49 -17.27 9.86
N VAL B 113 -14.27 -17.72 9.65
CA VAL B 113 -13.35 -18.07 10.72
C VAL B 113 -12.25 -17.01 10.72
N ILE B 114 -12.30 -16.08 11.66
CA ILE B 114 -11.30 -15.02 11.77
C ILE B 114 -10.30 -15.42 12.83
N ALA B 115 -9.05 -15.61 12.45
CA ALA B 115 -7.99 -16.02 13.36
C ALA B 115 -7.02 -14.87 13.52
N THR B 116 -6.97 -14.29 14.71
CA THR B 116 -6.03 -13.22 15.03
C THR B 116 -4.89 -13.79 15.84
N VAL B 117 -3.71 -13.17 15.69
CA VAL B 117 -2.52 -13.60 16.41
C VAL B 117 -2.17 -12.48 17.37
N VAL B 118 -2.36 -12.72 18.67
CA VAL B 118 -2.24 -11.68 19.66
C VAL B 118 -0.94 -11.71 20.45
N SER B 119 -0.25 -12.85 20.48
CA SER B 119 1.02 -12.94 21.19
C SER B 119 1.81 -14.08 20.59
N VAL B 120 3.05 -13.83 20.20
CA VAL B 120 3.85 -14.81 19.46
C VAL B 120 5.20 -14.97 20.13
N ASN B 121 5.46 -16.16 20.64
CA ASN B 121 6.81 -16.53 21.03
C ASN B 121 7.62 -16.75 19.76
N PRO B 122 8.74 -16.05 19.57
CA PRO B 122 9.48 -16.17 18.31
C PRO B 122 9.94 -17.57 17.99
N GLN B 123 9.71 -18.56 18.85
CA GLN B 123 10.09 -19.93 18.53
C GLN B 123 8.92 -20.71 17.95
N VAL B 124 7.83 -20.85 18.70
CA VAL B 124 6.71 -21.68 18.24
C VAL B 124 5.93 -20.91 17.18
N ASN B 125 5.88 -21.47 15.98
CA ASN B 125 5.21 -20.82 14.87
C ASN B 125 3.72 -20.73 15.14
N PRO B 126 3.05 -19.63 14.76
CA PRO B 126 1.62 -19.51 15.08
C PRO B 126 0.71 -20.35 14.22
N ASP B 127 1.09 -20.70 12.99
CA ASP B 127 0.14 -21.33 12.07
C ASP B 127 -0.48 -22.60 12.64
N ILE B 128 0.33 -23.44 13.28
CA ILE B 128 -0.20 -24.65 13.90
C ILE B 128 -1.21 -24.30 14.99
N VAL B 129 -0.89 -23.29 15.79
CA VAL B 129 -1.80 -22.87 16.84
C VAL B 129 -3.12 -22.40 16.24
N ALA B 130 -3.05 -21.65 15.14
CA ALA B 130 -4.27 -21.16 14.53
C ALA B 130 -5.08 -22.29 13.91
N MET B 131 -4.41 -23.33 13.43
CA MET B 131 -5.14 -24.48 12.90
C MET B 131 -5.90 -25.19 14.02
N ILE B 132 -5.21 -25.46 15.14
CA ILE B 132 -5.89 -26.05 16.29
C ILE B 132 -7.03 -25.15 16.74
N GLY B 133 -6.84 -23.83 16.69
CA GLY B 133 -7.87 -22.92 17.15
C GLY B 133 -9.10 -22.95 16.26
N ALA B 134 -8.91 -22.95 14.95
CA ALA B 134 -10.05 -23.03 14.05
C ALA B 134 -10.78 -24.35 14.22
N SER B 135 -10.04 -25.43 14.42
CA SER B 135 -10.68 -26.72 14.65
C SER B 135 -11.53 -26.69 15.91
N ALA B 136 -10.96 -26.22 17.02
CA ALA B 136 -11.69 -26.19 18.28
C ALA B 136 -12.89 -25.27 18.19
N ALA B 137 -12.74 -24.11 17.56
CA ALA B 137 -13.85 -23.19 17.41
C ALA B 137 -14.98 -23.81 16.63
N LEU B 138 -14.69 -24.32 15.43
CA LEU B 138 -15.75 -24.90 14.61
C LEU B 138 -16.42 -26.07 15.33
N SER B 139 -15.64 -26.95 15.95
CA SER B 139 -16.26 -28.08 16.63
C SER B 139 -17.01 -27.65 17.88
N LEU B 140 -16.70 -26.48 18.44
CA LEU B 140 -17.42 -25.99 19.61
C LEU B 140 -18.69 -25.27 19.20
N SER B 141 -18.69 -24.62 18.04
CA SER B 141 -19.81 -23.77 17.64
C SER B 141 -21.09 -24.55 17.48
N GLY B 142 -21.02 -25.82 17.11
CA GLY B 142 -22.21 -26.57 16.80
C GLY B 142 -22.64 -26.48 15.37
N ILE B 143 -21.95 -25.69 14.55
CA ILE B 143 -22.17 -25.76 13.10
C ILE B 143 -21.95 -27.19 12.65
N PRO B 144 -22.77 -27.74 11.76
CA PRO B 144 -22.57 -29.14 11.37
C PRO B 144 -21.15 -29.36 10.85
N PHE B 145 -20.43 -30.22 11.56
CA PHE B 145 -19.00 -30.40 11.37
C PHE B 145 -18.68 -31.85 11.70
N ASN B 146 -17.96 -32.50 10.78
CA ASN B 146 -17.71 -33.95 10.97
C ASN B 146 -16.85 -34.15 12.21
N GLY B 147 -15.55 -33.88 12.13
CA GLY B 147 -14.68 -34.16 13.28
C GLY B 147 -13.74 -33.03 13.59
N PRO B 148 -13.30 -32.85 14.86
CA PRO B 148 -12.31 -31.84 15.17
C PRO B 148 -11.03 -32.27 14.45
N ILE B 149 -10.27 -31.30 13.91
CA ILE B 149 -9.06 -31.67 13.12
C ILE B 149 -7.81 -31.15 13.85
N GLY B 150 -6.81 -32.00 14.03
CA GLY B 150 -5.56 -31.58 14.70
C GLY B 150 -4.48 -31.28 13.69
N ALA B 151 -3.46 -30.51 14.09
CA ALA B 151 -2.42 -30.12 13.16
C ALA B 151 -1.06 -30.43 13.76
N ALA B 152 -0.14 -30.85 12.91
CA ALA B 152 1.22 -31.14 13.32
C ALA B 152 2.16 -30.64 12.25
N ARG B 153 3.43 -30.54 12.58
CA ARG B 153 4.44 -30.09 11.64
C ARG B 153 5.70 -30.91 11.85
N VAL B 154 5.70 -32.14 11.31
CA VAL B 154 6.83 -33.03 11.51
C VAL B 154 8.08 -32.43 10.90
N GLY B 155 9.21 -32.60 11.60
CA GLY B 155 10.51 -32.29 11.07
C GLY B 155 11.35 -33.55 10.99
N TYR B 156 12.53 -33.42 10.38
CA TYR B 156 13.40 -34.56 10.15
C TYR B 156 14.79 -34.18 10.62
N ILE B 157 15.23 -34.79 11.72
CA ILE B 157 16.52 -34.51 12.33
C ILE B 157 17.24 -35.82 12.60
N ASN B 158 18.50 -35.91 12.16
CA ASN B 158 19.32 -37.10 12.38
C ASN B 158 18.58 -38.38 12.03
N ASP B 159 17.86 -38.32 10.90
CA ASP B 159 17.05 -39.44 10.41
C ASP B 159 16.02 -39.89 11.43
N GLN B 160 15.63 -39.01 12.35
CA GLN B 160 14.61 -39.31 13.33
C GLN B 160 13.59 -38.17 13.33
N TYR B 161 12.32 -38.53 13.15
CA TYR B 161 11.27 -37.52 13.12
C TYR B 161 11.23 -36.75 14.43
N VAL B 162 10.76 -35.50 14.35
CA VAL B 162 10.61 -34.65 15.52
C VAL B 162 9.29 -33.91 15.39
N LEU B 163 8.54 -33.82 16.48
CA LEU B 163 7.20 -33.27 16.44
C LEU B 163 7.26 -31.76 16.67
N ASN B 164 6.76 -31.00 15.72
CA ASN B 164 6.50 -29.58 15.91
C ASN B 164 7.76 -28.83 16.31
N PRO B 165 8.79 -28.82 15.48
CA PRO B 165 10.08 -28.27 15.92
C PRO B 165 10.02 -26.76 16.03
N THR B 166 11.01 -26.22 16.72
CA THR B 166 11.19 -24.78 16.84
C THR B 166 12.17 -24.31 15.77
N GLN B 167 12.11 -23.01 15.47
CA GLN B 167 12.93 -22.44 14.41
C GLN B 167 14.40 -22.84 14.55
N ASP B 168 14.91 -22.85 15.78
CA ASP B 168 16.28 -23.30 16.00
C ASP B 168 16.47 -24.72 15.50
N GLU B 169 15.53 -25.62 15.79
CA GLU B 169 15.60 -26.97 15.24
C GLU B 169 15.27 -26.97 13.76
N LEU B 170 14.25 -26.20 13.36
CA LEU B 170 13.82 -26.19 11.98
C LEU B 170 14.92 -25.78 11.02
N LYS B 171 15.92 -25.03 11.48
CA LYS B 171 17.03 -24.68 10.62
C LYS B 171 17.89 -25.88 10.24
N GLU B 172 17.75 -27.00 10.93
CA GLU B 172 18.51 -28.20 10.64
C GLU B 172 17.67 -29.29 10.01
N SER B 173 16.36 -29.20 10.07
CA SER B 173 15.51 -30.25 9.54
C SER B 173 15.60 -30.29 8.02
N LYS B 174 15.41 -31.49 7.48
CA LYS B 174 15.36 -31.66 6.04
C LYS B 174 13.97 -31.37 5.50
N LEU B 175 12.93 -31.79 6.23
CA LEU B 175 11.55 -31.70 5.79
C LEU B 175 10.71 -31.05 6.88
N ASP B 176 9.77 -30.20 6.47
CA ASP B 176 8.69 -29.75 7.36
C ASP B 176 7.37 -29.88 6.60
N LEU B 177 6.46 -30.70 7.12
CA LEU B 177 5.19 -30.92 6.46
C LEU B 177 4.08 -30.75 7.48
N VAL B 178 2.99 -30.12 7.06
CA VAL B 178 1.89 -29.78 7.95
C VAL B 178 0.76 -30.77 7.76
N VAL B 179 0.86 -31.95 8.37
CA VAL B 179 -0.16 -32.98 8.21
C VAL B 179 -1.31 -32.65 9.15
N ALA B 180 -2.47 -32.35 8.58
CA ALA B 180 -3.66 -32.00 9.35
C ALA B 180 -4.81 -32.89 8.93
N GLY B 181 -5.22 -33.81 9.80
CA GLY B 181 -6.31 -34.71 9.48
C GLY B 181 -7.14 -35.04 10.71
N THR B 182 -8.40 -35.35 10.46
CA THR B 182 -9.26 -35.88 11.51
C THR B 182 -8.81 -37.29 11.87
N GLU B 183 -9.41 -37.82 12.94
CA GLU B 183 -8.95 -39.11 13.48
C GLU B 183 -9.01 -40.21 12.43
N ALA B 184 -9.96 -40.12 11.49
CA ALA B 184 -10.12 -41.18 10.51
C ALA B 184 -8.99 -41.16 9.48
N ALA B 185 -8.76 -40.01 8.84
CA ALA B 185 -7.90 -39.96 7.67
C ALA B 185 -7.16 -38.63 7.59
N VAL B 186 -6.09 -38.63 6.80
CA VAL B 186 -5.18 -37.51 6.66
C VAL B 186 -5.77 -36.53 5.65
N LEU B 187 -6.37 -35.44 6.14
CA LEU B 187 -7.09 -34.55 5.24
C LEU B 187 -6.17 -33.79 4.31
N MET B 188 -5.03 -33.30 4.81
CA MET B 188 -4.16 -32.51 3.96
C MET B 188 -2.71 -32.66 4.41
N VAL B 189 -1.81 -32.48 3.45
CA VAL B 189 -0.37 -32.50 3.69
C VAL B 189 0.26 -31.43 2.83
N GLU B 190 1.08 -30.57 3.42
CA GLU B 190 1.84 -29.59 2.68
C GLU B 190 3.30 -29.65 3.11
N SER B 191 4.20 -29.89 2.17
CA SER B 191 5.53 -30.35 2.50
C SER B 191 6.59 -29.49 1.83
N GLU B 192 7.82 -29.59 2.36
CA GLU B 192 9.01 -29.05 1.72
C GLU B 192 10.20 -29.85 2.23
N ALA B 193 10.88 -30.55 1.33
CA ALA B 193 11.97 -31.43 1.74
C ALA B 193 13.22 -31.20 0.90
N GLN B 194 14.37 -31.54 1.48
CA GLN B 194 15.64 -31.48 0.78
C GLN B 194 15.92 -32.84 0.13
N LEU B 195 15.12 -33.13 -0.90
CA LEU B 195 15.29 -34.32 -1.72
C LEU B 195 15.18 -35.61 -0.90
N LEU B 196 14.17 -35.67 -0.04
CA LEU B 196 13.91 -36.88 0.74
C LEU B 196 13.25 -37.95 -0.11
N SER B 197 13.49 -39.21 0.24
CA SER B 197 12.86 -40.32 -0.46
C SER B 197 11.37 -40.41 -0.10
N GLU B 198 10.59 -41.00 -1.01
CA GLU B 198 9.15 -41.14 -0.82
C GLU B 198 8.81 -41.80 0.51
N ASP B 199 9.47 -42.93 0.81
CA ASP B 199 9.16 -43.66 2.04
C ASP B 199 9.31 -42.78 3.27
N GLN B 200 10.35 -41.95 3.31
CA GLN B 200 10.51 -41.05 4.45
C GLN B 200 9.37 -40.05 4.54
N MET B 201 8.92 -39.53 3.39
CA MET B 201 7.80 -38.60 3.39
C MET B 201 6.54 -39.26 3.93
N LEU B 202 6.25 -40.47 3.49
CA LEU B 202 5.04 -41.14 3.97
C LEU B 202 5.15 -41.49 5.44
N GLY B 203 6.33 -41.87 5.90
CA GLY B 203 6.53 -42.09 7.32
C GLY B 203 6.27 -40.83 8.11
N ALA B 204 6.74 -39.69 7.61
CA ALA B 204 6.48 -38.42 8.28
C ALA B 204 4.98 -38.14 8.35
N VAL B 205 4.26 -38.42 7.27
CA VAL B 205 2.82 -38.17 7.27
C VAL B 205 2.13 -39.01 8.34
N VAL B 206 2.37 -40.33 8.31
CA VAL B 206 1.70 -41.21 9.24
C VAL B 206 2.10 -40.89 10.67
N PHE B 207 3.34 -40.45 10.89
CA PHE B 207 3.79 -40.12 12.24
C PHE B 207 3.08 -38.88 12.75
N GLY B 208 3.04 -37.82 11.95
CA GLY B 208 2.33 -36.62 12.34
C GLY B 208 0.87 -36.90 12.67
N HIS B 209 0.23 -37.76 11.88
CA HIS B 209 -1.16 -38.09 12.16
C HIS B 209 -1.30 -38.83 13.48
N GLU B 210 -0.52 -39.90 13.66
CA GLU B 210 -0.53 -40.65 14.91
C GLU B 210 -0.30 -39.75 16.10
N GLN B 211 0.43 -38.65 15.91
CA GLN B 211 0.73 -37.76 17.02
C GLN B 211 -0.43 -36.82 17.31
N GLN B 212 -0.94 -36.10 16.30
CA GLN B 212 -1.99 -35.13 16.60
C GLN B 212 -3.33 -35.79 16.93
N GLN B 213 -3.41 -37.12 16.90
CA GLN B 213 -4.55 -37.77 17.56
C GLN B 213 -4.81 -37.23 18.97
N VAL B 214 -3.78 -36.73 19.66
CA VAL B 214 -3.95 -36.19 21.01
C VAL B 214 -4.83 -34.94 20.97
N VAL B 215 -4.45 -33.98 20.13
CA VAL B 215 -5.25 -32.78 19.96
C VAL B 215 -6.68 -33.13 19.60
N ILE B 216 -6.85 -34.17 18.77
CA ILE B 216 -8.21 -34.63 18.46
C ILE B 216 -8.96 -34.97 19.74
N GLN B 217 -8.41 -35.89 20.53
CA GLN B 217 -9.10 -36.35 21.72
C GLN B 217 -9.43 -35.19 22.66
N ASN B 218 -8.51 -34.23 22.78
CA ASN B 218 -8.70 -33.20 23.79
C ASN B 218 -9.66 -32.12 23.34
N ILE B 219 -9.68 -31.77 22.06
CA ILE B 219 -10.74 -30.89 21.58
C ILE B 219 -12.10 -31.58 21.73
N ASN B 220 -12.14 -32.91 21.53
CA ASN B 220 -13.40 -33.61 21.75
C ASN B 220 -13.84 -33.51 23.20
N GLU B 221 -12.91 -33.64 24.13
CA GLU B 221 -13.24 -33.48 25.54
C GLU B 221 -13.78 -32.10 25.83
N LEU B 222 -13.09 -31.05 25.35
CA LEU B 222 -13.54 -29.69 25.60
C LEU B 222 -14.92 -29.45 25.00
N VAL B 223 -15.20 -30.02 23.83
CA VAL B 223 -16.50 -29.85 23.21
C VAL B 223 -17.57 -30.52 24.07
N LYS B 224 -17.31 -31.75 24.51
CA LYS B 224 -18.26 -32.41 25.40
C LYS B 224 -18.49 -31.61 26.67
N GLU B 225 -17.50 -30.86 27.13
CA GLU B 225 -17.68 -30.07 28.35
C GLU B 225 -18.48 -28.79 28.11
N ALA B 226 -17.98 -27.91 27.25
CA ALA B 226 -18.55 -26.58 27.13
C ALA B 226 -18.93 -26.21 25.70
N GLY B 227 -19.67 -27.08 25.03
CA GLY B 227 -20.11 -26.83 23.67
C GLY B 227 -21.52 -26.25 23.61
N LYS B 228 -22.02 -26.16 22.38
CA LYS B 228 -23.35 -25.67 22.11
C LYS B 228 -24.17 -26.74 21.42
N PRO B 229 -25.49 -26.67 21.48
CA PRO B 229 -26.31 -27.71 20.84
C PRO B 229 -26.17 -27.65 19.32
N ARG B 230 -26.01 -28.83 18.70
CA ARG B 230 -25.84 -28.91 17.26
C ARG B 230 -27.04 -28.29 16.56
N TRP B 231 -26.78 -27.62 15.45
CA TRP B 231 -27.86 -27.01 14.69
C TRP B 231 -28.79 -28.09 14.15
N ASP B 232 -30.05 -27.72 13.95
CA ASP B 232 -31.02 -28.61 13.30
C ASP B 232 -30.95 -28.29 11.81
N TRP B 233 -30.07 -28.99 11.11
CA TRP B 233 -29.86 -28.76 9.68
C TRP B 233 -29.97 -30.09 8.97
N GLN B 234 -30.87 -30.16 7.99
CA GLN B 234 -31.12 -31.39 7.26
C GLN B 234 -30.85 -31.17 5.78
N PRO B 235 -30.10 -32.07 5.13
CA PRO B 235 -29.87 -31.93 3.70
C PRO B 235 -31.17 -32.05 2.92
N GLU B 236 -31.21 -31.40 1.76
CA GLU B 236 -32.38 -31.47 0.91
C GLU B 236 -32.57 -32.89 0.40
N PRO B 237 -33.72 -33.51 0.62
CA PRO B 237 -33.94 -34.87 0.09
C PRO B 237 -33.97 -34.85 -1.43
N VAL B 238 -33.35 -35.87 -2.03
CA VAL B 238 -33.27 -35.95 -3.48
C VAL B 238 -34.63 -36.34 -4.05
N ASN B 239 -34.96 -35.76 -5.20
CA ASN B 239 -36.26 -35.98 -5.84
C ASN B 239 -36.16 -37.25 -6.68
N GLU B 240 -36.76 -38.33 -6.19
CA GLU B 240 -36.68 -39.60 -6.91
C GLU B 240 -37.31 -39.50 -8.29
N ALA B 241 -38.39 -38.73 -8.42
CA ALA B 241 -39.07 -38.60 -9.72
C ALA B 241 -38.15 -37.96 -10.75
N LEU B 242 -37.58 -36.80 -10.42
CA LEU B 242 -36.67 -36.13 -11.33
C LEU B 242 -35.48 -37.01 -11.66
N ASN B 243 -34.89 -37.63 -10.65
CA ASN B 243 -33.75 -38.52 -10.88
C ASN B 243 -34.11 -39.63 -11.85
N ALA B 244 -35.28 -40.23 -11.68
CA ALA B 244 -35.69 -41.33 -12.54
C ALA B 244 -35.91 -40.85 -13.98
N ARG B 245 -36.66 -39.76 -14.14
CA ARG B 245 -36.99 -39.30 -15.49
C ARG B 245 -35.79 -38.71 -16.20
N VAL B 246 -34.73 -38.35 -15.47
CA VAL B 246 -33.48 -37.99 -16.14
C VAL B 246 -32.66 -39.24 -16.46
N ALA B 247 -32.49 -40.13 -15.47
CA ALA B 247 -31.66 -41.31 -15.63
C ALA B 247 -32.18 -42.21 -16.74
N ALA B 248 -33.34 -42.81 -16.51
CA ALA B 248 -33.86 -43.81 -17.46
C ALA B 248 -34.03 -43.25 -18.86
N LEU B 249 -34.01 -41.93 -19.02
CA LEU B 249 -34.21 -41.32 -20.32
C LEU B 249 -32.90 -40.88 -20.99
N ALA B 250 -31.87 -40.56 -20.22
CA ALA B 250 -30.68 -39.94 -20.80
C ALA B 250 -29.37 -40.62 -20.46
N GLU B 251 -29.29 -41.33 -19.33
CA GLU B 251 -27.99 -41.80 -18.86
C GLU B 251 -27.38 -42.84 -19.79
N ALA B 252 -28.21 -43.69 -20.40
CA ALA B 252 -27.67 -44.69 -21.33
C ALA B 252 -27.09 -44.01 -22.56
N ARG B 253 -27.83 -43.06 -23.12
CA ARG B 253 -27.32 -42.28 -24.25
C ARG B 253 -26.05 -41.54 -23.86
N LEU B 254 -25.98 -41.05 -22.61
CA LEU B 254 -24.78 -40.35 -22.16
C LEU B 254 -23.59 -41.28 -22.06
N SER B 255 -23.82 -42.50 -21.59
CA SER B 255 -22.75 -43.49 -21.53
C SER B 255 -22.24 -43.82 -22.93
N ASP B 256 -23.17 -44.03 -23.87
CA ASP B 256 -22.76 -44.27 -25.25
C ASP B 256 -22.03 -43.07 -25.84
N ALA B 257 -22.40 -41.86 -25.42
CA ALA B 257 -21.71 -40.67 -25.89
C ALA B 257 -20.29 -40.61 -25.38
N TYR B 258 -20.11 -40.82 -24.07
CA TYR B 258 -18.77 -40.83 -23.48
C TYR B 258 -17.97 -42.04 -23.92
N ARG B 259 -18.61 -43.03 -24.55
CA ARG B 259 -17.87 -44.09 -25.21
C ARG B 259 -17.09 -43.56 -26.41
N ILE B 260 -17.54 -42.47 -27.01
CA ILE B 260 -16.87 -41.91 -28.18
C ILE B 260 -15.48 -41.44 -27.79
N THR B 261 -14.49 -41.77 -28.63
CA THR B 261 -13.10 -41.45 -28.32
C THR B 261 -12.77 -39.99 -28.60
N ASP B 262 -13.34 -39.41 -29.65
CA ASP B 262 -13.01 -38.04 -30.00
C ASP B 262 -13.65 -37.06 -29.03
N LYS B 263 -12.99 -35.91 -28.85
CA LYS B 263 -13.48 -34.93 -27.89
C LYS B 263 -14.65 -34.13 -28.44
N GLN B 264 -14.57 -33.70 -29.71
CA GLN B 264 -15.58 -32.79 -30.23
C GLN B 264 -16.88 -33.50 -30.57
N GLU B 265 -16.80 -34.71 -31.13
CA GLU B 265 -18.01 -35.50 -31.34
C GLU B 265 -18.71 -35.78 -30.03
N ARG B 266 -17.95 -36.15 -29.00
CA ARG B 266 -18.52 -36.36 -27.68
C ARG B 266 -19.17 -35.10 -27.14
N TYR B 267 -18.52 -33.94 -27.33
CA TYR B 267 -19.10 -32.68 -26.92
C TYR B 267 -20.46 -32.45 -27.58
N ALA B 268 -20.49 -32.53 -28.91
CA ALA B 268 -21.74 -32.32 -29.63
C ALA B 268 -22.81 -33.30 -29.16
N GLN B 269 -22.42 -34.56 -28.93
CA GLN B 269 -23.38 -35.57 -28.53
C GLN B 269 -23.96 -35.27 -27.15
N VAL B 270 -23.10 -34.95 -26.18
CA VAL B 270 -23.61 -34.66 -24.84
C VAL B 270 -24.50 -33.43 -24.88
N ASP B 271 -24.15 -32.43 -25.71
CA ASP B 271 -25.01 -31.26 -25.85
C ASP B 271 -26.39 -31.64 -26.37
N VAL B 272 -26.45 -32.41 -27.46
CA VAL B 272 -27.76 -32.75 -28.01
C VAL B 272 -28.54 -33.62 -27.03
N ILE B 273 -27.85 -34.48 -26.28
CA ILE B 273 -28.54 -35.34 -25.31
C ILE B 273 -29.18 -34.49 -24.21
N LYS B 274 -28.40 -33.61 -23.60
CA LYS B 274 -28.95 -32.82 -22.51
C LYS B 274 -30.05 -31.90 -23.02
N SER B 275 -29.88 -31.32 -24.21
CA SER B 275 -30.91 -30.45 -24.74
C SER B 275 -32.21 -31.22 -24.99
N GLU B 276 -32.11 -32.42 -25.57
CA GLU B 276 -33.29 -33.23 -25.82
C GLU B 276 -33.98 -33.59 -24.51
N THR B 277 -33.21 -33.97 -23.50
CA THR B 277 -33.80 -34.36 -22.22
C THR B 277 -34.48 -33.18 -21.55
N ILE B 278 -33.82 -32.02 -21.53
CA ILE B 278 -34.44 -30.83 -20.96
C ILE B 278 -35.72 -30.49 -21.72
N ALA B 279 -35.68 -30.58 -23.05
CA ALA B 279 -36.85 -30.24 -23.85
C ALA B 279 -38.03 -31.14 -23.51
N THR B 280 -37.81 -32.46 -23.49
CA THR B 280 -38.92 -33.36 -23.21
C THR B 280 -39.40 -33.22 -21.77
N LEU B 281 -38.48 -32.92 -20.84
CA LEU B 281 -38.89 -32.86 -19.44
C LEU B 281 -39.67 -31.57 -19.15
N LEU B 282 -39.32 -30.47 -19.81
CA LEU B 282 -40.16 -29.28 -19.71
C LEU B 282 -41.48 -29.47 -20.45
N ALA B 283 -41.46 -30.22 -21.55
CA ALA B 283 -42.70 -30.54 -22.24
C ALA B 283 -43.65 -31.32 -21.34
N GLU B 284 -43.11 -32.21 -20.50
CA GLU B 284 -43.95 -32.88 -19.50
C GLU B 284 -44.44 -31.89 -18.45
N ASP B 285 -43.56 -31.01 -17.97
CA ASP B 285 -43.94 -30.01 -16.98
C ASP B 285 -42.98 -28.84 -17.06
N GLU B 286 -43.52 -27.64 -17.27
CA GLU B 286 -42.69 -26.44 -17.37
C GLU B 286 -42.17 -25.99 -16.01
N THR B 287 -42.94 -26.21 -14.94
CA THR B 287 -42.53 -25.75 -13.62
C THR B 287 -41.28 -26.47 -13.11
N LEU B 288 -40.91 -27.60 -13.73
CA LEU B 288 -39.69 -28.29 -13.32
C LEU B 288 -38.49 -27.36 -13.45
N ASP B 289 -37.61 -27.42 -12.45
CA ASP B 289 -36.54 -26.43 -12.30
C ASP B 289 -35.44 -26.67 -13.32
N GLU B 290 -35.16 -25.65 -14.13
CA GLU B 290 -34.07 -25.73 -15.10
C GLU B 290 -32.73 -25.91 -14.39
N ASN B 291 -32.48 -25.12 -13.34
CA ASN B 291 -31.23 -25.20 -12.62
C ASN B 291 -31.04 -26.58 -12.01
N GLU B 292 -32.07 -27.10 -11.34
CA GLU B 292 -31.97 -28.45 -10.78
C GLU B 292 -31.85 -29.50 -11.87
N LEU B 293 -32.50 -29.28 -13.02
CA LEU B 293 -32.34 -30.21 -14.13
C LEU B 293 -30.88 -30.28 -14.56
N GLY B 294 -30.25 -29.13 -14.82
CA GLY B 294 -28.86 -29.13 -15.21
C GLY B 294 -27.94 -29.71 -14.14
N GLU B 295 -28.25 -29.43 -12.87
CA GLU B 295 -27.46 -30.00 -11.78
C GLU B 295 -27.52 -31.52 -11.78
N ILE B 296 -28.73 -32.07 -11.94
CA ILE B 296 -28.88 -33.52 -11.98
C ILE B 296 -28.18 -34.10 -13.21
N LEU B 297 -28.27 -33.41 -14.35
CA LEU B 297 -27.55 -33.86 -15.54
C LEU B 297 -26.06 -33.93 -15.28
N HIS B 298 -25.52 -32.90 -14.62
CA HIS B 298 -24.10 -32.88 -14.32
C HIS B 298 -23.74 -34.02 -13.37
N ALA B 299 -24.58 -34.28 -12.38
CA ALA B 299 -24.34 -35.41 -11.48
C ALA B 299 -24.31 -36.72 -12.26
N ILE B 300 -25.24 -36.89 -13.20
CA ILE B 300 -25.25 -38.10 -14.01
C ILE B 300 -23.95 -38.25 -14.78
N GLU B 301 -23.52 -37.18 -15.46
CA GLU B 301 -22.31 -37.32 -16.28
C GLU B 301 -21.07 -37.56 -15.41
N LYS B 302 -21.05 -36.98 -14.21
CA LYS B 302 -19.95 -37.25 -13.29
C LYS B 302 -19.94 -38.72 -12.90
N ASN B 303 -21.11 -39.26 -12.56
CA ASN B 303 -21.17 -40.69 -12.24
C ASN B 303 -20.72 -41.53 -13.42
N VAL B 304 -21.06 -41.11 -14.64
CA VAL B 304 -20.68 -41.89 -15.81
C VAL B 304 -19.16 -41.91 -15.97
N VAL B 305 -18.51 -40.74 -15.88
CA VAL B 305 -17.07 -40.72 -16.08
C VAL B 305 -16.37 -41.49 -14.96
N ARG B 306 -16.90 -41.41 -13.74
CA ARG B 306 -16.30 -42.16 -12.64
C ARG B 306 -16.43 -43.66 -12.86
N SER B 307 -17.62 -44.11 -13.23
CA SER B 307 -17.80 -45.54 -13.50
C SER B 307 -16.94 -45.99 -14.67
N ARG B 308 -16.70 -45.10 -15.64
CA ARG B 308 -15.84 -45.45 -16.76
C ARG B 308 -14.41 -45.66 -16.30
N VAL B 309 -13.86 -44.72 -15.53
CA VAL B 309 -12.46 -44.85 -15.13
C VAL B 309 -12.28 -46.01 -14.17
N LEU B 310 -13.28 -46.26 -13.31
CA LEU B 310 -13.17 -47.36 -12.35
C LEU B 310 -13.12 -48.71 -13.06
N ALA B 311 -13.97 -48.91 -14.06
CA ALA B 311 -13.97 -50.17 -14.78
C ALA B 311 -12.65 -50.39 -15.49
N GLY B 312 -11.92 -49.33 -15.77
CA GLY B 312 -10.68 -49.42 -16.52
C GLY B 312 -10.77 -48.97 -17.95
N GLU B 313 -11.87 -48.34 -18.36
CA GLU B 313 -11.99 -47.81 -19.70
C GLU B 313 -11.06 -46.62 -19.87
N PRO B 314 -10.72 -46.28 -21.11
CA PRO B 314 -9.87 -45.09 -21.32
C PRO B 314 -10.57 -43.82 -20.85
N ARG B 315 -9.75 -42.91 -20.33
CA ARG B 315 -10.24 -41.67 -19.76
C ARG B 315 -10.74 -40.73 -20.85
N ILE B 316 -11.31 -39.60 -20.43
CA ILE B 316 -11.88 -38.65 -21.39
C ILE B 316 -10.82 -38.18 -22.37
N ASP B 317 -9.59 -38.00 -21.89
CA ASP B 317 -8.51 -37.63 -22.79
C ASP B 317 -8.21 -38.74 -23.79
N GLY B 318 -8.49 -39.98 -23.41
CA GLY B 318 -8.10 -41.13 -24.18
C GLY B 318 -6.80 -41.77 -23.74
N ARG B 319 -6.12 -41.19 -22.76
CA ARG B 319 -4.90 -41.76 -22.22
C ARG B 319 -5.20 -42.88 -21.23
N GLU B 320 -4.27 -43.81 -21.13
CA GLU B 320 -4.31 -44.78 -20.03
C GLU B 320 -3.95 -44.08 -18.72
N LYS B 321 -4.24 -44.75 -17.60
CA LYS B 321 -4.08 -44.09 -16.31
C LYS B 321 -2.64 -43.67 -16.05
N ASP B 322 -1.68 -44.48 -16.49
CA ASP B 322 -0.29 -44.18 -16.18
C ASP B 322 0.28 -43.08 -17.07
N MET B 323 -0.05 -43.10 -18.36
CA MET B 323 0.69 -42.30 -19.32
C MET B 323 0.42 -40.80 -19.17
N ILE B 324 1.48 -40.01 -19.32
CA ILE B 324 1.39 -38.56 -19.24
C ILE B 324 0.99 -37.99 -20.60
N ARG B 325 0.49 -36.75 -20.59
CA ARG B 325 0.17 -36.04 -21.81
C ARG B 325 1.43 -35.79 -22.63
N GLY B 326 1.24 -35.19 -23.80
CA GLY B 326 2.37 -34.82 -24.62
C GLY B 326 3.26 -33.81 -23.93
N LEU B 327 4.46 -33.63 -24.49
CA LEU B 327 5.44 -32.74 -23.88
C LEU B 327 6.20 -31.99 -24.97
N ASP B 328 6.55 -30.75 -24.65
CA ASP B 328 7.35 -29.94 -25.56
C ASP B 328 8.06 -28.88 -24.74
N VAL B 329 9.35 -28.70 -24.99
CA VAL B 329 10.22 -27.88 -24.16
C VAL B 329 11.07 -26.98 -25.04
N ARG B 330 11.02 -25.68 -24.78
CA ARG B 330 11.88 -24.71 -25.43
C ARG B 330 12.59 -23.87 -24.37
N THR B 331 13.82 -23.46 -24.68
CA THR B 331 14.60 -22.64 -23.77
C THR B 331 15.11 -21.40 -24.50
N GLY B 332 15.33 -20.34 -23.74
CA GLY B 332 15.76 -19.09 -24.30
C GLY B 332 14.79 -18.58 -25.34
N VAL B 333 13.51 -18.60 -25.01
CA VAL B 333 12.49 -18.18 -25.96
C VAL B 333 12.31 -16.67 -25.94
N LEU B 334 12.68 -16.03 -24.88
CA LEU B 334 12.65 -14.58 -24.90
C LEU B 334 14.04 -14.05 -25.24
N PRO B 335 14.13 -12.88 -25.86
CA PRO B 335 15.43 -12.41 -26.35
C PRO B 335 16.33 -11.81 -25.28
N ARG B 336 15.78 -10.97 -24.40
CA ARG B 336 16.60 -10.14 -23.53
C ARG B 336 16.47 -10.48 -22.05
N THR B 337 15.68 -11.46 -21.67
CA THR B 337 15.69 -11.88 -20.28
C THR B 337 16.96 -12.65 -19.96
N HIS B 338 17.27 -12.73 -18.67
CA HIS B 338 18.43 -13.47 -18.23
C HIS B 338 18.32 -14.96 -18.50
N GLY B 339 17.09 -15.46 -18.63
CA GLY B 339 16.87 -16.85 -18.95
C GLY B 339 15.38 -17.11 -19.02
N SER B 340 14.95 -17.95 -19.94
CA SER B 340 13.53 -18.18 -20.10
C SER B 340 13.29 -19.57 -20.65
N ALA B 341 12.07 -20.05 -20.47
CA ALA B 341 11.70 -21.35 -20.96
C ALA B 341 10.19 -21.39 -21.11
N LEU B 342 9.72 -22.27 -22.00
CA LEU B 342 8.30 -22.41 -22.30
C LEU B 342 7.96 -23.88 -22.20
N PHE B 343 7.60 -24.33 -21.01
CA PHE B 343 7.31 -25.73 -20.76
C PHE B 343 5.83 -25.97 -21.05
N THR B 344 5.54 -26.57 -22.19
CA THR B 344 4.16 -26.84 -22.59
C THR B 344 3.91 -28.34 -22.56
N ARG B 345 2.98 -28.76 -21.70
CA ARG B 345 2.61 -30.14 -21.54
C ARG B 345 1.14 -30.30 -21.89
N GLY B 346 0.84 -31.18 -22.84
CA GLY B 346 -0.52 -31.36 -23.28
C GLY B 346 -1.15 -30.05 -23.73
N GLU B 347 -2.04 -29.51 -22.90
CA GLU B 347 -2.61 -28.18 -23.13
C GLU B 347 -2.45 -27.29 -21.91
N THR B 348 -1.47 -27.58 -21.07
CA THR B 348 -1.11 -26.73 -19.94
C THR B 348 0.33 -26.30 -20.14
N GLN B 349 0.58 -24.99 -20.07
CA GLN B 349 1.92 -24.52 -20.32
C GLN B 349 2.20 -23.28 -19.50
N ALA B 350 3.48 -22.93 -19.41
CA ALA B 350 3.92 -21.81 -18.59
C ALA B 350 5.18 -21.23 -19.18
N LEU B 351 5.25 -19.92 -19.22
CA LEU B 351 6.38 -19.18 -19.76
C LEU B 351 7.15 -18.63 -18.57
N VAL B 352 8.18 -19.32 -18.15
CA VAL B 352 8.93 -18.98 -16.97
C VAL B 352 10.18 -18.19 -17.36
N THR B 353 10.56 -17.24 -16.53
CA THR B 353 11.70 -16.36 -16.83
C THR B 353 12.44 -16.05 -15.54
N ALA B 354 13.70 -16.48 -15.45
CA ALA B 354 14.52 -16.21 -14.28
C ALA B 354 15.41 -14.99 -14.54
N THR B 355 15.42 -14.06 -13.59
CA THR B 355 16.15 -12.79 -13.73
C THR B 355 17.05 -12.58 -12.52
N LEU B 356 18.36 -12.62 -12.75
CA LEU B 356 19.30 -12.42 -11.66
C LEU B 356 19.39 -10.95 -11.29
N GLY B 357 19.40 -10.66 -9.99
CA GLY B 357 19.60 -9.32 -9.51
C GLY B 357 20.63 -9.31 -8.40
N THR B 358 21.19 -8.13 -8.16
CA THR B 358 22.25 -8.00 -7.17
C THR B 358 21.66 -8.11 -5.77
N ALA B 359 22.55 -8.18 -4.78
CA ALA B 359 22.14 -8.45 -3.41
C ALA B 359 21.37 -7.31 -2.77
N ARG B 360 21.18 -6.20 -3.47
CA ARG B 360 20.40 -5.10 -2.95
C ARG B 360 18.91 -5.29 -3.20
N ASP B 361 18.53 -6.21 -4.07
CA ASP B 361 17.14 -6.39 -4.46
C ASP B 361 16.41 -7.45 -3.64
N ALA B 362 17.14 -8.23 -2.84
CA ALA B 362 16.52 -9.26 -2.03
C ALA B 362 15.40 -8.69 -1.18
N GLN B 363 14.25 -9.35 -1.20
CA GLN B 363 13.10 -8.88 -0.44
C GLN B 363 13.39 -9.02 1.04
N VAL B 364 13.20 -7.92 1.77
CA VAL B 364 13.38 -7.91 3.22
C VAL B 364 11.99 -7.79 3.82
N LEU B 365 11.46 -8.92 4.29
CA LEU B 365 10.12 -8.97 4.85
C LEU B 365 10.19 -9.14 6.36
N ASP B 366 9.34 -8.42 7.07
CA ASP B 366 9.27 -8.48 8.53
C ASP B 366 8.11 -9.37 8.94
N GLU B 367 8.43 -10.50 9.55
CA GLU B 367 7.43 -11.43 10.06
C GLU B 367 7.47 -11.41 11.58
N LEU B 368 6.45 -12.03 12.19
CA LEU B 368 6.41 -12.09 13.64
C LEU B 368 7.61 -12.86 14.20
N MET B 369 7.96 -13.98 13.58
CA MET B 369 9.09 -14.76 14.06
C MET B 369 10.38 -13.94 14.04
N GLY B 370 10.50 -13.05 13.08
CA GLY B 370 11.67 -12.19 13.00
C GLY B 370 11.90 -11.73 11.58
N GLU B 371 12.48 -10.54 11.45
CA GLU B 371 12.85 -10.01 10.15
C GLU B 371 13.75 -10.97 9.40
N ARG B 372 13.31 -11.39 8.22
CA ARG B 372 14.05 -12.34 7.41
C ARG B 372 14.21 -11.79 6.00
N THR B 373 15.43 -11.88 5.48
CA THR B 373 15.73 -11.42 4.13
C THR B 373 15.67 -12.60 3.17
N ASP B 374 14.91 -12.43 2.09
CA ASP B 374 14.63 -13.50 1.14
C ASP B 374 15.35 -13.21 -0.16
N THR B 375 16.21 -14.11 -0.59
CA THR B 375 17.01 -13.92 -1.79
C THR B 375 16.65 -14.96 -2.84
N PHE B 376 15.39 -15.38 -2.87
CA PHE B 376 14.87 -16.19 -3.95
C PHE B 376 13.37 -15.92 -4.03
N LEU B 377 12.95 -15.23 -5.08
CA LEU B 377 11.58 -14.79 -5.22
C LEU B 377 10.91 -15.58 -6.32
N PHE B 378 9.81 -16.23 -6.00
CA PHE B 378 9.00 -16.92 -6.99
C PHE B 378 7.66 -16.23 -7.08
N HIS B 379 7.22 -15.97 -8.30
CA HIS B 379 5.97 -15.28 -8.54
C HIS B 379 5.20 -16.02 -9.61
N TYR B 380 3.90 -16.20 -9.37
CA TYR B 380 3.06 -17.03 -10.21
C TYR B 380 1.90 -16.18 -10.69
N ASN B 381 1.75 -16.09 -12.00
CA ASN B 381 0.75 -15.22 -12.62
C ASN B 381 -0.22 -16.09 -13.40
N PHE B 382 -1.51 -16.01 -13.06
CA PHE B 382 -2.55 -16.78 -13.73
C PHE B 382 -3.49 -15.81 -14.41
N PRO B 383 -3.16 -15.30 -15.59
CA PRO B 383 -3.99 -14.32 -16.24
C PRO B 383 -5.24 -14.98 -16.80
N PRO B 384 -6.33 -14.23 -16.99
CA PRO B 384 -7.60 -14.86 -17.35
C PRO B 384 -7.58 -15.53 -18.71
N TYR B 385 -6.88 -14.96 -19.69
CA TYR B 385 -6.88 -15.55 -21.02
C TYR B 385 -6.31 -16.96 -21.03
N SER B 386 -5.63 -17.36 -19.95
CA SER B 386 -5.08 -18.70 -19.89
C SER B 386 -6.17 -19.76 -19.97
N VAL B 387 -7.20 -19.63 -19.13
CA VAL B 387 -8.25 -20.63 -19.14
C VAL B 387 -9.23 -20.40 -20.28
N GLY B 388 -9.17 -19.26 -20.94
CA GLY B 388 -9.96 -19.00 -22.11
C GLY B 388 -11.11 -18.05 -21.93
N GLU B 389 -11.17 -17.33 -20.82
CA GLU B 389 -12.26 -16.41 -20.55
C GLU B 389 -11.72 -15.05 -20.20
N THR B 390 -12.50 -14.01 -20.50
CA THR B 390 -12.14 -12.67 -20.09
C THR B 390 -12.27 -12.55 -18.57
N GLY B 391 -11.56 -11.57 -18.03
CA GLY B 391 -11.56 -11.38 -16.60
C GLY B 391 -10.91 -10.07 -16.21
N MET B 392 -10.77 -9.86 -14.92
CA MET B 392 -10.25 -8.62 -14.37
C MET B 392 -8.83 -8.85 -13.89
N VAL B 393 -7.85 -8.49 -14.72
CA VAL B 393 -6.47 -8.50 -14.28
C VAL B 393 -6.31 -7.54 -13.11
N GLY B 394 -5.47 -7.92 -12.15
CA GLY B 394 -5.33 -7.14 -10.95
C GLY B 394 -4.38 -7.80 -9.98
N SER B 395 -4.55 -7.46 -8.71
CA SER B 395 -3.73 -8.04 -7.66
C SER B 395 -3.89 -9.56 -7.65
N PRO B 396 -2.85 -10.29 -7.27
CA PRO B 396 -2.94 -11.75 -7.28
C PRO B 396 -3.98 -12.27 -6.31
N LYS B 397 -4.78 -13.22 -6.78
CA LYS B 397 -5.79 -13.85 -5.96
C LYS B 397 -5.13 -14.82 -4.98
N ARG B 398 -5.94 -15.50 -4.17
CA ARG B 398 -5.37 -16.42 -3.19
C ARG B 398 -4.73 -17.63 -3.86
N ARG B 399 -5.32 -18.11 -4.95
CA ARG B 399 -4.75 -19.25 -5.65
C ARG B 399 -3.35 -18.95 -6.14
N GLU B 400 -3.13 -17.73 -6.65
CA GLU B 400 -1.81 -17.39 -7.17
C GLU B 400 -0.78 -17.32 -6.06
N ILE B 401 -1.14 -16.77 -4.90
CA ILE B 401 -0.21 -16.74 -3.77
C ILE B 401 -0.06 -18.11 -3.11
N GLY B 402 -0.93 -19.05 -3.43
CA GLY B 402 -0.72 -20.40 -2.93
C GLY B 402 0.18 -21.20 -3.84
N HIS B 403 -0.05 -21.08 -5.14
CA HIS B 403 0.76 -21.82 -6.09
C HIS B 403 2.14 -21.24 -6.25
N GLY B 404 2.30 -19.93 -6.04
CA GLY B 404 3.64 -19.38 -5.98
C GLY B 404 4.46 -20.03 -4.90
N ARG B 405 3.91 -20.10 -3.68
CA ARG B 405 4.63 -20.75 -2.60
C ARG B 405 4.84 -22.23 -2.86
N LEU B 406 3.87 -22.89 -3.48
CA LEU B 406 4.05 -24.32 -3.77
C LEU B 406 5.22 -24.53 -4.73
N ALA B 407 5.23 -23.82 -5.85
CA ALA B 407 6.33 -23.97 -6.79
C ALA B 407 7.66 -23.58 -6.18
N LYS B 408 7.66 -22.52 -5.35
CA LYS B 408 8.90 -22.11 -4.72
C LYS B 408 9.39 -23.17 -3.75
N ARG B 409 8.47 -23.83 -3.04
CA ARG B 409 8.86 -24.94 -2.19
C ARG B 409 9.40 -26.10 -3.01
N GLY B 410 8.89 -26.26 -4.23
CA GLY B 410 9.36 -27.35 -5.08
C GLY B 410 10.74 -27.10 -5.63
N VAL B 411 11.08 -25.84 -5.89
CA VAL B 411 12.39 -25.53 -6.47
C VAL B 411 13.45 -25.26 -5.40
N LEU B 412 13.05 -24.78 -4.21
CA LEU B 412 14.01 -24.35 -3.21
C LEU B 412 14.96 -25.45 -2.78
N ALA B 413 14.60 -26.72 -3.00
CA ALA B 413 15.46 -27.82 -2.56
C ALA B 413 16.78 -27.81 -3.31
N VAL B 414 16.79 -27.36 -4.56
CA VAL B 414 17.92 -27.56 -5.44
C VAL B 414 18.68 -26.30 -5.74
N MET B 415 18.26 -25.15 -5.23
CA MET B 415 18.98 -23.93 -5.53
C MET B 415 20.29 -23.85 -4.73
N PRO B 416 21.28 -23.14 -5.25
CA PRO B 416 22.62 -23.21 -4.66
C PRO B 416 22.72 -22.41 -3.38
N ASP B 417 23.83 -22.64 -2.67
CA ASP B 417 24.12 -21.93 -1.44
C ASP B 417 24.77 -20.59 -1.76
N MET B 418 24.50 -19.60 -0.91
CA MET B 418 24.91 -18.23 -1.21
C MET B 418 26.42 -18.08 -1.34
N ASP B 419 27.20 -18.99 -0.75
CA ASP B 419 28.65 -18.89 -0.90
C ASP B 419 29.10 -19.25 -2.31
N LYS B 420 28.37 -20.15 -2.97
CA LYS B 420 28.75 -20.60 -4.31
C LYS B 420 28.17 -19.74 -5.42
N PHE B 421 27.15 -18.94 -5.13
CA PHE B 421 26.47 -18.18 -6.17
C PHE B 421 25.79 -16.95 -5.58
N PRO B 422 26.46 -15.81 -5.51
CA PRO B 422 25.88 -14.65 -4.83
C PRO B 422 25.01 -13.80 -5.74
N TYR B 423 23.70 -14.01 -5.70
CA TYR B 423 22.78 -13.23 -6.51
C TYR B 423 21.43 -13.21 -5.80
N THR B 424 20.40 -12.83 -6.53
CA THR B 424 19.05 -12.74 -5.99
C THR B 424 18.09 -13.19 -7.07
N VAL B 425 18.07 -14.49 -7.34
CA VAL B 425 17.25 -15.00 -8.42
C VAL B 425 15.79 -14.73 -8.13
N ARG B 426 15.08 -14.16 -9.10
CA ARG B 426 13.64 -14.03 -9.04
C ARG B 426 13.06 -14.73 -10.26
N VAL B 427 12.13 -15.64 -10.02
CA VAL B 427 11.56 -16.46 -11.07
C VAL B 427 10.08 -16.11 -11.20
N VAL B 428 9.68 -15.70 -12.39
CA VAL B 428 8.29 -15.37 -12.69
C VAL B 428 7.80 -16.34 -13.74
N SER B 429 6.67 -16.97 -13.49
CA SER B 429 6.07 -17.88 -14.44
C SER B 429 4.66 -17.44 -14.73
N GLU B 430 4.36 -17.19 -16.00
CA GLU B 430 3.03 -16.78 -16.43
C GLU B 430 2.37 -17.94 -17.14
N ILE B 431 1.30 -18.45 -16.55
CA ILE B 431 0.53 -19.49 -17.22
C ILE B 431 -0.20 -18.86 -18.39
N THR B 432 0.04 -19.40 -19.58
CA THR B 432 -0.62 -18.90 -20.77
C THR B 432 -1.76 -19.80 -21.25
N GLU B 433 -1.78 -21.05 -20.83
CA GLU B 433 -2.96 -21.89 -21.01
C GLU B 433 -2.89 -22.97 -19.95
N SER B 434 -3.95 -23.12 -19.17
CA SER B 434 -3.97 -24.03 -18.05
C SER B 434 -5.14 -24.98 -18.18
N ASN B 435 -4.87 -26.27 -18.08
CA ASN B 435 -5.91 -27.29 -18.02
C ASN B 435 -5.41 -28.34 -17.03
N GLY B 436 -5.29 -27.93 -15.78
CA GLY B 436 -4.89 -28.82 -14.70
C GLY B 436 -3.40 -28.86 -14.49
N SER B 437 -3.02 -29.04 -13.23
CA SER B 437 -1.61 -29.21 -12.84
C SER B 437 -0.75 -28.05 -13.31
N SER B 438 -1.26 -26.84 -13.15
CA SER B 438 -0.56 -25.67 -13.65
C SER B 438 0.71 -25.40 -12.85
N SER B 439 0.63 -25.52 -11.53
CA SER B 439 1.78 -25.20 -10.69
C SER B 439 2.94 -26.14 -10.94
N MET B 440 2.67 -27.39 -11.26
CA MET B 440 3.76 -28.32 -11.52
C MET B 440 4.43 -28.02 -12.86
N ALA B 441 3.64 -27.61 -13.86
CA ALA B 441 4.25 -27.10 -15.08
C ALA B 441 5.11 -25.88 -14.77
N SER B 442 4.67 -25.07 -13.82
CA SER B 442 5.48 -23.92 -13.42
C SER B 442 6.78 -24.36 -12.77
N VAL B 443 6.76 -25.44 -11.99
CA VAL B 443 7.99 -25.94 -11.39
C VAL B 443 8.96 -26.43 -12.45
N CYS B 444 8.45 -27.22 -13.40
CA CYS B 444 9.30 -27.69 -14.49
C CYS B 444 9.91 -26.50 -15.24
N GLY B 445 9.07 -25.55 -15.64
CA GLY B 445 9.58 -24.39 -16.34
C GLY B 445 10.55 -23.56 -15.53
N ALA B 446 10.39 -23.55 -14.21
CA ALA B 446 11.32 -22.78 -13.39
C ALA B 446 12.67 -23.46 -13.33
N SER B 447 12.69 -24.78 -13.20
CA SER B 447 13.96 -25.49 -13.27
C SER B 447 14.63 -25.26 -14.62
N LEU B 448 13.83 -25.25 -15.68
CA LEU B 448 14.36 -25.04 -17.02
C LEU B 448 14.98 -23.65 -17.15
N ALA B 449 14.25 -22.62 -16.75
CA ALA B 449 14.75 -21.26 -16.86
C ALA B 449 16.00 -21.07 -16.02
N LEU B 450 15.96 -21.55 -14.77
CA LEU B 450 17.14 -21.48 -13.92
C LEU B 450 18.35 -22.11 -14.61
N MET B 451 18.20 -23.33 -15.12
CA MET B 451 19.33 -23.94 -15.81
C MET B 451 19.74 -23.13 -17.03
N ASP B 452 18.81 -22.38 -17.62
CA ASP B 452 19.16 -21.53 -18.75
C ASP B 452 19.97 -20.33 -18.31
N ALA B 453 19.43 -19.54 -17.37
CA ALA B 453 20.08 -18.30 -16.96
C ALA B 453 21.50 -18.52 -16.48
N GLY B 454 21.83 -19.73 -16.03
CA GLY B 454 23.17 -20.04 -15.60
C GLY B 454 23.33 -20.28 -14.13
N VAL B 455 22.26 -20.23 -13.34
CA VAL B 455 22.41 -20.56 -11.92
C VAL B 455 22.83 -22.01 -11.81
N PRO B 456 23.76 -22.34 -10.94
CA PRO B 456 24.20 -23.75 -10.83
C PRO B 456 23.34 -24.54 -9.85
N ILE B 457 22.10 -24.85 -10.25
CA ILE B 457 21.26 -25.68 -9.40
C ILE B 457 21.86 -27.09 -9.34
N LYS B 458 21.52 -27.80 -8.27
CA LYS B 458 22.14 -29.09 -8.03
C LYS B 458 21.63 -30.17 -8.97
N ALA B 459 20.37 -30.10 -9.38
CA ALA B 459 19.80 -31.08 -10.29
C ALA B 459 18.48 -30.55 -10.80
N ALA B 460 18.12 -31.00 -12.01
CA ALA B 460 16.82 -30.66 -12.55
C ALA B 460 15.72 -31.11 -11.61
N VAL B 461 14.57 -30.48 -11.71
CA VAL B 461 13.45 -30.80 -10.82
C VAL B 461 12.15 -30.55 -11.56
N ALA B 462 11.24 -31.52 -11.48
CA ALA B 462 9.98 -31.43 -12.21
C ALA B 462 8.85 -31.90 -11.32
N GLY B 463 7.64 -31.53 -11.69
CA GLY B 463 6.48 -31.83 -10.88
C GLY B 463 5.35 -32.40 -11.72
N ILE B 464 4.59 -33.28 -11.08
CA ILE B 464 3.45 -33.93 -11.70
C ILE B 464 2.31 -33.93 -10.70
N ALA B 465 1.08 -33.84 -11.18
CA ALA B 465 -0.09 -33.84 -10.33
C ALA B 465 -0.86 -35.14 -10.50
N MET B 466 -0.85 -35.97 -9.46
CA MET B 466 -1.56 -37.24 -9.48
C MET B 466 -3.01 -37.05 -9.08
N GLY B 467 -3.83 -38.03 -9.40
CA GLY B 467 -5.20 -38.07 -8.93
C GLY B 467 -5.59 -39.48 -8.54
N LEU B 468 -6.42 -39.59 -7.51
CA LEU B 468 -6.84 -40.88 -6.99
C LEU B 468 -8.36 -40.99 -7.05
N VAL B 469 -8.83 -42.13 -7.53
CA VAL B 469 -10.27 -42.44 -7.56
C VAL B 469 -10.47 -43.75 -6.82
N LYS B 470 -11.44 -43.76 -5.91
CA LYS B 470 -11.65 -44.92 -5.05
C LYS B 470 -13.13 -45.16 -4.84
N GLU B 471 -13.52 -46.43 -4.86
CA GLU B 471 -14.88 -46.84 -4.57
C GLU B 471 -14.82 -48.16 -3.83
N GLY B 472 -15.29 -48.17 -2.59
CA GLY B 472 -15.23 -49.38 -1.79
C GLY B 472 -13.79 -49.82 -1.61
N ASP B 473 -13.48 -51.01 -2.10
CA ASP B 473 -12.12 -51.53 -2.08
C ASP B 473 -11.41 -51.36 -3.40
N ASN B 474 -12.13 -50.93 -4.44
CA ASN B 474 -11.54 -50.74 -5.76
C ASN B 474 -11.07 -49.29 -5.89
N TYR B 475 -9.80 -49.12 -6.23
CA TYR B 475 -9.23 -47.79 -6.38
C TYR B 475 -8.34 -47.77 -7.62
N VAL B 476 -8.36 -46.66 -8.33
CA VAL B 476 -7.48 -46.44 -9.47
C VAL B 476 -6.85 -45.06 -9.32
N VAL B 477 -5.56 -44.97 -9.62
CA VAL B 477 -4.79 -43.75 -9.46
C VAL B 477 -4.40 -43.23 -10.83
N LEU B 478 -4.67 -41.94 -11.07
CA LEU B 478 -4.45 -41.32 -12.37
C LEU B 478 -3.13 -40.56 -12.35
N SER B 479 -2.68 -40.17 -13.54
CA SER B 479 -1.45 -39.41 -13.68
C SER B 479 -1.70 -38.20 -14.57
N ASP B 480 -1.12 -37.07 -14.17
CA ASP B 480 -1.28 -35.81 -14.88
C ASP B 480 -2.76 -35.50 -15.07
N ILE B 481 -3.49 -35.48 -13.95
CA ILE B 481 -4.94 -35.30 -13.99
C ILE B 481 -5.28 -33.99 -14.66
N LEU B 482 -6.32 -34.01 -15.51
CA LEU B 482 -6.79 -32.81 -16.18
C LEU B 482 -7.68 -31.99 -15.26
N GLY B 483 -8.02 -30.79 -15.72
CA GLY B 483 -8.93 -29.95 -14.94
C GLY B 483 -10.31 -30.55 -14.83
N ASP B 484 -10.84 -31.08 -15.94
CA ASP B 484 -12.18 -31.68 -15.89
C ASP B 484 -12.19 -32.92 -15.01
N GLU B 485 -11.11 -33.69 -15.03
CA GLU B 485 -11.04 -34.89 -14.21
C GLU B 485 -10.96 -34.57 -12.72
N ASP B 486 -10.71 -33.31 -12.36
CA ASP B 486 -10.50 -32.96 -10.96
C ASP B 486 -11.73 -33.23 -10.12
N HIS B 487 -12.92 -32.98 -10.68
CA HIS B 487 -14.15 -33.33 -9.97
C HIS B 487 -14.18 -34.81 -9.65
N LEU B 488 -13.73 -35.64 -10.57
CA LEU B 488 -13.79 -37.08 -10.39
C LEU B 488 -12.81 -37.55 -9.32
N GLY B 489 -11.61 -36.98 -9.31
CA GLY B 489 -10.61 -37.42 -8.36
C GLY B 489 -11.00 -37.12 -6.93
N ASP B 490 -10.68 -38.03 -6.02
CA ASP B 490 -10.92 -37.86 -4.60
C ASP B 490 -9.71 -37.31 -3.87
N MET B 491 -8.53 -37.87 -4.13
CA MET B 491 -7.29 -37.42 -3.51
C MET B 491 -6.41 -36.79 -4.57
N ASP B 492 -5.90 -35.60 -4.27
CA ASP B 492 -5.00 -34.89 -5.18
C ASP B 492 -3.62 -34.81 -4.55
N PHE B 493 -2.59 -35.16 -5.31
CA PHE B 493 -1.22 -34.96 -4.89
C PHE B 493 -0.55 -34.04 -5.87
N LYS B 494 0.61 -33.53 -5.47
CA LYS B 494 1.43 -32.68 -6.34
C LYS B 494 2.88 -32.95 -5.97
N VAL B 495 3.37 -34.13 -6.30
CA VAL B 495 4.75 -34.49 -6.04
C VAL B 495 5.64 -33.73 -6.99
N ALA B 496 6.74 -33.16 -6.47
CA ALA B 496 7.62 -32.35 -7.32
C ALA B 496 9.04 -32.44 -6.76
N GLY B 497 9.85 -33.31 -7.35
CA GLY B 497 11.21 -33.47 -6.91
C GLY B 497 12.13 -33.83 -8.05
N SER B 498 13.43 -33.77 -7.77
CA SER B 498 14.42 -34.30 -8.67
C SER B 498 14.30 -35.82 -8.75
N ARG B 499 15.13 -36.42 -9.61
CA ARG B 499 15.11 -37.87 -9.74
C ARG B 499 15.47 -38.55 -8.42
N ASP B 500 16.35 -37.95 -7.63
CA ASP B 500 16.78 -38.59 -6.39
C ASP B 500 15.67 -38.59 -5.35
N GLY B 501 15.01 -37.46 -5.13
CA GLY B 501 14.10 -37.33 -4.01
C GLY B 501 12.98 -36.34 -4.27
N ILE B 502 11.98 -36.38 -3.40
CA ILE B 502 10.83 -35.49 -3.46
C ILE B 502 11.23 -34.13 -2.88
N SER B 503 10.57 -33.07 -3.32
CA SER B 503 10.85 -31.75 -2.77
C SER B 503 9.58 -31.08 -2.22
N ALA B 504 8.43 -31.39 -2.80
CA ALA B 504 7.15 -30.89 -2.31
C ALA B 504 6.11 -31.99 -2.43
N LEU B 505 5.29 -32.16 -1.41
CA LEU B 505 4.28 -33.22 -1.39
C LEU B 505 2.88 -32.71 -1.10
N GLN B 506 2.50 -31.54 -1.61
CA GLN B 506 1.17 -31.02 -1.30
C GLN B 506 0.10 -32.01 -1.74
N MET B 507 -0.83 -32.31 -0.83
CA MET B 507 -1.89 -33.26 -1.10
C MET B 507 -3.14 -32.86 -0.32
N ASP B 508 -4.31 -33.23 -0.84
CA ASP B 508 -5.58 -32.81 -0.24
C ASP B 508 -6.65 -33.87 -0.49
N ILE B 509 -6.70 -34.90 0.37
CA ILE B 509 -7.72 -35.92 0.19
C ILE B 509 -9.08 -35.37 0.60
N LYS B 510 -10.13 -36.01 0.09
CA LYS B 510 -11.50 -35.73 0.50
C LYS B 510 -12.21 -36.94 1.06
N ILE B 511 -12.14 -38.08 0.39
CA ILE B 511 -12.77 -39.28 0.90
C ILE B 511 -12.04 -39.75 2.16
N GLU B 512 -12.76 -40.46 3.01
CA GLU B 512 -12.23 -40.96 4.27
C GLU B 512 -11.88 -42.43 4.12
N GLY B 513 -10.70 -42.80 4.59
CA GLY B 513 -10.30 -44.19 4.60
C GLY B 513 -9.38 -44.60 3.47
N ILE B 514 -8.20 -44.00 3.40
CA ILE B 514 -7.18 -44.39 2.45
C ILE B 514 -6.01 -44.96 3.23
N THR B 515 -5.81 -46.26 3.12
CA THR B 515 -4.69 -46.91 3.78
C THR B 515 -3.38 -46.33 3.27
N LYS B 516 -2.38 -46.28 4.14
CA LYS B 516 -1.08 -45.76 3.73
C LYS B 516 -0.47 -46.53 2.58
N GLU B 517 -0.88 -47.78 2.36
CA GLU B 517 -0.40 -48.53 1.20
C GLU B 517 -0.90 -47.89 -0.09
N ILE B 518 -2.12 -47.37 -0.09
CA ILE B 518 -2.62 -46.66 -1.26
C ILE B 518 -1.73 -45.47 -1.57
N MET B 519 -1.40 -44.68 -0.54
CA MET B 519 -0.53 -43.54 -0.74
C MET B 519 0.86 -43.96 -1.21
N GLN B 520 1.35 -45.11 -0.73
CA GLN B 520 2.65 -45.60 -1.18
C GLN B 520 2.61 -45.95 -2.66
N VAL B 521 1.56 -46.64 -3.10
CA VAL B 521 1.45 -46.99 -4.51
C VAL B 521 1.35 -45.73 -5.36
N ALA B 522 0.55 -44.76 -4.91
CA ALA B 522 0.39 -43.52 -5.67
C ALA B 522 1.72 -42.77 -5.76
N LEU B 523 2.46 -42.72 -4.66
CA LEU B 523 3.77 -42.04 -4.69
C LEU B 523 4.73 -42.77 -5.62
N ASN B 524 4.68 -44.09 -5.69
CA ASN B 524 5.53 -44.82 -6.62
C ASN B 524 5.18 -44.48 -8.06
N GLN B 525 3.88 -44.45 -8.38
CA GLN B 525 3.46 -44.07 -9.72
C GLN B 525 3.90 -42.65 -10.04
N ALA B 526 3.81 -41.74 -9.07
CA ALA B 526 4.25 -40.38 -9.28
C ALA B 526 5.76 -40.31 -9.52
N LYS B 527 6.53 -41.13 -8.81
CA LYS B 527 7.97 -41.18 -9.07
C LYS B 527 8.24 -41.62 -10.50
N GLY B 528 7.49 -42.62 -10.98
CA GLY B 528 7.66 -43.03 -12.36
C GLY B 528 7.38 -41.91 -13.34
N ALA B 529 6.23 -41.26 -13.19
CA ALA B 529 5.86 -40.18 -14.10
C ALA B 529 6.85 -39.04 -14.04
N ARG B 530 7.37 -38.73 -12.86
CA ARG B 530 8.30 -37.63 -12.71
C ARG B 530 9.65 -37.97 -13.33
N LEU B 531 10.08 -39.22 -13.21
CA LEU B 531 11.27 -39.65 -13.94
C LEU B 531 11.08 -39.51 -15.43
N HIS B 532 9.89 -39.82 -15.93
CA HIS B 532 9.64 -39.66 -17.36
C HIS B 532 9.74 -38.20 -17.78
N ILE B 533 9.09 -37.31 -17.04
CA ILE B 533 9.12 -35.90 -17.39
C ILE B 533 10.55 -35.36 -17.33
N LEU B 534 11.32 -35.78 -16.33
CA LEU B 534 12.71 -35.36 -16.25
C LEU B 534 13.52 -35.90 -17.42
N GLY B 535 13.23 -37.13 -17.85
CA GLY B 535 13.90 -37.66 -19.02
C GLY B 535 13.63 -36.83 -20.25
N VAL B 536 12.38 -36.39 -20.43
CA VAL B 536 12.05 -35.55 -21.58
C VAL B 536 12.78 -34.21 -21.47
N MET B 537 12.74 -33.59 -20.28
CA MET B 537 13.40 -32.30 -20.10
C MET B 537 14.90 -32.42 -20.32
N GLU B 538 15.47 -33.60 -20.07
CA GLU B 538 16.91 -33.80 -20.20
C GLU B 538 17.42 -33.51 -21.60
N GLN B 539 16.55 -33.58 -22.62
CA GLN B 539 17.00 -33.36 -23.98
C GLN B 539 17.25 -31.89 -24.27
N ALA B 540 16.33 -31.03 -23.84
CA ALA B 540 16.46 -29.61 -24.12
C ALA B 540 17.71 -29.03 -23.50
N ILE B 541 17.78 -29.05 -22.18
CA ILE B 541 18.93 -28.52 -21.44
C ILE B 541 19.55 -29.68 -20.67
N ASN B 542 20.87 -29.82 -20.79
CA ASN B 542 21.56 -30.92 -20.15
C ASN B 542 22.07 -30.53 -18.76
N ALA B 543 22.82 -29.45 -18.68
CA ALA B 543 23.37 -28.93 -17.44
C ALA B 543 23.25 -27.41 -17.49
N PRO B 544 23.27 -26.75 -16.34
CA PRO B 544 23.20 -25.28 -16.35
C PRO B 544 24.34 -24.68 -17.16
N ARG B 545 24.04 -23.59 -17.85
CA ARG B 545 25.01 -22.97 -18.73
C ARG B 545 26.20 -22.45 -17.92
N GLY B 546 27.38 -22.51 -18.53
CA GLY B 546 28.60 -22.17 -17.80
C GLY B 546 28.64 -20.71 -17.39
N ASP B 547 28.22 -19.81 -18.28
CA ASP B 547 28.30 -18.37 -18.03
C ASP B 547 26.91 -17.78 -18.04
N ILE B 548 26.63 -16.90 -17.09
CA ILE B 548 25.35 -16.21 -17.08
C ILE B 548 25.26 -15.28 -18.29
N SER B 549 24.05 -14.80 -18.54
CA SER B 549 23.82 -13.95 -19.69
C SER B 549 24.64 -12.67 -19.59
N GLU B 550 25.07 -12.16 -20.75
CA GLU B 550 25.87 -10.94 -20.77
C GLU B 550 25.10 -9.76 -20.19
N PHE B 551 23.78 -9.77 -20.30
CA PHE B 551 22.99 -8.68 -19.74
C PHE B 551 23.01 -8.70 -18.23
N ALA B 552 23.26 -9.85 -17.62
CA ALA B 552 23.18 -9.98 -16.18
C ALA B 552 24.17 -9.06 -15.48
N PRO B 553 23.78 -8.44 -14.38
CA PRO B 553 24.78 -7.76 -13.55
C PRO B 553 25.72 -8.80 -12.97
N ARG B 554 27.01 -8.50 -13.00
CA ARG B 554 28.02 -9.47 -12.63
C ARG B 554 28.64 -9.08 -11.31
N ILE B 555 28.70 -10.03 -10.39
CA ILE B 555 29.22 -9.79 -9.05
C ILE B 555 30.56 -10.48 -8.92
N HIS B 556 31.59 -9.70 -8.57
CA HIS B 556 32.93 -10.20 -8.34
C HIS B 556 33.31 -9.91 -6.90
N THR B 557 33.82 -10.91 -6.19
CA THR B 557 34.19 -10.77 -4.79
C THR B 557 35.70 -10.87 -4.63
N ILE B 558 36.28 -9.90 -3.93
CA ILE B 558 37.71 -9.83 -3.69
C ILE B 558 37.94 -9.80 -2.19
N LYS B 559 39.10 -10.31 -1.77
CA LYS B 559 39.51 -10.29 -0.37
C LYS B 559 40.59 -9.24 -0.18
N ILE B 560 40.44 -8.42 0.87
CA ILE B 560 41.39 -7.35 1.17
C ILE B 560 41.78 -7.45 2.63
N ASN B 561 42.83 -6.71 2.98
CA ASN B 561 43.33 -6.70 4.35
C ASN B 561 42.34 -5.99 5.26
N PRO B 562 41.79 -6.65 6.28
CA PRO B 562 40.77 -6.00 7.10
C PRO B 562 41.30 -4.81 7.90
N ASP B 563 42.59 -4.77 8.18
CA ASP B 563 43.14 -3.65 8.95
C ASP B 563 43.27 -2.39 8.08
N LYS B 564 43.66 -2.55 6.82
CA LYS B 564 43.88 -1.40 5.94
C LYS B 564 42.59 -0.78 5.43
N ILE B 565 41.43 -1.32 5.81
CA ILE B 565 40.16 -0.75 5.35
C ILE B 565 39.98 0.65 5.90
N LYS B 566 40.42 0.89 7.13
CA LYS B 566 40.29 2.23 7.71
C LYS B 566 41.37 3.17 7.19
N ASP B 567 42.49 2.63 6.72
CA ASP B 567 43.53 3.47 6.13
C ASP B 567 43.15 3.92 4.73
N VAL B 568 42.58 3.02 3.92
CA VAL B 568 42.25 3.36 2.54
C VAL B 568 40.88 4.01 2.43
N ILE B 569 39.88 3.53 3.19
CA ILE B 569 38.56 4.13 3.14
C ILE B 569 38.52 5.42 3.96
N GLY B 570 38.93 5.35 5.22
CA GLY B 570 38.83 6.49 6.09
C GLY B 570 37.47 6.59 6.73
N LYS B 571 37.30 7.66 7.50
CA LYS B 571 36.05 7.88 8.22
C LYS B 571 35.05 8.64 7.36
N GLY B 572 33.77 8.40 7.63
CA GLY B 572 32.69 9.02 6.89
C GLY B 572 32.35 8.35 5.58
N GLY B 573 33.13 7.39 5.13
CA GLY B 573 32.85 6.76 3.85
C GLY B 573 33.08 7.63 2.65
N SER B 574 33.96 8.63 2.77
CA SER B 574 34.15 9.59 1.69
C SER B 574 34.57 8.90 0.40
N VAL B 575 35.66 8.12 0.46
CA VAL B 575 36.19 7.54 -0.76
C VAL B 575 35.28 6.44 -1.31
N ILE B 576 34.56 5.72 -0.43
CA ILE B 576 33.67 4.69 -0.96
C ILE B 576 32.49 5.32 -1.67
N ARG B 577 31.91 6.39 -1.12
CA ARG B 577 30.90 7.11 -1.88
C ARG B 577 31.49 7.66 -3.18
N ALA B 578 32.74 8.11 -3.14
CA ALA B 578 33.39 8.60 -4.36
C ALA B 578 33.47 7.52 -5.42
N LEU B 579 33.91 6.32 -5.04
CA LEU B 579 34.06 5.24 -6.02
C LEU B 579 32.71 4.75 -6.51
N THR B 580 31.71 4.68 -5.62
CA THR B 580 30.40 4.20 -6.04
C THR B 580 29.69 5.21 -6.93
N GLU B 581 30.03 6.50 -6.80
CA GLU B 581 29.44 7.49 -7.69
C GLU B 581 30.24 7.69 -8.97
N GLU B 582 31.53 7.40 -8.96
CA GLU B 582 32.32 7.53 -10.19
C GLU B 582 32.17 6.29 -11.08
N THR B 583 32.24 5.09 -10.49
CA THR B 583 32.14 3.86 -11.25
C THR B 583 30.71 3.37 -11.39
N GLY B 584 29.80 3.87 -10.56
CA GLY B 584 28.41 3.43 -10.63
C GLY B 584 28.20 2.01 -10.17
N THR B 585 29.09 1.49 -9.34
CA THR B 585 28.97 0.14 -8.79
C THR B 585 28.61 0.22 -7.32
N THR B 586 28.17 -0.91 -6.78
CA THR B 586 27.81 -1.02 -5.37
C THR B 586 28.86 -1.86 -4.67
N ILE B 587 29.45 -1.29 -3.62
CA ILE B 587 30.53 -1.95 -2.88
C ILE B 587 30.14 -1.97 -1.41
N GLU B 588 30.23 -3.15 -0.81
CA GLU B 588 30.05 -3.31 0.63
C GLU B 588 31.28 -3.99 1.18
N ILE B 589 31.46 -3.89 2.49
CA ILE B 589 32.67 -4.38 3.13
C ILE B 589 32.31 -5.13 4.39
N GLU B 590 33.09 -6.16 4.71
CA GLU B 590 32.93 -6.95 5.91
C GLU B 590 34.13 -6.74 6.82
N ASP B 591 33.99 -7.19 8.06
CA ASP B 591 35.07 -7.05 9.03
C ASP B 591 36.26 -7.92 8.69
N ASP B 592 36.05 -8.99 7.92
CA ASP B 592 37.14 -9.91 7.57
C ASP B 592 37.91 -9.45 6.34
N GLY B 593 37.32 -8.64 5.48
CA GLY B 593 37.97 -8.22 4.26
C GLY B 593 37.25 -8.66 3.01
N THR B 594 36.05 -9.23 3.17
CA THR B 594 35.23 -9.63 2.04
C THR B 594 34.50 -8.42 1.49
N VAL B 595 34.64 -8.18 0.18
CA VAL B 595 33.97 -7.08 -0.49
C VAL B 595 33.42 -7.59 -1.82
N LYS B 596 32.16 -7.28 -2.08
CA LYS B 596 31.53 -7.64 -3.34
C LYS B 596 31.52 -6.43 -4.27
N ILE B 597 31.72 -6.68 -5.56
CA ILE B 597 31.67 -5.66 -6.59
C ILE B 597 30.53 -6.00 -7.52
N ALA B 598 29.54 -5.12 -7.59
CA ALA B 598 28.32 -5.38 -8.35
C ALA B 598 28.15 -4.29 -9.40
N ALA B 599 28.20 -4.68 -10.67
CA ALA B 599 28.07 -3.74 -11.77
C ALA B 599 27.55 -4.48 -12.98
N THR B 600 26.61 -3.87 -13.70
CA THR B 600 25.94 -4.53 -14.82
C THR B 600 26.83 -4.68 -16.03
N ASP B 601 28.12 -4.35 -15.93
CA ASP B 601 29.04 -4.50 -17.04
C ASP B 601 30.36 -5.04 -16.52
N GLY B 602 31.03 -5.83 -17.36
CA GLY B 602 32.31 -6.37 -16.96
C GLY B 602 33.40 -5.32 -16.85
N GLU B 603 33.54 -4.50 -17.90
CA GLU B 603 34.59 -3.48 -17.92
C GLU B 603 34.43 -2.49 -16.78
N LYS B 604 33.19 -2.21 -16.38
CA LYS B 604 32.96 -1.29 -15.27
C LYS B 604 33.44 -1.89 -13.96
N ALA B 605 33.18 -3.17 -13.74
CA ALA B 605 33.74 -3.86 -12.57
C ALA B 605 35.26 -3.90 -12.63
N LYS B 606 35.82 -4.04 -13.84
CA LYS B 606 37.27 -4.01 -13.98
C LYS B 606 37.82 -2.66 -13.54
N HIS B 607 37.18 -1.57 -13.98
CA HIS B 607 37.59 -0.25 -13.53
C HIS B 607 37.48 -0.10 -12.02
N ALA B 608 36.40 -0.63 -11.45
CA ALA B 608 36.22 -0.54 -10.00
C ALA B 608 37.33 -1.27 -9.26
N ILE B 609 37.64 -2.49 -9.69
CA ILE B 609 38.66 -3.27 -8.99
C ILE B 609 40.04 -2.67 -9.23
N ARG B 610 40.26 -2.07 -10.40
CA ARG B 610 41.49 -1.31 -10.61
C ARG B 610 41.61 -0.18 -9.60
N ARG B 611 40.53 0.58 -9.41
CA ARG B 611 40.56 1.66 -8.43
C ARG B 611 40.84 1.13 -7.02
N ILE B 612 40.21 0.01 -6.67
CA ILE B 612 40.41 -0.56 -5.33
C ILE B 612 41.85 -1.02 -5.15
N GLU B 613 42.45 -1.62 -6.19
CA GLU B 613 43.83 -2.05 -6.07
C GLU B 613 44.80 -0.88 -6.04
N GLU B 614 44.49 0.21 -6.74
CA GLU B 614 45.36 1.39 -6.67
C GLU B 614 45.28 2.02 -5.28
N ILE B 615 44.07 2.15 -4.73
CA ILE B 615 43.96 2.80 -3.42
C ILE B 615 44.52 1.89 -2.32
N THR B 616 44.40 0.57 -2.50
CA THR B 616 44.95 -0.40 -1.57
C THR B 616 46.32 -0.91 -2.00
N ALA B 617 47.04 -0.15 -2.82
CA ALA B 617 48.33 -0.58 -3.33
C ALA B 617 49.31 -0.82 -2.19
N GLU B 618 49.86 -2.03 -2.12
CA GLU B 618 50.87 -2.36 -1.14
C GLU B 618 52.20 -1.71 -1.52
N ILE B 619 53.25 -2.07 -0.78
CA ILE B 619 54.60 -1.57 -1.08
C ILE B 619 55.30 -2.67 -1.86
N GLU B 620 54.99 -2.75 -3.15
CA GLU B 620 55.57 -3.76 -4.02
C GLU B 620 57.02 -3.42 -4.33
N VAL B 621 57.92 -4.37 -4.07
CA VAL B 621 59.34 -4.14 -4.30
C VAL B 621 59.61 -4.13 -5.80
N GLY B 622 60.20 -3.03 -6.28
CA GLY B 622 60.58 -2.90 -7.67
C GLY B 622 59.61 -2.10 -8.52
N ARG B 623 58.42 -1.80 -8.02
CA ARG B 623 57.45 -1.03 -8.78
C ARG B 623 57.72 0.46 -8.61
N VAL B 624 57.62 1.20 -9.72
CA VAL B 624 57.87 2.63 -9.68
C VAL B 624 56.69 3.34 -9.04
N TYR B 625 56.99 4.29 -8.15
CA TYR B 625 55.98 5.09 -7.48
C TYR B 625 56.05 6.50 -8.05
N THR B 626 55.09 6.82 -8.91
CA THR B 626 55.11 8.08 -9.65
C THR B 626 54.43 9.18 -8.86
N GLY B 627 55.15 10.26 -8.62
CA GLY B 627 54.59 11.43 -7.95
C GLY B 627 54.74 12.66 -8.83
N LYS B 628 53.67 13.46 -8.88
CA LYS B 628 53.59 14.63 -9.74
C LYS B 628 53.59 15.87 -8.84
N VAL B 629 54.73 16.56 -8.77
CA VAL B 629 54.85 17.79 -8.02
C VAL B 629 54.67 18.96 -8.97
N THR B 630 53.61 19.74 -8.77
CA THR B 630 53.32 20.89 -9.62
C THR B 630 53.73 22.21 -8.99
N ARG B 631 53.79 22.29 -7.67
CA ARG B 631 54.20 23.50 -6.97
C ARG B 631 55.05 23.13 -5.77
N ILE B 632 56.09 23.92 -5.54
CA ILE B 632 57.06 23.68 -4.47
C ILE B 632 56.99 24.83 -3.49
N VAL B 633 57.02 24.50 -2.19
CA VAL B 633 56.95 25.48 -1.13
C VAL B 633 58.21 25.38 -0.29
N ASP B 634 58.32 26.28 0.69
CA ASP B 634 59.45 26.24 1.61
C ASP B 634 59.34 25.04 2.54
N PHE B 635 58.12 24.65 2.93
CA PHE B 635 57.93 23.60 3.90
C PHE B 635 57.93 22.20 3.30
N GLY B 636 57.91 22.07 1.98
CA GLY B 636 57.95 20.76 1.37
C GLY B 636 57.38 20.82 -0.04
N ALA B 637 57.16 19.62 -0.59
CA ALA B 637 56.65 19.46 -1.95
C ALA B 637 55.30 18.77 -1.88
N PHE B 638 54.23 19.55 -2.04
CA PHE B 638 52.88 18.99 -2.02
C PHE B 638 52.60 18.25 -3.31
N VAL B 639 52.37 16.94 -3.21
CA VAL B 639 52.07 16.08 -4.35
C VAL B 639 50.86 15.23 -3.98
N ALA B 640 49.83 15.28 -4.83
CA ALA B 640 48.58 14.56 -4.57
C ALA B 640 48.62 13.24 -5.33
N ILE B 641 48.69 12.13 -4.59
CA ILE B 641 48.61 10.79 -5.15
C ILE B 641 47.46 9.99 -4.55
N GLY B 642 46.64 10.61 -3.72
CA GLY B 642 45.49 9.97 -3.14
C GLY B 642 45.81 9.14 -1.90
N GLY B 643 44.75 8.76 -1.20
CA GLY B 643 44.88 7.93 -0.02
C GLY B 643 45.55 8.61 1.16
N GLY B 644 45.58 9.94 1.19
CA GLY B 644 46.21 10.64 2.29
C GLY B 644 47.70 10.42 2.37
N LYS B 645 48.33 9.94 1.30
CA LYS B 645 49.77 9.66 1.29
C LYS B 645 50.49 10.96 0.96
N GLU B 646 51.03 11.61 1.98
CA GLU B 646 51.82 12.82 1.82
C GLU B 646 53.04 12.73 2.70
N GLY B 647 54.20 13.09 2.14
CA GLY B 647 55.44 13.07 2.88
C GLY B 647 56.13 14.42 2.85
N LEU B 648 56.76 14.75 3.97
CA LEU B 648 57.51 16.00 4.08
C LEU B 648 58.95 15.76 3.68
N VAL B 649 59.36 16.39 2.58
CA VAL B 649 60.72 16.28 2.08
C VAL B 649 61.55 17.36 2.77
N HIS B 650 62.51 16.93 3.58
CA HIS B 650 63.32 17.88 4.34
C HIS B 650 64.29 18.62 3.44
N ILE B 651 64.63 19.85 3.84
CA ILE B 651 65.53 20.66 3.03
C ILE B 651 66.96 20.17 3.15
N SER B 652 67.29 19.47 4.24
CA SER B 652 68.63 18.97 4.46
C SER B 652 68.97 17.77 3.59
N GLN B 653 67.99 17.20 2.89
CA GLN B 653 68.21 16.07 2.00
C GLN B 653 68.16 16.46 0.53
N ILE B 654 68.08 17.76 0.23
CA ILE B 654 68.08 18.26 -1.13
C ILE B 654 69.48 18.67 -1.56
N ALA B 655 70.17 19.45 -0.72
CA ALA B 655 71.53 19.89 -1.02
C ALA B 655 72.22 20.23 0.29
N ASP B 656 73.55 20.23 0.26
CA ASP B 656 74.33 20.56 1.45
C ASP B 656 74.25 22.06 1.74
N LYS B 657 74.23 22.88 0.70
CA LYS B 657 74.12 24.33 0.86
C LYS B 657 72.65 24.76 0.87
N ARG B 658 72.42 25.96 1.40
CA ARG B 658 71.06 26.50 1.43
C ARG B 658 70.60 26.83 0.02
N VAL B 659 69.42 26.33 -0.34
CA VAL B 659 68.87 26.56 -1.67
C VAL B 659 68.16 27.91 -1.69
N GLU B 660 68.47 28.72 -2.70
CA GLU B 660 67.75 29.99 -2.88
C GLU B 660 66.48 29.78 -3.67
N LYS B 661 66.43 28.74 -4.51
CA LYS B 661 65.23 28.39 -5.26
C LYS B 661 65.26 26.89 -5.49
N VAL B 662 64.22 26.19 -5.04
CA VAL B 662 64.23 24.72 -5.08
C VAL B 662 64.19 24.24 -6.54
N THR B 663 63.66 25.05 -7.46
CA THR B 663 63.49 24.62 -8.84
C THR B 663 64.80 24.42 -9.59
N ASP B 664 65.92 24.93 -9.08
CA ASP B 664 67.18 24.79 -9.79
C ASP B 664 67.66 23.34 -9.78
N TYR B 665 67.47 22.64 -8.67
CA TYR B 665 67.92 21.26 -8.52
C TYR B 665 66.80 20.24 -8.55
N LEU B 666 65.58 20.64 -8.18
CA LEU B 666 64.41 19.77 -8.21
C LEU B 666 63.47 20.26 -9.31
N GLN B 667 63.07 19.35 -10.18
CA GLN B 667 62.23 19.70 -11.33
C GLN B 667 60.76 19.54 -10.99
N MET B 668 59.93 20.35 -11.64
CA MET B 668 58.48 20.26 -11.45
C MET B 668 57.93 19.06 -12.21
N GLY B 669 57.19 18.21 -11.51
CA GLY B 669 56.55 17.06 -12.12
C GLY B 669 57.46 15.89 -12.41
N GLN B 670 58.75 15.99 -12.13
CA GLN B 670 59.68 14.90 -12.41
C GLN B 670 59.39 13.72 -11.49
N GLU B 671 59.52 12.51 -12.04
CA GLU B 671 59.21 11.29 -11.31
C GLU B 671 60.25 11.04 -10.23
N VAL B 672 59.81 11.01 -8.98
CA VAL B 672 60.67 10.73 -7.84
C VAL B 672 60.35 9.34 -7.31
N PRO B 673 61.33 8.47 -7.13
CA PRO B 673 61.05 7.19 -6.46
C PRO B 673 60.93 7.38 -4.96
N VAL B 674 59.96 6.69 -4.36
CA VAL B 674 59.64 6.84 -2.96
C VAL B 674 59.63 5.46 -2.33
N LYS B 675 60.66 5.15 -1.54
CA LYS B 675 60.72 3.90 -0.78
C LYS B 675 60.27 4.17 0.65
N VAL B 676 59.23 3.46 1.08
CA VAL B 676 58.70 3.61 2.43
C VAL B 676 59.61 2.82 3.38
N LEU B 677 60.27 3.54 4.30
CA LEU B 677 61.19 2.88 5.21
C LEU B 677 60.43 2.10 6.29
N GLU B 678 59.38 2.71 6.86
CA GLU B 678 58.63 2.08 7.94
C GLU B 678 57.30 2.79 8.08
N VAL B 679 56.30 2.06 8.57
CA VAL B 679 54.94 2.56 8.75
C VAL B 679 54.69 2.64 10.25
N ASP B 680 54.68 3.86 10.78
CA ASP B 680 54.51 4.07 12.21
C ASP B 680 53.03 3.99 12.60
N ARG B 681 52.78 4.01 13.90
CA ARG B 681 51.41 3.97 14.41
C ARG B 681 50.65 5.25 14.09
N GLN B 682 51.33 6.39 14.10
CA GLN B 682 50.70 7.69 13.88
C GLN B 682 50.46 7.98 12.40
N GLY B 683 50.72 7.03 11.52
CA GLY B 683 50.56 7.25 10.11
C GLY B 683 51.67 8.07 9.47
N ARG B 684 52.80 8.22 10.14
CA ARG B 684 53.91 8.98 9.60
C ARG B 684 54.57 8.19 8.48
N ILE B 685 54.69 8.80 7.30
CA ILE B 685 55.39 8.24 6.16
C ILE B 685 56.45 9.22 5.70
N ARG B 686 57.65 8.73 5.42
CA ARG B 686 58.74 9.54 4.92
C ARG B 686 59.07 9.14 3.49
N LEU B 687 59.56 10.11 2.72
CA LEU B 687 59.96 9.88 1.34
C LEU B 687 61.48 9.83 1.26
N SER B 688 61.99 8.96 0.39
CA SER B 688 63.42 8.74 0.24
C SER B 688 63.78 8.88 -1.24
N ILE B 689 64.48 9.94 -1.58
CA ILE B 689 64.89 10.18 -2.96
C ILE B 689 66.30 9.71 -3.23
N LYS B 690 67.22 9.99 -2.29
CA LYS B 690 68.64 9.67 -2.51
C LYS B 690 68.86 8.17 -2.65
N GLU B 691 68.35 7.38 -1.68
CA GLU B 691 68.58 5.94 -1.71
C GLU B 691 67.71 5.24 -2.75
N ALA B 692 66.68 5.92 -3.27
CA ALA B 692 65.81 5.32 -4.27
C ALA B 692 66.21 5.67 -5.70
N THR B 693 67.01 6.72 -5.90
CA THR B 693 67.50 7.03 -7.23
C THR B 693 68.44 5.94 -7.75
N GLU B 694 69.34 5.46 -6.90
CA GLU B 694 70.24 4.38 -7.30
C GLU B 694 69.65 3.00 -7.06
N GLN B 695 68.80 2.86 -6.04
CA GLN B 695 68.15 1.57 -5.77
C GLN B 695 66.81 1.78 -5.07
N MET C 1 3.41 -31.78 -30.21
CA MET C 1 4.27 -30.87 -30.96
C MET C 1 3.58 -29.53 -31.20
N LEU C 2 4.38 -28.47 -31.26
CA LEU C 2 3.88 -27.12 -31.47
C LEU C 2 4.35 -26.60 -32.82
N ASN C 3 3.46 -25.92 -33.53
CA ASN C 3 3.72 -25.39 -34.87
C ASN C 3 3.60 -23.87 -34.83
N PRO C 4 4.67 -23.18 -34.50
CA PRO C 4 4.63 -21.71 -34.51
C PRO C 4 4.70 -21.16 -35.92
N ILE C 5 3.63 -20.46 -36.31
CA ILE C 5 3.59 -19.81 -37.63
C ILE C 5 4.25 -18.45 -37.47
N VAL C 6 5.46 -18.31 -37.97
CA VAL C 6 6.22 -17.08 -37.85
C VAL C 6 6.22 -16.37 -39.20
N ARG C 7 6.15 -15.04 -39.14
CA ARG C 7 6.16 -14.21 -40.34
C ARG C 7 6.85 -12.91 -39.98
N LYS C 8 8.03 -12.69 -40.55
CA LYS C 8 8.86 -11.54 -40.20
C LYS C 8 9.13 -10.69 -41.43
N PHE C 9 9.18 -9.38 -41.23
CA PHE C 9 9.39 -8.45 -42.33
C PHE C 9 10.34 -7.36 -41.86
N GLN C 10 10.47 -6.32 -42.69
CA GLN C 10 11.36 -5.21 -42.41
C GLN C 10 10.53 -3.95 -42.25
N TYR C 11 10.65 -3.30 -41.09
CA TYR C 11 9.94 -2.07 -40.78
C TYR C 11 10.98 -1.02 -40.43
N GLY C 12 11.10 0.01 -41.25
CA GLY C 12 12.12 1.01 -41.01
C GLY C 12 13.48 0.34 -40.95
N GLN C 13 14.14 0.46 -39.80
CA GLN C 13 15.43 -0.18 -39.58
C GLN C 13 15.33 -1.52 -38.89
N HIS C 14 14.34 -1.72 -38.02
CA HIS C 14 14.23 -2.97 -37.28
C HIS C 14 13.54 -4.04 -38.12
N THR C 15 13.48 -5.24 -37.56
CA THR C 15 12.89 -6.40 -38.23
C THR C 15 11.78 -6.95 -37.34
N VAL C 16 10.55 -6.53 -37.60
CA VAL C 16 9.42 -7.03 -36.84
C VAL C 16 9.19 -8.49 -37.19
N THR C 17 8.91 -9.31 -36.18
CA THR C 17 8.64 -10.74 -36.40
C THR C 17 7.35 -11.10 -35.68
N LEU C 18 6.28 -11.28 -36.45
CA LEU C 18 5.03 -11.77 -35.88
C LEU C 18 5.09 -13.28 -35.76
N GLU C 19 4.62 -13.81 -34.64
CA GLU C 19 4.76 -15.22 -34.34
C GLU C 19 3.54 -15.68 -33.56
N THR C 20 2.76 -16.58 -34.14
CA THR C 20 1.53 -17.05 -33.53
C THR C 20 1.47 -18.56 -33.57
N GLY C 21 0.54 -19.11 -32.80
CA GLY C 21 0.25 -20.52 -32.81
C GLY C 21 0.93 -21.32 -31.71
N MET C 22 1.93 -20.75 -31.06
CA MET C 22 2.70 -21.51 -30.07
C MET C 22 2.23 -21.28 -28.65
N MET C 23 1.79 -20.08 -28.32
CA MET C 23 1.46 -19.72 -26.95
C MET C 23 -0.03 -19.39 -26.84
N ALA C 24 -0.54 -19.49 -25.61
CA ALA C 24 -1.89 -19.07 -25.28
C ALA C 24 -2.92 -19.63 -26.24
N ARG C 25 -2.80 -20.92 -26.56
CA ARG C 25 -3.68 -21.52 -27.55
C ARG C 25 -5.14 -21.50 -27.12
N GLN C 26 -5.41 -21.27 -25.85
CA GLN C 26 -6.79 -21.32 -25.36
C GLN C 26 -7.52 -20.00 -25.55
N ALA C 27 -6.80 -18.88 -25.53
CA ALA C 27 -7.42 -17.60 -25.84
C ALA C 27 -7.89 -17.60 -27.28
N THR C 28 -8.70 -16.59 -27.62
CA THR C 28 -9.26 -16.54 -28.97
C THR C 28 -8.16 -16.38 -30.01
N ALA C 29 -7.08 -15.69 -29.68
CA ALA C 29 -5.91 -15.54 -30.54
C ALA C 29 -4.82 -14.87 -29.74
N ALA C 30 -3.57 -15.11 -30.14
CA ALA C 30 -2.44 -14.53 -29.43
C ALA C 30 -1.23 -14.53 -30.33
N VAL C 31 -0.62 -13.36 -30.52
CA VAL C 31 0.60 -13.22 -31.30
C VAL C 31 1.68 -12.61 -30.42
N MET C 32 2.90 -13.06 -30.62
CA MET C 32 4.06 -12.50 -29.94
C MET C 32 4.84 -11.70 -30.96
N VAL C 33 4.60 -10.39 -30.99
CA VAL C 33 5.27 -9.50 -31.94
C VAL C 33 6.54 -8.99 -31.29
N SER C 34 7.67 -9.21 -31.95
CA SER C 34 8.95 -8.76 -31.46
C SER C 34 9.63 -7.91 -32.52
N MET C 35 10.06 -6.71 -32.14
CA MET C 35 10.79 -5.82 -33.02
C MET C 35 12.14 -5.54 -32.39
N ASP C 36 13.21 -6.00 -33.04
CA ASP C 36 14.59 -5.68 -32.65
C ASP C 36 14.84 -5.98 -31.18
N ASP C 37 14.47 -7.17 -30.75
CA ASP C 37 14.66 -7.72 -29.40
C ASP C 37 13.69 -7.14 -28.38
N THR C 38 12.71 -6.35 -28.79
CA THR C 38 11.64 -5.92 -27.90
C THR C 38 10.39 -6.69 -28.28
N ALA C 39 9.87 -7.47 -27.35
CA ALA C 39 8.78 -8.39 -27.63
C ALA C 39 7.61 -8.11 -26.70
N VAL C 40 6.42 -8.01 -27.27
CA VAL C 40 5.20 -7.82 -26.51
C VAL C 40 4.24 -8.93 -26.88
N PHE C 41 3.67 -9.59 -25.88
CA PHE C 41 2.86 -10.79 -26.08
C PHE C 41 1.38 -10.41 -25.94
N VAL C 42 0.76 -10.04 -27.04
CA VAL C 42 -0.63 -9.58 -27.04
C VAL C 42 -1.55 -10.78 -27.22
N THR C 43 -2.69 -10.77 -26.52
CA THR C 43 -3.63 -11.87 -26.59
C THR C 43 -5.05 -11.36 -26.42
N VAL C 44 -5.96 -11.87 -27.26
CA VAL C 44 -7.33 -11.43 -27.31
C VAL C 44 -8.24 -12.61 -26.96
N VAL C 45 -9.27 -12.35 -26.16
CA VAL C 45 -10.26 -13.36 -25.82
C VAL C 45 -11.62 -12.69 -25.78
N GLY C 46 -12.49 -13.05 -26.71
CA GLY C 46 -13.80 -12.43 -26.79
C GLY C 46 -14.92 -13.43 -26.64
N GLN C 47 -15.78 -13.22 -25.66
CA GLN C 47 -16.87 -14.16 -25.41
C GLN C 47 -17.79 -14.23 -26.62
N LYS C 48 -18.42 -15.40 -26.80
CA LYS C 48 -19.28 -15.63 -27.94
C LYS C 48 -20.73 -15.21 -27.69
N LYS C 49 -21.20 -15.35 -26.46
CA LYS C 49 -22.60 -15.11 -26.12
C LYS C 49 -22.74 -13.66 -25.66
N ALA C 50 -23.48 -12.86 -26.44
CA ALA C 50 -23.79 -11.51 -26.03
C ALA C 50 -24.46 -11.51 -24.68
N LYS C 51 -23.97 -10.68 -23.77
CA LYS C 51 -24.59 -10.52 -22.48
C LYS C 51 -26.02 -10.02 -22.67
N PRO C 52 -27.03 -10.72 -22.15
CA PRO C 52 -28.42 -10.34 -22.44
C PRO C 52 -28.74 -8.94 -21.94
N GLY C 53 -29.15 -8.08 -22.87
CA GLY C 53 -29.51 -6.72 -22.54
C GLY C 53 -28.33 -5.84 -22.23
N GLN C 54 -27.45 -5.64 -23.22
CA GLN C 54 -26.33 -4.73 -23.09
C GLN C 54 -26.58 -3.48 -23.93
N ASP C 55 -26.10 -2.35 -23.43
CA ASP C 55 -26.28 -1.07 -24.09
C ASP C 55 -24.98 -0.46 -24.59
N PHE C 56 -23.87 -0.68 -23.90
CA PHE C 56 -22.59 -0.16 -24.33
C PHE C 56 -21.61 -1.31 -24.56
N PHE C 57 -20.64 -1.07 -25.44
CA PHE C 57 -19.73 -2.11 -25.87
C PHE C 57 -18.55 -2.20 -24.90
N PRO C 58 -18.36 -3.32 -24.22
CA PRO C 58 -17.35 -3.38 -23.16
C PRO C 58 -16.00 -3.91 -23.61
N LEU C 59 -15.21 -3.08 -24.27
CA LEU C 59 -13.85 -3.44 -24.65
C LEU C 59 -12.89 -2.88 -23.60
N THR C 60 -12.05 -3.74 -23.05
CA THR C 60 -11.03 -3.33 -22.10
C THR C 60 -9.66 -3.75 -22.62
N VAL C 61 -8.67 -2.86 -22.50
CA VAL C 61 -7.35 -3.13 -23.03
C VAL C 61 -6.31 -2.99 -21.93
N ASN C 62 -6.07 -4.07 -21.19
CA ASN C 62 -5.01 -4.05 -20.19
C ASN C 62 -3.65 -4.11 -20.86
N TYR C 63 -2.70 -3.41 -20.28
CA TYR C 63 -1.31 -3.42 -20.77
C TYR C 63 -0.40 -3.48 -19.56
N GLN C 64 0.50 -4.46 -19.54
CA GLN C 64 1.34 -4.73 -18.39
C GLN C 64 2.80 -4.72 -18.80
N GLU C 65 3.60 -3.90 -18.14
CA GLU C 65 5.04 -3.87 -18.36
C GLU C 65 5.66 -4.69 -17.25
N ARG C 66 5.95 -5.95 -17.52
CA ARG C 66 6.59 -6.80 -16.53
C ARG C 66 8.06 -6.43 -16.46
N THR C 67 8.51 -6.06 -15.25
CA THR C 67 9.82 -5.44 -15.12
C THR C 67 10.96 -6.44 -15.19
N TYR C 68 10.69 -7.70 -15.45
CA TYR C 68 11.77 -8.61 -15.79
C TYR C 68 12.15 -8.52 -17.24
N ALA C 69 11.53 -7.63 -18.00
CA ALA C 69 11.90 -7.44 -19.39
C ALA C 69 13.26 -6.79 -19.50
N ALA C 70 13.41 -5.59 -18.92
CA ALA C 70 14.72 -4.96 -18.90
C ALA C 70 15.74 -5.81 -18.16
N GLY C 71 15.31 -6.65 -17.24
CA GLY C 71 16.22 -7.52 -16.55
C GLY C 71 16.51 -7.07 -15.13
N ARG C 72 15.52 -6.53 -14.46
CA ARG C 72 15.68 -6.02 -13.11
C ARG C 72 14.55 -6.53 -12.23
N ILE C 73 14.89 -6.83 -10.98
CA ILE C 73 13.86 -7.10 -9.98
C ILE C 73 13.14 -5.79 -9.66
N PRO C 74 11.82 -5.78 -9.53
CA PRO C 74 11.11 -4.51 -9.29
C PRO C 74 11.59 -3.86 -8.00
N GLY C 75 11.26 -2.58 -7.87
CA GLY C 75 11.76 -1.80 -6.76
C GLY C 75 10.78 -1.67 -5.63
N SER C 76 9.53 -2.05 -5.87
CA SER C 76 8.48 -1.94 -4.86
C SER C 76 8.86 -2.70 -3.61
N PHE C 77 8.22 -2.42 -2.48
CA PHE C 77 8.60 -3.09 -1.25
C PHE C 77 8.24 -4.57 -1.30
N PHE C 78 7.12 -4.89 -1.93
CA PHE C 78 6.74 -6.29 -2.08
C PHE C 78 7.51 -7.00 -3.18
N ARG C 79 8.37 -6.28 -3.90
CA ARG C 79 9.21 -6.87 -4.95
C ARG C 79 8.36 -7.52 -6.03
N ARG C 80 7.31 -6.83 -6.47
CA ARG C 80 6.40 -7.40 -7.42
C ARG C 80 5.60 -6.31 -8.10
N GLU C 81 5.40 -6.45 -9.41
CA GLU C 81 4.63 -5.47 -10.16
C GLU C 81 3.21 -5.43 -9.65
N GLY C 82 2.71 -4.22 -9.43
CA GLY C 82 1.40 -4.08 -8.81
C GLY C 82 0.40 -3.33 -9.66
N ARG C 83 -0.14 -2.25 -9.12
CA ARG C 83 -1.06 -1.43 -9.88
C ARG C 83 -0.33 -0.85 -11.09
N PRO C 84 -0.98 -0.79 -12.25
CA PRO C 84 -0.29 -0.25 -13.42
C PRO C 84 0.04 1.21 -13.24
N SER C 85 1.27 1.57 -13.58
CA SER C 85 1.70 2.96 -13.42
C SER C 85 1.03 3.84 -14.45
N GLU C 86 1.24 5.14 -14.29
CA GLU C 86 0.63 6.11 -15.20
C GLU C 86 1.07 5.85 -16.64
N GLY C 87 2.31 5.43 -16.84
CA GLY C 87 2.77 5.14 -18.18
C GLY C 87 2.03 3.99 -18.83
N GLU C 88 1.82 2.91 -18.08
CA GLU C 88 1.12 1.76 -18.64
C GLU C 88 -0.34 2.08 -18.93
N THR C 89 -1.00 2.85 -18.07
CA THR C 89 -2.36 3.28 -18.38
C THR C 89 -2.39 4.15 -19.62
N LEU C 90 -1.40 5.02 -19.78
CA LEU C 90 -1.34 5.86 -20.96
C LEU C 90 -1.22 5.00 -22.21
N ILE C 91 -0.36 4.00 -22.19
CA ILE C 91 -0.19 3.17 -23.37
C ILE C 91 -1.40 2.26 -23.59
N ALA C 92 -2.11 1.91 -22.53
CA ALA C 92 -3.35 1.17 -22.71
C ALA C 92 -4.39 2.01 -23.43
N ARG C 93 -4.55 3.27 -23.02
CA ARG C 93 -5.46 4.15 -23.75
C ARG C 93 -5.00 4.35 -25.19
N LEU C 94 -3.69 4.39 -25.39
CA LEU C 94 -3.16 4.60 -26.74
C LEU C 94 -3.44 3.40 -27.63
N ILE C 95 -3.47 2.20 -27.06
CA ILE C 95 -3.88 1.02 -27.82
C ILE C 95 -5.38 1.02 -28.02
N ASP C 96 -6.13 1.53 -27.04
CA ASP C 96 -7.58 1.41 -27.04
C ASP C 96 -8.23 2.33 -28.06
N ARG C 97 -7.78 3.58 -28.13
CA ARG C 97 -8.47 4.56 -28.96
C ARG C 97 -8.48 4.25 -30.45
N PRO C 98 -7.50 3.56 -31.04
CA PRO C 98 -7.64 3.23 -32.47
C PRO C 98 -8.68 2.17 -32.75
N ILE C 99 -8.72 1.10 -31.93
CA ILE C 99 -9.47 -0.08 -32.35
C ILE C 99 -10.96 0.08 -32.09
N ARG C 100 -11.35 0.76 -31.01
CA ARG C 100 -12.75 0.86 -30.64
C ARG C 100 -13.66 1.34 -31.77
N PRO C 101 -13.27 2.32 -32.59
CA PRO C 101 -14.12 2.70 -33.71
C PRO C 101 -14.17 1.67 -34.83
N LEU C 102 -13.38 0.61 -34.75
CA LEU C 102 -13.34 -0.38 -35.83
C LEU C 102 -14.31 -1.52 -35.61
N PHE C 103 -14.60 -1.86 -34.37
CA PHE C 103 -15.61 -2.87 -34.08
C PHE C 103 -16.96 -2.41 -34.62
N PRO C 104 -17.64 -3.21 -35.43
CA PRO C 104 -18.82 -2.73 -36.15
C PRO C 104 -19.92 -2.31 -35.19
N GLU C 105 -20.74 -1.36 -35.66
CA GLU C 105 -21.78 -0.80 -34.82
C GLU C 105 -22.82 -1.85 -34.47
N GLY C 106 -23.18 -1.90 -33.19
CA GLY C 106 -24.09 -2.92 -32.72
C GLY C 106 -23.40 -4.16 -32.18
N PHE C 107 -22.12 -4.09 -31.89
CA PHE C 107 -21.37 -5.20 -31.31
C PHE C 107 -21.31 -4.99 -29.81
N VAL C 108 -21.63 -6.03 -29.05
CA VAL C 108 -21.69 -5.89 -27.60
C VAL C 108 -21.17 -7.12 -26.88
N ASN C 109 -20.30 -7.88 -27.54
CA ASN C 109 -19.65 -8.99 -26.88
C ASN C 109 -18.40 -8.49 -26.16
N GLU C 110 -18.25 -8.88 -24.90
CA GLU C 110 -17.06 -8.50 -24.16
C GLU C 110 -15.81 -8.97 -24.88
N VAL C 111 -14.82 -8.09 -24.97
CA VAL C 111 -13.57 -8.38 -25.64
C VAL C 111 -12.45 -7.76 -24.82
N GLN C 112 -11.41 -8.54 -24.54
CA GLN C 112 -10.36 -8.05 -23.68
C GLN C 112 -9.00 -8.34 -24.31
N VAL C 113 -8.15 -7.32 -24.36
CA VAL C 113 -6.85 -7.41 -25.03
C VAL C 113 -5.79 -7.18 -23.96
N ILE C 114 -5.11 -8.23 -23.55
CA ILE C 114 -4.08 -8.12 -22.53
C ILE C 114 -2.70 -8.19 -23.18
N ALA C 115 -2.07 -7.05 -23.37
CA ALA C 115 -0.77 -6.97 -24.02
C ALA C 115 0.31 -6.78 -22.96
N THR C 116 1.03 -7.84 -22.65
CA THR C 116 2.13 -7.76 -21.70
C THR C 116 3.46 -7.61 -22.43
N VAL C 117 4.46 -7.11 -21.72
CA VAL C 117 5.77 -6.79 -22.29
C VAL C 117 6.77 -7.76 -21.67
N VAL C 118 7.11 -8.81 -22.41
CA VAL C 118 8.00 -9.84 -21.87
C VAL C 118 9.46 -9.41 -21.96
N SER C 119 9.85 -8.77 -23.05
CA SER C 119 11.24 -8.38 -23.23
C SER C 119 11.31 -7.01 -23.87
N VAL C 120 12.24 -6.19 -23.40
CA VAL C 120 12.37 -4.81 -23.86
C VAL C 120 13.84 -4.53 -24.13
N ASN C 121 14.10 -3.77 -25.19
CA ASN C 121 15.43 -3.28 -25.50
C ASN C 121 15.43 -1.76 -25.42
N PRO C 122 16.36 -1.17 -24.68
CA PRO C 122 16.22 0.25 -24.32
C PRO C 122 16.11 1.18 -25.50
N GLN C 123 16.57 0.79 -26.68
CA GLN C 123 16.49 1.68 -27.82
C GLN C 123 15.11 1.69 -28.48
N VAL C 124 14.37 0.60 -28.37
CA VAL C 124 13.10 0.45 -29.08
C VAL C 124 11.96 0.53 -28.07
N ASN C 125 11.04 1.46 -28.28
CA ASN C 125 9.92 1.60 -27.36
C ASN C 125 8.95 0.45 -27.54
N PRO C 126 8.51 -0.19 -26.44
CA PRO C 126 7.60 -1.33 -26.60
C PRO C 126 6.22 -0.94 -27.07
N ASP C 127 5.81 0.32 -26.87
CA ASP C 127 4.42 0.70 -27.09
C ASP C 127 3.97 0.47 -28.52
N ILE C 128 4.78 0.86 -29.50
CA ILE C 128 4.40 0.63 -30.89
C ILE C 128 4.30 -0.86 -31.17
N VAL C 129 5.20 -1.64 -30.58
CA VAL C 129 5.12 -3.09 -30.74
C VAL C 129 3.80 -3.61 -30.18
N ALA C 130 3.39 -3.08 -29.04
CA ALA C 130 2.13 -3.53 -28.44
C ALA C 130 0.95 -3.18 -29.32
N MET C 131 0.99 -2.00 -29.95
CA MET C 131 -0.11 -1.62 -30.84
C MET C 131 -0.17 -2.53 -32.05
N ILE C 132 0.98 -2.79 -32.68
CA ILE C 132 1.01 -3.71 -33.82
C ILE C 132 0.51 -5.09 -33.41
N GLY C 133 0.91 -5.54 -32.22
CA GLY C 133 0.46 -6.84 -31.75
C GLY C 133 -1.03 -6.89 -31.47
N ALA C 134 -1.58 -5.81 -30.91
CA ALA C 134 -3.01 -5.78 -30.66
C ALA C 134 -3.79 -5.87 -31.96
N SER C 135 -3.36 -5.11 -32.98
CA SER C 135 -4.05 -5.19 -34.25
C SER C 135 -3.91 -6.57 -34.88
N ALA C 136 -2.71 -7.14 -34.84
CA ALA C 136 -2.51 -8.47 -35.42
C ALA C 136 -3.36 -9.52 -34.71
N ALA C 137 -3.39 -9.46 -33.37
CA ALA C 137 -4.16 -10.44 -32.62
C ALA C 137 -5.65 -10.30 -32.89
N LEU C 138 -6.16 -9.07 -32.91
CA LEU C 138 -7.58 -8.89 -33.19
C LEU C 138 -7.93 -9.36 -34.59
N SER C 139 -7.06 -9.09 -35.57
CA SER C 139 -7.35 -9.53 -36.92
C SER C 139 -7.29 -11.05 -37.04
N LEU C 140 -6.37 -11.70 -36.32
CA LEU C 140 -6.29 -13.15 -36.36
C LEU C 140 -7.52 -13.79 -35.74
N SER C 141 -8.02 -13.22 -34.64
CA SER C 141 -9.04 -13.87 -33.84
C SER C 141 -10.29 -14.15 -34.64
N GLY C 142 -10.64 -13.28 -35.56
CA GLY C 142 -11.88 -13.40 -36.28
C GLY C 142 -13.04 -12.70 -35.63
N ILE C 143 -12.81 -12.03 -34.50
CA ILE C 143 -13.84 -11.12 -33.97
C ILE C 143 -14.20 -10.12 -35.06
N PRO C 144 -15.46 -9.74 -35.22
CA PRO C 144 -15.80 -8.78 -36.27
C PRO C 144 -14.95 -7.52 -36.13
N PHE C 145 -14.15 -7.26 -37.16
CA PHE C 145 -13.11 -6.25 -37.13
C PHE C 145 -12.94 -5.73 -38.54
N ASN C 146 -12.85 -4.41 -38.68
CA ASN C 146 -12.83 -3.85 -40.01
C ASN C 146 -11.43 -3.51 -40.52
N GLY C 147 -10.56 -3.00 -39.67
CA GLY C 147 -9.20 -2.76 -40.08
C GLY C 147 -8.21 -3.73 -39.48
N PRO C 148 -7.20 -4.09 -40.22
CA PRO C 148 -5.95 -4.52 -39.60
C PRO C 148 -5.00 -3.33 -39.54
N ILE C 149 -4.83 -2.75 -38.36
CA ILE C 149 -4.39 -1.37 -38.21
C ILE C 149 -2.92 -1.35 -37.84
N GLY C 150 -2.13 -0.58 -38.59
CA GLY C 150 -0.74 -0.42 -38.26
C GLY C 150 -0.51 0.71 -37.26
N ALA C 151 0.69 0.74 -36.70
CA ALA C 151 1.11 1.83 -35.83
C ALA C 151 2.48 2.31 -36.23
N ALA C 152 2.68 3.62 -36.19
CA ALA C 152 3.97 4.20 -36.53
C ALA C 152 4.25 5.40 -35.63
N ARG C 153 5.53 5.63 -35.37
CA ARG C 153 5.99 6.80 -34.64
C ARG C 153 6.99 7.55 -35.51
N VAL C 154 6.78 8.85 -35.68
CA VAL C 154 7.62 9.66 -36.53
C VAL C 154 8.28 10.73 -35.69
N GLY C 155 9.52 11.07 -36.04
CA GLY C 155 10.22 12.14 -35.37
C GLY C 155 10.78 13.11 -36.39
N TYR C 156 10.95 14.35 -35.95
CA TYR C 156 11.51 15.40 -36.79
C TYR C 156 12.97 15.63 -36.39
N ILE C 157 13.89 15.24 -37.26
CA ILE C 157 15.31 15.41 -37.03
C ILE C 157 15.93 16.03 -38.27
N ASN C 158 16.60 17.17 -38.10
CA ASN C 158 17.24 17.89 -39.20
C ASN C 158 16.27 18.16 -40.34
N ASP C 159 15.01 18.46 -40.00
CA ASP C 159 13.95 18.81 -40.93
C ASP C 159 13.55 17.63 -41.82
N GLN C 160 13.93 16.42 -41.46
CA GLN C 160 13.57 15.22 -42.20
C GLN C 160 12.90 14.25 -41.24
N TYR C 161 11.74 13.73 -41.65
CA TYR C 161 11.04 12.78 -40.80
C TYR C 161 11.81 11.46 -40.72
N VAL C 162 11.78 10.84 -39.54
CA VAL C 162 12.38 9.53 -39.32
C VAL C 162 11.33 8.63 -38.70
N LEU C 163 11.15 7.45 -39.30
CA LEU C 163 10.17 6.51 -38.79
C LEU C 163 10.73 5.74 -37.60
N ASN C 164 9.90 5.58 -36.58
CA ASN C 164 10.24 4.79 -35.40
C ASN C 164 11.60 5.14 -34.81
N PRO C 165 11.83 6.39 -34.45
CA PRO C 165 13.16 6.77 -33.94
C PRO C 165 13.47 6.06 -32.63
N THR C 166 14.73 5.67 -32.49
CA THR C 166 15.20 5.16 -31.21
C THR C 166 15.24 6.29 -30.20
N GLN C 167 15.28 5.91 -28.91
CA GLN C 167 15.20 6.91 -27.85
C GLN C 167 16.30 7.95 -27.98
N ASP C 168 17.51 7.51 -28.32
CA ASP C 168 18.61 8.46 -28.51
C ASP C 168 18.33 9.41 -29.67
N GLU C 169 17.78 8.89 -30.76
CA GLU C 169 17.34 9.76 -31.84
C GLU C 169 16.21 10.67 -31.37
N LEU C 170 15.34 10.15 -30.51
CA LEU C 170 14.21 10.93 -30.02
C LEU C 170 14.65 12.15 -29.24
N LYS C 171 15.75 12.02 -28.48
CA LYS C 171 16.22 13.17 -27.71
C LYS C 171 16.55 14.35 -28.61
N GLU C 172 17.11 14.08 -29.79
CA GLU C 172 17.39 15.16 -30.73
C GLU C 172 16.11 15.68 -31.37
N SER C 173 15.12 14.82 -31.56
CA SER C 173 13.97 15.15 -32.39
C SER C 173 13.15 16.29 -31.80
N LYS C 174 12.56 17.10 -32.68
CA LYS C 174 11.69 18.17 -32.25
C LYS C 174 10.28 17.67 -31.95
N LEU C 175 9.82 16.67 -32.70
CA LEU C 175 8.45 16.21 -32.65
C LEU C 175 8.41 14.70 -32.42
N ASP C 176 7.53 14.26 -31.54
CA ASP C 176 7.26 12.84 -31.34
C ASP C 176 5.77 12.62 -31.56
N LEU C 177 5.44 11.83 -32.58
CA LEU C 177 4.05 11.66 -33.01
C LEU C 177 3.76 10.18 -33.19
N VAL C 178 2.59 9.75 -32.73
CA VAL C 178 2.11 8.38 -32.91
C VAL C 178 0.89 8.44 -33.81
N VAL C 179 0.97 7.83 -34.99
CA VAL C 179 -0.14 7.79 -35.93
C VAL C 179 -0.51 6.34 -36.17
N ALA C 180 -1.75 5.98 -35.90
CA ALA C 180 -2.26 4.64 -36.12
C ALA C 180 -3.48 4.72 -37.02
N GLY C 181 -3.43 4.07 -38.16
CA GLY C 181 -4.47 4.20 -39.17
C GLY C 181 -4.67 2.91 -39.93
N THR C 182 -5.88 2.77 -40.48
CA THR C 182 -6.24 1.64 -41.30
C THR C 182 -5.67 1.84 -42.71
N GLU C 183 -5.88 0.87 -43.59
CA GLU C 183 -5.46 1.03 -44.98
C GLU C 183 -6.13 2.23 -45.63
N ALA C 184 -7.31 2.61 -45.16
CA ALA C 184 -8.09 3.64 -45.85
C ALA C 184 -7.74 5.05 -45.40
N ALA C 185 -7.58 5.29 -44.10
CA ALA C 185 -7.34 6.64 -43.62
C ALA C 185 -6.82 6.60 -42.20
N VAL C 186 -6.22 7.71 -41.78
CA VAL C 186 -5.71 7.84 -40.42
C VAL C 186 -6.84 7.58 -39.44
N LEU C 187 -6.47 7.04 -38.28
CA LEU C 187 -7.47 6.73 -37.27
C LEU C 187 -7.17 7.31 -35.90
N MET C 188 -5.96 7.81 -35.64
CA MET C 188 -5.65 8.50 -34.40
C MET C 188 -4.27 9.10 -34.52
N VAL C 189 -4.06 10.21 -33.82
CA VAL C 189 -2.77 10.89 -33.76
C VAL C 189 -2.61 11.42 -32.34
N GLU C 190 -1.46 11.18 -31.72
CA GLU C 190 -1.20 11.69 -30.38
C GLU C 190 0.23 12.22 -30.35
N SER C 191 0.36 13.54 -30.44
CA SER C 191 1.64 14.17 -30.71
C SER C 191 2.17 14.91 -29.50
N GLU C 192 3.41 15.34 -29.62
CA GLU C 192 4.01 16.31 -28.71
C GLU C 192 5.10 16.99 -29.51
N ALA C 193 4.85 18.20 -29.98
CA ALA C 193 5.79 18.84 -30.87
C ALA C 193 6.62 19.85 -30.09
N GLN C 194 7.27 20.77 -30.79
CA GLN C 194 8.04 21.82 -30.17
C GLN C 194 7.80 23.10 -30.96
N LEU C 195 6.54 23.51 -31.02
CA LEU C 195 6.11 24.74 -31.69
C LEU C 195 6.42 24.67 -33.19
N LEU C 196 5.95 23.62 -33.83
CA LEU C 196 6.06 23.48 -35.28
C LEU C 196 4.81 24.02 -35.97
N SER C 197 4.99 24.42 -37.23
CA SER C 197 3.87 24.89 -38.02
C SER C 197 2.93 23.74 -38.34
N GLU C 198 1.72 24.09 -38.78
CA GLU C 198 0.69 23.09 -39.05
C GLU C 198 1.06 22.22 -40.23
N ASP C 199 1.75 22.79 -41.23
CA ASP C 199 2.11 22.00 -42.39
C ASP C 199 3.05 20.87 -42.03
N GLN C 200 3.98 21.13 -41.10
CA GLN C 200 4.91 20.10 -40.68
C GLN C 200 4.20 18.97 -39.95
N MET C 201 3.26 19.31 -39.07
CA MET C 201 2.52 18.27 -38.35
C MET C 201 1.67 17.45 -39.30
N LEU C 202 1.03 18.10 -40.28
CA LEU C 202 0.22 17.36 -41.24
C LEU C 202 1.11 16.44 -42.10
N GLY C 203 2.25 16.95 -42.54
CA GLY C 203 3.19 16.11 -43.27
C GLY C 203 3.63 14.92 -42.46
N ALA C 204 3.92 15.13 -41.18
CA ALA C 204 4.31 14.02 -40.31
C ALA C 204 3.21 12.96 -40.27
N VAL C 205 1.96 13.39 -40.09
CA VAL C 205 0.87 12.43 -40.01
C VAL C 205 0.77 11.63 -41.30
N VAL C 206 0.77 12.32 -42.44
CA VAL C 206 0.59 11.61 -43.70
C VAL C 206 1.77 10.69 -43.99
N PHE C 207 2.98 11.11 -43.58
CA PHE C 207 4.15 10.27 -43.78
C PHE C 207 4.05 9.00 -42.95
N GLY C 208 3.75 9.14 -41.66
CA GLY C 208 3.61 7.98 -40.81
C GLY C 208 2.59 6.99 -41.34
N HIS C 209 1.45 7.50 -41.82
CA HIS C 209 0.41 6.59 -42.31
C HIS C 209 0.88 5.89 -43.59
N GLU C 210 1.38 6.67 -44.55
CA GLU C 210 1.87 6.11 -45.80
C GLU C 210 2.94 5.05 -45.56
N GLN C 211 3.71 5.19 -44.48
CA GLN C 211 4.76 4.21 -44.23
C GLN C 211 4.24 2.97 -43.52
N GLN C 212 3.39 3.14 -42.51
CA GLN C 212 2.85 1.99 -41.80
C GLN C 212 1.93 1.13 -42.65
N GLN C 213 1.55 1.62 -43.83
CA GLN C 213 0.91 0.75 -44.82
C GLN C 213 1.57 -0.63 -44.90
N VAL C 214 2.90 -0.70 -44.71
CA VAL C 214 3.61 -1.96 -44.85
C VAL C 214 3.20 -2.94 -43.76
N VAL C 215 3.23 -2.49 -42.50
CA VAL C 215 2.77 -3.33 -41.39
C VAL C 215 1.35 -3.80 -41.66
N ILE C 216 0.52 -2.93 -42.21
CA ILE C 216 -0.86 -3.33 -42.48
C ILE C 216 -0.90 -4.48 -43.48
N GLN C 217 -0.18 -4.33 -44.60
CA GLN C 217 -0.17 -5.39 -45.61
C GLN C 217 0.32 -6.71 -45.02
N ASN C 218 1.35 -6.65 -44.19
CA ASN C 218 1.93 -7.89 -43.71
C ASN C 218 1.05 -8.58 -42.68
N ILE C 219 0.36 -7.79 -41.84
CA ILE C 219 -0.60 -8.41 -40.93
C ILE C 219 -1.74 -9.04 -41.72
N ASN C 220 -2.15 -8.41 -42.83
CA ASN C 220 -3.16 -9.03 -43.68
C ASN C 220 -2.68 -10.36 -44.24
N GLU C 221 -1.42 -10.41 -44.66
CA GLU C 221 -0.88 -11.67 -45.17
C GLU C 221 -0.86 -12.75 -44.10
N LEU C 222 -0.43 -12.39 -42.89
CA LEU C 222 -0.45 -13.37 -41.80
C LEU C 222 -1.86 -13.88 -41.54
N VAL C 223 -2.84 -12.97 -41.45
CA VAL C 223 -4.22 -13.38 -41.27
C VAL C 223 -4.63 -14.38 -42.34
N LYS C 224 -4.30 -14.07 -43.61
CA LYS C 224 -4.66 -14.97 -44.69
C LYS C 224 -4.00 -16.33 -44.52
N GLU C 225 -2.80 -16.37 -43.96
CA GLU C 225 -2.08 -17.63 -43.84
C GLU C 225 -2.61 -18.48 -42.70
N ALA C 226 -2.62 -17.92 -41.49
CA ALA C 226 -2.84 -18.71 -40.28
C ALA C 226 -3.84 -18.06 -39.35
N GLY C 227 -4.94 -17.54 -39.89
CA GLY C 227 -5.99 -16.97 -39.09
C GLY C 227 -7.12 -17.96 -38.85
N LYS C 228 -8.06 -17.53 -38.03
CA LYS C 228 -9.24 -18.31 -37.69
C LYS C 228 -10.42 -17.86 -38.52
N PRO C 229 -11.45 -18.71 -38.66
CA PRO C 229 -12.59 -18.33 -39.48
C PRO C 229 -13.44 -17.27 -38.80
N ARG C 230 -13.94 -16.34 -39.62
CA ARG C 230 -14.65 -15.18 -39.09
C ARG C 230 -15.93 -15.62 -38.40
N TRP C 231 -16.26 -14.94 -37.31
CA TRP C 231 -17.49 -15.24 -36.60
C TRP C 231 -18.69 -15.04 -37.51
N ASP C 232 -19.74 -15.83 -37.27
CA ASP C 232 -20.99 -15.70 -38.00
C ASP C 232 -21.85 -14.74 -37.18
N TRP C 233 -21.60 -13.45 -37.36
CA TRP C 233 -22.24 -12.42 -36.55
C TRP C 233 -22.93 -11.43 -37.47
N GLN C 234 -24.23 -11.20 -37.23
CA GLN C 234 -25.02 -10.31 -38.04
C GLN C 234 -25.60 -9.22 -37.16
N PRO C 235 -25.51 -7.95 -37.57
CA PRO C 235 -26.15 -6.89 -36.78
C PRO C 235 -27.65 -7.09 -36.71
N GLU C 236 -28.26 -6.53 -35.68
CA GLU C 236 -29.70 -6.60 -35.51
C GLU C 236 -30.39 -5.97 -36.71
N PRO C 237 -31.21 -6.71 -37.46
CA PRO C 237 -31.91 -6.12 -38.61
C PRO C 237 -32.74 -4.91 -38.20
N VAL C 238 -32.52 -3.80 -38.89
CA VAL C 238 -33.18 -2.54 -38.55
C VAL C 238 -34.68 -2.69 -38.72
N ASN C 239 -35.42 -2.42 -37.65
CA ASN C 239 -36.88 -2.44 -37.65
C ASN C 239 -37.34 -1.15 -38.30
N GLU C 240 -37.38 -1.14 -39.64
CA GLU C 240 -37.76 0.07 -40.36
C GLU C 240 -39.18 0.51 -40.03
N ALA C 241 -40.06 -0.44 -39.72
CA ALA C 241 -41.45 -0.10 -39.43
C ALA C 241 -41.56 0.78 -38.20
N LEU C 242 -40.96 0.34 -37.09
CA LEU C 242 -41.03 1.12 -35.86
C LEU C 242 -40.30 2.45 -35.99
N ASN C 243 -39.13 2.42 -36.64
CA ASN C 243 -38.37 3.66 -36.83
C ASN C 243 -39.19 4.67 -37.60
N ALA C 244 -39.77 4.26 -38.73
CA ALA C 244 -40.58 5.18 -39.52
C ALA C 244 -41.83 5.61 -38.78
N ARG C 245 -42.41 4.72 -37.96
CA ARG C 245 -43.60 5.10 -37.21
C ARG C 245 -43.27 6.23 -36.23
N VAL C 246 -42.19 6.08 -35.47
CA VAL C 246 -41.82 7.12 -34.53
C VAL C 246 -41.38 8.38 -35.26
N ALA C 247 -40.72 8.23 -36.41
CA ALA C 247 -40.23 9.38 -37.13
C ALA C 247 -41.36 10.21 -37.71
N ALA C 248 -42.40 9.54 -38.25
CA ALA C 248 -43.52 10.27 -38.84
C ALA C 248 -44.16 11.23 -37.86
N LEU C 249 -44.11 10.92 -36.56
CA LEU C 249 -44.66 11.82 -35.56
C LEU C 249 -43.61 12.76 -34.98
N ALA C 250 -42.34 12.33 -34.92
CA ALA C 250 -41.35 13.08 -34.17
C ALA C 250 -40.49 14.02 -35.01
N GLU C 251 -40.34 13.76 -36.31
CA GLU C 251 -39.32 14.46 -37.09
C GLU C 251 -39.52 15.97 -37.05
N ALA C 252 -40.66 16.44 -37.55
CA ALA C 252 -40.88 17.88 -37.65
C ALA C 252 -40.96 18.53 -36.27
N ARG C 253 -41.63 17.86 -35.32
CA ARG C 253 -41.79 18.45 -34.00
C ARG C 253 -40.45 18.62 -33.29
N LEU C 254 -39.59 17.60 -33.34
CA LEU C 254 -38.27 17.75 -32.71
C LEU C 254 -37.37 18.68 -33.51
N SER C 255 -37.52 18.74 -34.82
CA SER C 255 -36.77 19.72 -35.60
C SER C 255 -37.09 21.14 -35.15
N ASP C 256 -38.39 21.45 -35.02
CA ASP C 256 -38.78 22.77 -34.56
C ASP C 256 -38.41 23.01 -33.10
N ALA C 257 -38.47 21.96 -32.27
CA ALA C 257 -38.06 22.10 -30.88
C ALA C 257 -36.59 22.45 -30.77
N TYR C 258 -35.75 21.82 -31.60
CA TYR C 258 -34.34 22.15 -31.63
C TYR C 258 -34.08 23.48 -32.35
N ARG C 259 -35.03 23.93 -33.17
CA ARG C 259 -34.82 25.16 -33.92
C ARG C 259 -34.84 26.39 -33.03
N ILE C 260 -35.55 26.32 -31.90
CA ILE C 260 -35.68 27.49 -31.04
C ILE C 260 -34.37 27.69 -30.27
N THR C 261 -34.01 28.95 -30.03
CA THR C 261 -32.68 29.29 -29.53
C THR C 261 -32.47 28.79 -28.11
N ASP C 262 -33.41 29.05 -27.20
CA ASP C 262 -33.22 28.75 -25.79
C ASP C 262 -32.95 27.27 -25.58
N LYS C 263 -31.94 26.99 -24.74
CA LYS C 263 -31.50 25.60 -24.55
C LYS C 263 -32.41 24.85 -23.59
N GLN C 264 -32.79 25.47 -22.47
CA GLN C 264 -33.51 24.73 -21.43
C GLN C 264 -34.96 24.49 -21.81
N GLU C 265 -35.59 25.42 -22.54
CA GLU C 265 -36.95 25.16 -23.00
C GLU C 265 -36.97 24.00 -23.97
N ARG C 266 -35.97 23.94 -24.87
CA ARG C 266 -35.85 22.78 -25.75
C ARG C 266 -35.61 21.51 -24.95
N TYR C 267 -34.74 21.59 -23.94
CA TYR C 267 -34.52 20.46 -23.05
C TYR C 267 -35.83 19.90 -22.52
N ALA C 268 -36.63 20.77 -21.90
CA ALA C 268 -37.89 20.35 -21.31
C ALA C 268 -38.86 19.84 -22.37
N GLN C 269 -38.97 20.54 -23.51
CA GLN C 269 -39.93 20.15 -24.53
C GLN C 269 -39.60 18.79 -25.12
N VAL C 270 -38.33 18.58 -25.47
CA VAL C 270 -37.96 17.29 -26.05
C VAL C 270 -38.05 16.19 -25.00
N ASP C 271 -37.79 16.48 -23.73
CA ASP C 271 -37.99 15.46 -22.71
C ASP C 271 -39.47 15.08 -22.57
N VAL C 272 -40.37 16.06 -22.67
CA VAL C 272 -41.78 15.71 -22.53
C VAL C 272 -42.30 14.99 -23.77
N ILE C 273 -41.81 15.35 -24.96
CA ILE C 273 -42.17 14.58 -26.15
C ILE C 273 -41.59 13.17 -26.05
N LYS C 274 -40.40 13.04 -25.47
CA LYS C 274 -39.83 11.71 -25.25
C LYS C 274 -40.70 10.89 -24.30
N SER C 275 -41.15 11.51 -23.21
CA SER C 275 -42.04 10.81 -22.28
C SER C 275 -43.33 10.38 -22.96
N GLU C 276 -43.93 11.27 -23.76
CA GLU C 276 -45.15 10.94 -24.47
C GLU C 276 -44.93 9.78 -25.43
N THR C 277 -43.82 9.82 -26.18
CA THR C 277 -43.56 8.78 -27.16
C THR C 277 -43.30 7.44 -26.49
N ILE C 278 -42.51 7.43 -25.41
CA ILE C 278 -42.24 6.15 -24.75
C ILE C 278 -43.50 5.63 -24.08
N ALA C 279 -44.36 6.52 -23.57
CA ALA C 279 -45.62 6.08 -23.01
C ALA C 279 -46.49 5.39 -24.07
N THR C 280 -46.58 6.00 -25.25
CA THR C 280 -47.34 5.38 -26.33
C THR C 280 -46.71 4.06 -26.76
N LEU C 281 -45.38 4.03 -26.86
CA LEU C 281 -44.68 2.84 -27.31
C LEU C 281 -44.89 1.67 -26.35
N LEU C 282 -44.91 1.95 -25.04
CA LEU C 282 -45.17 0.88 -24.08
C LEU C 282 -46.64 0.49 -24.06
N ALA C 283 -47.55 1.47 -24.05
CA ALA C 283 -48.97 1.17 -23.96
C ALA C 283 -49.45 0.37 -25.17
N GLU C 284 -49.01 0.75 -26.37
CA GLU C 284 -49.41 0.04 -27.57
C GLU C 284 -48.91 -1.39 -27.57
N ASP C 285 -47.69 -1.60 -27.07
CA ASP C 285 -47.11 -2.94 -27.04
C ASP C 285 -46.07 -2.94 -25.93
N GLU C 286 -46.33 -3.71 -24.87
CA GLU C 286 -45.39 -3.76 -23.74
C GLU C 286 -44.07 -4.40 -24.13
N THR C 287 -44.11 -5.37 -25.06
CA THR C 287 -42.93 -6.20 -25.32
C THR C 287 -41.76 -5.39 -25.87
N LEU C 288 -42.04 -4.31 -26.59
CA LEU C 288 -40.96 -3.51 -27.17
C LEU C 288 -40.01 -3.04 -26.09
N ASP C 289 -38.73 -3.35 -26.25
CA ASP C 289 -37.74 -3.08 -25.22
C ASP C 289 -37.49 -1.59 -25.08
N GLU C 290 -37.22 -1.15 -23.85
CA GLU C 290 -36.98 0.27 -23.61
C GLU C 290 -35.71 0.75 -24.30
N ASN C 291 -34.66 -0.07 -24.28
CA ASN C 291 -33.39 0.33 -24.88
C ASN C 291 -33.54 0.57 -26.37
N GLU C 292 -34.43 -0.19 -27.02
CA GLU C 292 -34.71 0.04 -28.44
C GLU C 292 -35.28 1.44 -28.65
N LEU C 293 -36.20 1.85 -27.79
CA LEU C 293 -36.78 3.19 -27.90
C LEU C 293 -35.73 4.26 -27.62
N GLY C 294 -34.83 3.99 -26.66
CA GLY C 294 -33.76 4.92 -26.37
C GLY C 294 -32.83 5.11 -27.55
N GLU C 295 -32.50 4.00 -28.21
CA GLU C 295 -31.69 4.06 -29.43
C GLU C 295 -32.42 4.83 -30.52
N ILE C 296 -33.73 4.62 -30.65
CA ILE C 296 -34.49 5.33 -31.67
C ILE C 296 -34.43 6.83 -31.42
N LEU C 297 -34.65 7.23 -30.16
CA LEU C 297 -34.62 8.64 -29.82
C LEU C 297 -33.24 9.24 -30.04
N HIS C 298 -32.19 8.50 -29.66
CA HIS C 298 -30.82 8.96 -29.93
C HIS C 298 -30.60 9.16 -31.41
N ALA C 299 -31.09 8.24 -32.24
CA ALA C 299 -30.94 8.38 -33.67
C ALA C 299 -31.66 9.63 -34.17
N ILE C 300 -32.87 9.88 -33.67
CA ILE C 300 -33.62 11.05 -34.13
C ILE C 300 -32.88 12.34 -33.77
N GLU C 301 -32.43 12.46 -32.52
CA GLU C 301 -31.76 13.69 -32.11
C GLU C 301 -30.46 13.88 -32.89
N LYS C 302 -29.65 12.83 -32.99
CA LYS C 302 -28.42 12.92 -33.76
C LYS C 302 -28.71 13.35 -35.20
N ASN C 303 -29.69 12.71 -35.83
CA ASN C 303 -29.99 13.01 -37.23
C ASN C 303 -30.42 14.46 -37.39
N VAL C 304 -31.30 14.94 -36.52
CA VAL C 304 -31.79 16.30 -36.69
C VAL C 304 -30.67 17.31 -36.46
N VAL C 305 -29.86 17.12 -35.43
CA VAL C 305 -28.81 18.11 -35.17
C VAL C 305 -27.75 18.07 -36.27
N ARG C 306 -27.45 16.88 -36.80
CA ARG C 306 -26.49 16.77 -37.88
C ARG C 306 -27.00 17.44 -39.15
N SER C 307 -28.23 17.11 -39.54
CA SER C 307 -28.83 17.75 -40.71
C SER C 307 -28.87 19.26 -40.55
N ARG C 308 -29.10 19.74 -39.33
CA ARG C 308 -29.11 21.17 -39.10
C ARG C 308 -27.74 21.77 -39.30
N VAL C 309 -26.73 21.23 -38.61
CA VAL C 309 -25.39 21.84 -38.67
C VAL C 309 -24.83 21.74 -40.07
N LEU C 310 -25.23 20.73 -40.83
CA LEU C 310 -24.73 20.58 -42.20
C LEU C 310 -25.28 21.69 -43.10
N ALA C 311 -26.56 22.00 -42.98
CA ALA C 311 -27.18 23.01 -43.82
C ALA C 311 -26.68 24.42 -43.53
N GLY C 312 -25.90 24.62 -42.48
CA GLY C 312 -25.41 25.94 -42.13
C GLY C 312 -26.26 26.68 -41.13
N GLU C 313 -27.32 26.07 -40.61
CA GLU C 313 -28.14 26.70 -39.60
C GLU C 313 -27.36 26.76 -38.28
N PRO C 314 -27.61 27.76 -37.44
CA PRO C 314 -26.84 27.88 -36.20
C PRO C 314 -26.97 26.67 -35.30
N ARG C 315 -25.90 26.37 -34.59
CA ARG C 315 -25.80 25.18 -33.76
C ARG C 315 -26.73 25.29 -32.54
N ILE C 316 -26.77 24.21 -31.77
CA ILE C 316 -27.60 24.20 -30.56
C ILE C 316 -27.18 25.31 -29.61
N ASP C 317 -25.89 25.60 -29.54
CA ASP C 317 -25.40 26.68 -28.70
C ASP C 317 -25.91 28.03 -29.21
N GLY C 318 -26.09 28.16 -30.52
CA GLY C 318 -26.44 29.42 -31.13
C GLY C 318 -25.29 30.17 -31.75
N ARG C 319 -24.10 29.59 -31.78
CA ARG C 319 -22.93 30.22 -32.38
C ARG C 319 -22.73 29.72 -33.80
N GLU C 320 -22.06 30.53 -34.60
CA GLU C 320 -21.60 30.08 -35.90
C GLU C 320 -20.47 29.08 -35.72
N LYS C 321 -20.10 28.40 -36.80
CA LYS C 321 -19.07 27.38 -36.70
C LYS C 321 -17.75 27.97 -36.23
N ASP C 322 -17.44 29.20 -36.62
CA ASP C 322 -16.17 29.81 -36.22
C ASP C 322 -16.18 30.24 -34.75
N MET C 323 -17.31 30.75 -34.27
CA MET C 323 -17.36 31.48 -33.01
C MET C 323 -16.89 30.62 -31.84
N ILE C 324 -15.97 31.17 -31.06
CA ILE C 324 -15.56 30.56 -29.80
C ILE C 324 -16.45 31.11 -28.70
N ARG C 325 -16.79 30.27 -27.73
CA ARG C 325 -17.58 30.73 -26.60
C ARG C 325 -16.84 31.80 -25.82
N GLY C 326 -17.59 32.69 -25.18
CA GLY C 326 -16.96 33.76 -24.43
C GLY C 326 -16.11 33.24 -23.30
N LEU C 327 -15.00 33.92 -23.05
CA LEU C 327 -14.05 33.51 -22.03
C LEU C 327 -13.91 34.59 -20.98
N ASP C 328 -13.51 34.18 -19.78
CA ASP C 328 -13.26 35.09 -18.67
C ASP C 328 -12.06 34.56 -17.90
N VAL C 329 -10.94 35.25 -17.99
CA VAL C 329 -9.69 34.82 -17.39
C VAL C 329 -9.48 35.55 -16.07
N ARG C 330 -9.18 34.78 -15.02
CA ARG C 330 -8.91 35.33 -13.71
C ARG C 330 -7.61 34.73 -13.20
N THR C 331 -6.81 35.54 -12.51
CA THR C 331 -5.51 35.11 -12.04
C THR C 331 -5.35 35.48 -10.57
N GLY C 332 -4.46 34.76 -9.90
CA GLY C 332 -4.26 34.96 -8.47
C GLY C 332 -5.50 34.73 -7.64
N VAL C 333 -6.38 33.82 -8.09
CA VAL C 333 -7.64 33.63 -7.40
C VAL C 333 -7.44 32.98 -6.04
N LEU C 334 -6.37 32.18 -5.90
CA LEU C 334 -6.14 31.54 -4.60
C LEU C 334 -5.14 32.36 -3.80
N PRO C 335 -5.39 32.57 -2.51
CA PRO C 335 -4.55 33.51 -1.76
C PRO C 335 -3.12 33.05 -1.53
N ARG C 336 -2.92 31.78 -1.19
CA ARG C 336 -1.63 31.34 -0.67
C ARG C 336 -0.89 30.35 -1.57
N THR C 337 -1.48 29.87 -2.64
CA THR C 337 -0.73 29.02 -3.55
C THR C 337 0.35 29.82 -4.25
N HIS C 338 1.38 29.12 -4.72
CA HIS C 338 2.50 29.79 -5.36
C HIS C 338 2.06 30.54 -6.61
N GLY C 339 1.03 30.04 -7.28
CA GLY C 339 0.47 30.72 -8.42
C GLY C 339 -0.78 30.00 -8.87
N SER C 340 -1.83 30.75 -9.20
CA SER C 340 -3.09 30.11 -9.56
C SER C 340 -3.82 30.96 -10.57
N ALA C 341 -4.76 30.34 -11.26
CA ALA C 341 -5.57 31.03 -12.24
C ALA C 341 -6.88 30.28 -12.39
N LEU C 342 -7.83 30.93 -13.04
CA LEU C 342 -9.17 30.36 -13.21
C LEU C 342 -9.62 30.68 -14.62
N PHE C 343 -9.64 29.68 -15.48
CA PHE C 343 -9.91 29.88 -16.90
C PHE C 343 -11.30 29.37 -17.21
N THR C 344 -12.25 30.28 -17.31
CA THR C 344 -13.63 29.94 -17.66
C THR C 344 -13.86 30.23 -19.14
N ARG C 345 -14.20 29.21 -19.89
CA ARG C 345 -14.60 29.36 -21.28
C ARG C 345 -15.99 28.79 -21.44
N GLY C 346 -16.95 29.63 -21.81
CA GLY C 346 -18.32 29.20 -21.93
C GLY C 346 -18.81 28.58 -20.65
N GLU C 347 -19.00 27.26 -20.68
CA GLU C 347 -19.32 26.51 -19.47
C GLU C 347 -18.17 25.65 -18.98
N THR C 348 -17.14 25.43 -19.80
CA THR C 348 -15.98 24.66 -19.35
C THR C 348 -15.06 25.56 -18.55
N GLN C 349 -14.72 25.15 -17.34
CA GLN C 349 -13.96 25.98 -16.43
C GLN C 349 -12.90 25.12 -15.75
N ALA C 350 -11.79 25.74 -15.38
CA ALA C 350 -10.72 25.00 -14.73
C ALA C 350 -9.98 25.92 -13.79
N LEU C 351 -9.70 25.43 -12.60
CA LEU C 351 -8.98 26.17 -11.57
C LEU C 351 -7.59 25.56 -11.48
N VAL C 352 -6.65 26.16 -12.17
CA VAL C 352 -5.30 25.63 -12.29
C VAL C 352 -4.40 26.34 -11.30
N THR C 353 -3.46 25.60 -10.70
CA THR C 353 -2.60 26.14 -9.67
C THR C 353 -1.23 25.50 -9.77
N ALA C 354 -0.18 26.33 -9.86
CA ALA C 354 1.18 25.85 -10.03
C ALA C 354 1.97 26.08 -8.74
N THR C 355 2.72 25.07 -8.32
CA THR C 355 3.47 25.13 -7.07
C THR C 355 4.90 24.72 -7.31
N LEU C 356 5.85 25.55 -6.89
CA LEU C 356 7.26 25.26 -7.04
C LEU C 356 7.78 24.48 -5.84
N GLY C 357 8.82 23.69 -6.07
CA GLY C 357 9.49 22.96 -5.02
C GLY C 357 10.92 22.72 -5.40
N THR C 358 11.66 22.11 -4.49
CA THR C 358 13.08 21.86 -4.71
C THR C 358 13.29 20.47 -5.27
N ALA C 359 14.53 20.21 -5.70
CA ALA C 359 14.83 19.02 -6.49
C ALA C 359 14.55 17.73 -5.75
N ARG C 360 14.40 17.76 -4.43
CA ARG C 360 14.05 16.57 -3.69
C ARG C 360 12.64 16.09 -4.02
N ASP C 361 11.80 16.96 -4.57
CA ASP C 361 10.40 16.65 -4.81
C ASP C 361 10.13 16.08 -6.19
N ALA C 362 11.08 16.21 -7.12
CA ALA C 362 10.90 15.69 -8.47
C ALA C 362 10.58 14.20 -8.42
N GLN C 363 9.55 13.81 -9.17
CA GLN C 363 9.16 12.40 -9.21
C GLN C 363 10.26 11.57 -9.84
N VAL C 364 10.59 10.46 -9.20
CA VAL C 364 11.61 9.55 -9.70
C VAL C 364 10.88 8.36 -10.31
N LEU C 365 10.82 8.33 -11.63
CA LEU C 365 10.04 7.35 -12.36
C LEU C 365 10.94 6.17 -12.71
N ASP C 366 10.50 4.98 -12.34
CA ASP C 366 11.23 3.76 -12.63
C ASP C 366 10.42 2.98 -13.66
N GLU C 367 10.76 3.17 -14.92
CA GLU C 367 10.05 2.52 -16.02
C GLU C 367 10.99 1.60 -16.78
N LEU C 368 10.44 0.90 -17.76
CA LEU C 368 11.18 -0.17 -18.42
C LEU C 368 12.41 0.36 -19.14
N MET C 369 12.23 1.42 -19.92
CA MET C 369 13.32 1.92 -20.76
C MET C 369 14.51 2.35 -19.92
N GLY C 370 14.26 3.10 -18.85
CA GLY C 370 15.32 3.47 -17.93
C GLY C 370 14.74 4.26 -16.79
N GLU C 371 15.56 4.48 -15.78
CA GLU C 371 15.17 5.35 -14.69
C GLU C 371 15.17 6.79 -15.17
N ARG C 372 14.19 7.56 -14.71
CA ARG C 372 14.03 8.92 -15.21
C ARG C 372 13.37 9.77 -14.13
N THR C 373 13.95 10.92 -13.84
CA THR C 373 13.37 11.87 -12.90
C THR C 373 12.62 12.93 -13.67
N ASP C 374 11.41 13.24 -13.21
CA ASP C 374 10.55 14.21 -13.85
C ASP C 374 10.51 15.48 -13.01
N THR C 375 10.75 16.61 -13.64
CA THR C 375 10.71 17.89 -12.96
C THR C 375 9.64 18.77 -13.57
N PHE C 376 8.49 18.16 -13.90
CA PHE C 376 7.30 18.90 -14.31
C PHE C 376 6.14 17.92 -14.20
N LEU C 377 5.43 17.98 -13.08
CA LEU C 377 4.30 17.10 -12.82
C LEU C 377 3.03 17.84 -13.17
N PHE C 378 2.20 17.23 -14.01
CA PHE C 378 0.90 17.79 -14.36
C PHE C 378 -0.16 16.78 -13.97
N HIS C 379 -1.03 17.16 -13.05
CA HIS C 379 -2.11 16.31 -12.62
C HIS C 379 -3.43 17.01 -12.93
N TYR C 380 -4.42 16.22 -13.34
CA TYR C 380 -5.67 16.75 -13.85
C TYR C 380 -6.79 16.03 -13.12
N ASN C 381 -7.53 16.75 -12.29
CA ASN C 381 -8.58 16.17 -11.48
C ASN C 381 -9.93 16.52 -12.09
N PHE C 382 -10.77 15.51 -12.28
CA PHE C 382 -12.10 15.69 -12.86
C PHE C 382 -13.13 15.28 -11.81
N PRO C 383 -13.39 16.14 -10.84
CA PRO C 383 -14.31 15.77 -9.78
C PRO C 383 -15.73 15.69 -10.30
N PRO C 384 -16.59 14.88 -9.68
CA PRO C 384 -17.90 14.63 -10.24
C PRO C 384 -18.91 15.75 -10.04
N TYR C 385 -18.62 16.74 -9.21
CA TYR C 385 -19.51 17.88 -9.11
C TYR C 385 -19.38 18.83 -10.27
N SER C 386 -18.56 18.48 -11.26
CA SER C 386 -18.39 19.31 -12.45
C SER C 386 -19.56 19.09 -13.40
N VAL C 387 -19.72 17.86 -13.86
CA VAL C 387 -20.81 17.55 -14.77
C VAL C 387 -22.17 17.80 -14.14
N GLY C 388 -22.25 17.73 -12.82
CA GLY C 388 -23.50 18.01 -12.11
C GLY C 388 -24.12 16.82 -11.43
N GLU C 389 -23.42 15.69 -11.33
CA GLU C 389 -23.97 14.48 -10.76
C GLU C 389 -23.05 13.97 -9.66
N THR C 390 -23.64 13.45 -8.59
CA THR C 390 -22.86 12.84 -7.54
C THR C 390 -22.08 11.64 -8.07
N GLY C 391 -21.07 11.24 -7.31
CA GLY C 391 -20.22 10.14 -7.72
C GLY C 391 -19.04 9.95 -6.79
N MET C 392 -18.61 8.71 -6.61
CA MET C 392 -17.52 8.43 -5.69
C MET C 392 -16.21 8.96 -6.23
N VAL C 393 -15.52 9.79 -5.44
CA VAL C 393 -14.18 10.23 -5.81
C VAL C 393 -13.22 9.12 -5.40
N GLY C 394 -11.99 9.19 -5.90
CA GLY C 394 -11.04 8.14 -5.64
C GLY C 394 -9.81 8.32 -6.50
N SER C 395 -9.11 7.22 -6.71
CA SER C 395 -7.98 7.22 -7.62
C SER C 395 -8.42 7.73 -8.99
N PRO C 396 -7.53 8.40 -9.71
CA PRO C 396 -7.92 8.98 -11.00
C PRO C 396 -8.27 7.92 -12.02
N LYS C 397 -9.38 8.14 -12.72
CA LYS C 397 -9.80 7.24 -13.78
C LYS C 397 -8.87 7.40 -14.98
N ARG C 398 -8.91 6.42 -15.87
CA ARG C 398 -8.07 6.42 -17.06
C ARG C 398 -8.15 7.72 -17.86
N ARG C 399 -9.35 8.29 -17.98
CA ARG C 399 -9.47 9.51 -18.78
C ARG C 399 -8.73 10.67 -18.14
N GLU C 400 -8.70 10.73 -16.80
CA GLU C 400 -7.93 11.78 -16.16
C GLU C 400 -6.44 11.57 -16.34
N ILE C 401 -5.97 10.33 -16.24
CA ILE C 401 -4.56 10.08 -16.48
C ILE C 401 -4.18 10.26 -17.95
N GLY C 402 -5.16 10.27 -18.85
CA GLY C 402 -4.88 10.55 -20.23
C GLY C 402 -4.85 12.03 -20.52
N HIS C 403 -5.81 12.77 -19.96
CA HIS C 403 -5.85 14.21 -20.18
C HIS C 403 -4.76 14.93 -19.41
N GLY C 404 -4.32 14.38 -18.28
CA GLY C 404 -3.14 14.92 -17.63
C GLY C 404 -1.98 14.92 -18.58
N ARG C 405 -1.71 13.77 -19.20
CA ARG C 405 -0.61 13.71 -20.15
C ARG C 405 -0.84 14.61 -21.34
N LEU C 406 -2.09 14.72 -21.80
CA LEU C 406 -2.34 15.58 -22.96
C LEU C 406 -2.01 17.04 -22.64
N ALA C 407 -2.51 17.54 -21.51
CA ALA C 407 -2.16 18.90 -21.12
C ALA C 407 -0.66 19.06 -20.87
N LYS C 408 -0.01 18.00 -20.37
CA LYS C 408 1.42 18.11 -20.14
C LYS C 408 2.19 18.22 -21.45
N ARG C 409 1.76 17.48 -22.47
CA ARG C 409 2.32 17.68 -23.80
C ARG C 409 2.04 19.10 -24.28
N GLY C 410 0.85 19.62 -23.99
CA GLY C 410 0.53 20.97 -24.41
C GLY C 410 1.47 22.00 -23.82
N VAL C 411 1.85 21.82 -22.54
CA VAL C 411 2.66 22.83 -21.88
C VAL C 411 4.16 22.59 -21.99
N LEU C 412 4.60 21.35 -22.23
CA LEU C 412 6.02 21.05 -22.20
C LEU C 412 6.83 21.80 -23.24
N ALA C 413 6.19 22.26 -24.31
CA ALA C 413 6.94 22.90 -25.38
C ALA C 413 7.57 24.21 -24.92
N VAL C 414 7.03 24.83 -23.87
CA VAL C 414 7.42 26.17 -23.48
C VAL C 414 8.07 26.25 -22.12
N MET C 415 8.15 25.14 -21.38
CA MET C 415 8.80 25.19 -20.08
C MET C 415 10.28 25.49 -20.23
N PRO C 416 10.90 26.12 -19.23
CA PRO C 416 12.31 26.48 -19.33
C PRO C 416 13.23 25.35 -18.89
N ASP C 417 14.42 25.34 -19.48
CA ASP C 417 15.41 24.34 -19.12
C ASP C 417 15.79 24.47 -17.65
N MET C 418 16.24 23.36 -17.06
CA MET C 418 16.46 23.33 -15.62
C MET C 418 17.56 24.29 -15.18
N ASP C 419 18.57 24.50 -16.02
CA ASP C 419 19.64 25.42 -15.62
C ASP C 419 19.13 26.85 -15.48
N LYS C 420 18.11 27.22 -16.26
CA LYS C 420 17.56 28.56 -16.17
C LYS C 420 16.55 28.70 -15.03
N PHE C 421 16.00 27.59 -14.53
CA PHE C 421 14.98 27.63 -13.48
C PHE C 421 15.12 26.36 -12.66
N PRO C 422 15.82 26.41 -11.54
CA PRO C 422 16.18 25.19 -10.80
C PRO C 422 15.10 24.72 -9.83
N TYR C 423 13.86 24.68 -10.30
CA TYR C 423 12.73 24.24 -9.49
C TYR C 423 12.04 23.09 -10.21
N THR C 424 11.11 22.44 -9.51
CA THR C 424 10.33 21.34 -10.07
C THR C 424 8.85 21.71 -9.98
N VAL C 425 8.35 22.40 -11.02
CA VAL C 425 6.99 22.87 -11.01
C VAL C 425 6.03 21.69 -11.04
N ARG C 426 4.96 21.77 -10.27
CA ARG C 426 3.88 20.81 -10.32
C ARG C 426 2.59 21.57 -10.52
N VAL C 427 1.87 21.26 -11.60
CA VAL C 427 0.67 21.98 -11.97
C VAL C 427 -0.52 21.06 -11.80
N VAL C 428 -1.43 21.43 -10.92
CA VAL C 428 -2.70 20.73 -10.77
C VAL C 428 -3.76 21.57 -11.48
N SER C 429 -4.84 20.92 -11.90
CA SER C 429 -5.88 21.65 -12.59
C SER C 429 -7.20 20.95 -12.32
N GLU C 430 -7.91 21.38 -11.29
CA GLU C 430 -9.23 20.83 -11.03
C GLU C 430 -10.24 21.43 -11.97
N ILE C 431 -11.14 20.59 -12.47
CA ILE C 431 -12.17 21.01 -13.41
C ILE C 431 -13.44 21.24 -12.62
N THR C 432 -13.72 22.50 -12.29
CA THR C 432 -14.90 22.80 -11.50
C THR C 432 -16.17 22.62 -12.33
N GLU C 433 -16.12 22.96 -13.61
CA GLU C 433 -17.28 22.83 -14.48
C GLU C 433 -16.82 22.35 -15.85
N SER C 434 -17.48 21.34 -16.39
CA SER C 434 -17.11 20.77 -17.68
C SER C 434 -18.32 20.71 -18.59
N ASN C 435 -18.14 21.16 -19.83
CA ASN C 435 -19.15 21.01 -20.86
C ASN C 435 -18.52 20.66 -22.19
N GLY C 436 -17.26 20.23 -22.20
CA GLY C 436 -16.58 19.92 -23.44
C GLY C 436 -15.23 20.61 -23.53
N SER C 437 -14.23 19.91 -24.05
CA SER C 437 -12.88 20.44 -24.20
C SER C 437 -12.33 20.88 -22.85
N SER C 438 -12.32 19.95 -21.90
CA SER C 438 -11.84 20.28 -20.56
C SER C 438 -10.32 20.33 -20.50
N SER C 439 -9.65 19.41 -21.17
CA SER C 439 -8.20 19.35 -21.12
C SER C 439 -7.57 20.58 -21.75
N MET C 440 -8.21 21.15 -22.78
CA MET C 440 -7.63 22.34 -23.38
C MET C 440 -7.85 23.58 -22.52
N ALA C 441 -8.98 23.67 -21.85
CA ALA C 441 -9.13 24.69 -20.81
C ALA C 441 -8.07 24.52 -19.75
N SER C 442 -7.71 23.28 -19.43
CA SER C 442 -6.66 23.05 -18.46
C SER C 442 -5.30 23.50 -18.99
N VAL C 443 -5.05 23.34 -20.29
CA VAL C 443 -3.80 23.83 -20.87
C VAL C 443 -3.74 25.35 -20.75
N CYS C 444 -4.81 26.03 -21.12
CA CYS C 444 -4.82 27.49 -21.01
C CYS C 444 -4.62 27.92 -19.57
N GLY C 445 -5.33 27.30 -18.63
CA GLY C 445 -5.17 27.66 -17.24
C GLY C 445 -3.79 27.36 -16.70
N ALA C 446 -3.13 26.32 -17.22
CA ALA C 446 -1.78 26.02 -16.79
C ALA C 446 -0.79 27.06 -17.31
N SER C 447 -0.95 27.48 -18.56
CA SER C 447 -0.13 28.58 -19.05
C SER C 447 -0.32 29.82 -18.21
N LEU C 448 -1.57 30.11 -17.84
CA LEU C 448 -1.86 31.26 -16.99
C LEU C 448 -1.17 31.15 -15.65
N ALA C 449 -1.37 30.03 -14.95
CA ALA C 449 -0.79 29.85 -13.62
C ALA C 449 0.72 29.95 -13.66
N LEU C 450 1.35 29.23 -14.60
CA LEU C 450 2.80 29.33 -14.75
C LEU C 450 3.23 30.77 -14.95
N MET C 451 2.57 31.48 -15.87
CA MET C 451 2.91 32.88 -16.06
C MET C 451 2.70 33.71 -14.80
N ASP C 452 1.86 33.24 -13.88
CA ASP C 452 1.61 34.01 -12.67
C ASP C 452 2.56 33.63 -11.54
N ALA C 453 2.84 32.35 -11.36
CA ALA C 453 3.74 31.94 -10.28
C ALA C 453 5.14 32.48 -10.45
N GLY C 454 5.51 32.90 -11.66
CA GLY C 454 6.82 33.44 -11.93
C GLY C 454 7.72 32.56 -12.75
N VAL C 455 7.25 31.40 -13.21
CA VAL C 455 8.07 30.58 -14.11
C VAL C 455 8.35 31.37 -15.38
N PRO C 456 9.57 31.40 -15.87
CA PRO C 456 9.86 32.17 -17.09
C PRO C 456 9.64 31.34 -18.36
N ILE C 457 8.38 30.97 -18.60
CA ILE C 457 8.07 30.21 -19.81
C ILE C 457 8.26 31.09 -21.03
N LYS C 458 8.48 30.44 -22.18
CA LYS C 458 8.79 31.16 -23.40
C LYS C 458 7.61 32.02 -23.85
N ALA C 459 6.46 31.39 -24.04
CA ALA C 459 5.28 32.12 -24.48
C ALA C 459 4.04 31.35 -24.05
N ALA C 460 2.98 32.09 -23.75
CA ALA C 460 1.75 31.47 -23.30
C ALA C 460 1.21 30.52 -24.36
N VAL C 461 0.61 29.44 -23.91
CA VAL C 461 0.00 28.46 -24.79
C VAL C 461 -1.49 28.43 -24.54
N ALA C 462 -2.25 27.94 -25.51
CA ALA C 462 -3.68 27.84 -25.38
C ALA C 462 -4.15 26.68 -26.24
N GLY C 463 -5.20 26.01 -25.78
CA GLY C 463 -5.69 24.86 -26.50
C GLY C 463 -7.15 24.98 -26.87
N ILE C 464 -7.49 24.62 -28.09
CA ILE C 464 -8.86 24.69 -28.58
C ILE C 464 -9.23 23.34 -29.17
N ALA C 465 -10.23 22.68 -28.61
CA ALA C 465 -10.73 21.46 -29.22
C ALA C 465 -11.57 21.79 -30.44
N MET C 466 -11.66 20.84 -31.36
CA MET C 466 -12.42 21.06 -32.58
C MET C 466 -13.27 19.84 -32.88
N GLY C 467 -14.16 20.00 -33.86
CA GLY C 467 -14.99 18.91 -34.33
C GLY C 467 -15.14 18.99 -35.82
N LEU C 468 -15.72 17.92 -36.39
CA LEU C 468 -15.90 17.86 -37.83
C LEU C 468 -17.10 16.98 -38.14
N VAL C 469 -18.06 17.53 -38.88
CA VAL C 469 -19.23 16.79 -39.36
C VAL C 469 -19.10 16.67 -40.87
N LYS C 470 -19.12 15.44 -41.38
CA LYS C 470 -18.99 15.21 -42.81
C LYS C 470 -20.04 14.22 -43.29
N GLU C 471 -20.73 14.58 -44.36
CA GLU C 471 -21.57 13.66 -45.11
C GLU C 471 -21.24 13.84 -46.58
N GLY C 472 -20.89 12.74 -47.25
CA GLY C 472 -20.52 12.83 -48.65
C GLY C 472 -19.33 13.76 -48.83
N ASP C 473 -19.46 14.70 -49.74
CA ASP C 473 -18.42 15.68 -50.01
C ASP C 473 -18.61 16.98 -49.26
N ASN C 474 -19.68 17.10 -48.47
CA ASN C 474 -19.95 18.32 -47.72
C ASN C 474 -19.49 18.14 -46.28
N TYR C 475 -18.58 19.01 -45.83
CA TYR C 475 -18.03 18.94 -44.49
C TYR C 475 -17.98 20.34 -43.92
N VAL C 476 -18.33 20.48 -42.65
CA VAL C 476 -18.16 21.73 -41.92
C VAL C 476 -17.37 21.45 -40.65
N VAL C 477 -16.25 22.15 -40.50
CA VAL C 477 -15.47 22.05 -39.27
C VAL C 477 -16.14 22.86 -38.18
N LEU C 478 -16.07 22.37 -36.95
CA LEU C 478 -16.71 23.00 -35.80
C LEU C 478 -15.63 23.41 -34.81
N SER C 479 -15.74 24.62 -34.29
CA SER C 479 -14.76 25.15 -33.35
C SER C 479 -15.33 25.12 -31.94
N ASP C 480 -14.52 24.66 -30.99
CA ASP C 480 -14.91 24.60 -29.58
C ASP C 480 -16.21 23.82 -29.39
N ILE C 481 -16.21 22.56 -29.82
CA ILE C 481 -17.42 21.75 -29.72
C ILE C 481 -17.80 21.55 -28.26
N LEU C 482 -19.10 21.62 -28.00
CA LEU C 482 -19.63 21.32 -26.69
C LEU C 482 -19.60 19.81 -26.44
N GLY C 483 -19.93 19.43 -25.20
CA GLY C 483 -20.05 18.02 -24.89
C GLY C 483 -21.13 17.34 -25.69
N ASP C 484 -22.26 18.03 -25.89
CA ASP C 484 -23.36 17.46 -26.67
C ASP C 484 -22.96 17.32 -28.14
N GLU C 485 -22.28 18.33 -28.68
CA GLU C 485 -21.86 18.25 -30.08
C GLU C 485 -20.88 17.12 -30.31
N ASP C 486 -20.17 16.70 -29.27
CA ASP C 486 -19.12 15.68 -29.44
C ASP C 486 -19.71 14.39 -29.98
N HIS C 487 -20.90 14.01 -29.52
CA HIS C 487 -21.56 12.83 -30.08
C HIS C 487 -21.78 12.99 -31.58
N LEU C 488 -22.16 14.19 -32.01
CA LEU C 488 -22.47 14.42 -33.41
C LEU C 488 -21.20 14.46 -34.25
N GLY C 489 -20.14 15.07 -33.74
CA GLY C 489 -18.95 15.29 -34.54
C GLY C 489 -18.30 13.98 -34.94
N ASP C 490 -17.98 13.84 -36.22
CA ASP C 490 -17.34 12.63 -36.69
C ASP C 490 -15.89 12.54 -36.21
N MET C 491 -15.13 13.62 -36.34
CA MET C 491 -13.74 13.64 -35.95
C MET C 491 -13.53 14.69 -34.86
N ASP C 492 -12.88 14.29 -33.78
CA ASP C 492 -12.56 15.17 -32.66
C ASP C 492 -11.04 15.27 -32.55
N PHE C 493 -10.50 16.47 -32.76
CA PHE C 493 -9.06 16.68 -32.65
C PHE C 493 -8.81 17.93 -31.84
N LYS C 494 -7.79 17.88 -31.00
CA LYS C 494 -7.45 18.97 -30.09
C LYS C 494 -6.09 19.53 -30.46
N VAL C 495 -6.03 20.83 -30.68
CA VAL C 495 -4.79 21.53 -31.02
C VAL C 495 -4.45 22.46 -29.88
N ALA C 496 -3.24 22.33 -29.34
CA ALA C 496 -2.78 23.19 -28.27
C ALA C 496 -1.37 23.66 -28.61
N GLY C 497 -1.19 24.97 -28.73
CA GLY C 497 0.13 25.48 -29.03
C GLY C 497 0.19 26.97 -28.81
N SER C 498 1.42 27.47 -28.70
CA SER C 498 1.61 28.89 -28.62
C SER C 498 1.28 29.55 -29.95
N ARG C 499 1.44 30.87 -29.99
CA ARG C 499 1.15 31.60 -31.21
C ARG C 499 2.01 31.13 -32.38
N ASP C 500 3.26 30.75 -32.11
CA ASP C 500 4.16 30.36 -33.19
C ASP C 500 3.78 29.01 -33.79
N GLY C 501 3.57 28.00 -32.95
CA GLY C 501 3.46 26.65 -33.45
C GLY C 501 2.62 25.75 -32.56
N ILE C 502 2.42 24.53 -33.02
CA ILE C 502 1.57 23.55 -32.35
C ILE C 502 2.40 22.83 -31.30
N SER C 503 2.04 22.98 -30.03
CA SER C 503 2.71 22.24 -28.98
C SER C 503 2.25 20.79 -28.93
N ALA C 504 0.95 20.56 -29.10
CA ALA C 504 0.41 19.20 -29.01
C ALA C 504 -0.78 19.05 -29.95
N LEU C 505 -0.92 17.86 -30.52
CA LEU C 505 -2.02 17.53 -31.42
C LEU C 505 -2.57 16.18 -31.01
N GLN C 506 -3.89 16.01 -31.06
CA GLN C 506 -4.51 14.75 -30.66
C GLN C 506 -5.78 14.50 -31.48
N MET C 507 -5.61 14.17 -32.75
CA MET C 507 -6.75 13.80 -33.57
C MET C 507 -7.31 12.47 -33.10
N ASP C 508 -8.58 12.21 -33.44
CA ASP C 508 -9.23 10.95 -33.12
C ASP C 508 -10.38 10.74 -34.11
N ILE C 509 -10.04 10.77 -35.41
CA ILE C 509 -11.03 10.62 -36.46
C ILE C 509 -11.65 9.22 -36.38
N LYS C 510 -12.89 9.10 -36.86
CA LYS C 510 -13.65 7.90 -36.61
C LYS C 510 -14.37 7.37 -37.84
N ILE C 511 -14.77 8.23 -38.76
CA ILE C 511 -15.61 7.84 -39.89
C ILE C 511 -14.81 7.90 -41.18
N GLU C 512 -14.97 6.86 -42.01
CA GLU C 512 -14.58 6.79 -43.43
C GLU C 512 -13.20 7.42 -43.62
N GLY C 513 -12.98 8.20 -44.67
CA GLY C 513 -11.69 8.78 -44.91
C GLY C 513 -11.73 10.29 -45.10
N ILE C 514 -10.85 10.99 -44.41
CA ILE C 514 -10.74 12.44 -44.52
C ILE C 514 -9.49 12.75 -45.33
N THR C 515 -9.67 13.49 -46.41
CA THR C 515 -8.54 13.87 -47.24
C THR C 515 -7.60 14.78 -46.47
N LYS C 516 -6.32 14.76 -46.85
CA LYS C 516 -5.33 15.66 -46.30
C LYS C 516 -5.80 17.11 -46.32
N GLU C 517 -6.50 17.52 -47.38
CA GLU C 517 -6.98 18.88 -47.48
C GLU C 517 -7.95 19.22 -46.36
N ILE C 518 -8.79 18.26 -45.98
CA ILE C 518 -9.73 18.47 -44.90
C ILE C 518 -8.99 18.78 -43.60
N MET C 519 -8.00 17.94 -43.29
CA MET C 519 -7.19 18.16 -42.10
C MET C 519 -6.49 19.51 -42.16
N GLN C 520 -6.01 19.90 -43.35
CA GLN C 520 -5.33 21.19 -43.47
C GLN C 520 -6.26 22.34 -43.15
N VAL C 521 -7.47 22.32 -43.71
CA VAL C 521 -8.43 23.39 -43.43
C VAL C 521 -8.78 23.42 -41.96
N ALA C 522 -9.03 22.25 -41.38
CA ALA C 522 -9.37 22.20 -39.96
C ALA C 522 -8.24 22.73 -39.09
N LEU C 523 -7.01 22.39 -39.42
CA LEU C 523 -5.87 22.85 -38.64
C LEU C 523 -5.73 24.37 -38.75
N ASN C 524 -5.95 24.92 -39.95
CA ASN C 524 -5.87 26.36 -40.11
C ASN C 524 -6.93 27.07 -39.27
N GLN C 525 -8.15 26.55 -39.28
CA GLN C 525 -9.20 27.15 -38.46
C GLN C 525 -8.85 27.07 -36.98
N ALA C 526 -8.27 25.95 -36.56
CA ALA C 526 -7.84 25.83 -35.17
C ALA C 526 -6.77 26.85 -34.84
N LYS C 527 -5.85 27.09 -35.77
CA LYS C 527 -4.85 28.14 -35.55
C LYS C 527 -5.52 29.48 -35.32
N GLY C 528 -6.52 29.81 -36.14
CA GLY C 528 -7.21 31.07 -35.96
C GLY C 528 -7.88 31.18 -34.59
N ALA C 529 -8.63 30.14 -34.21
CA ALA C 529 -9.31 30.17 -32.92
C ALA C 529 -8.32 30.27 -31.77
N ARG C 530 -7.21 29.56 -31.87
CA ARG C 530 -6.21 29.60 -30.81
C ARG C 530 -5.54 30.96 -30.73
N LEU C 531 -5.34 31.62 -31.86
CA LEU C 531 -4.83 32.99 -31.83
C LEU C 531 -5.81 33.92 -31.11
N HIS C 532 -7.10 33.75 -31.35
CA HIS C 532 -8.08 34.59 -30.66
C HIS C 532 -8.05 34.35 -29.16
N ILE C 533 -8.04 33.07 -28.74
CA ILE C 533 -7.99 32.75 -27.33
C ILE C 533 -6.72 33.33 -26.70
N LEU C 534 -5.59 33.21 -27.39
CA LEU C 534 -4.35 33.73 -26.84
C LEU C 534 -4.38 35.25 -26.72
N GLY C 535 -5.04 35.93 -27.65
CA GLY C 535 -5.21 37.36 -27.51
C GLY C 535 -5.95 37.72 -26.25
N VAL C 536 -7.12 37.09 -26.07
CA VAL C 536 -7.93 37.37 -24.88
C VAL C 536 -7.15 37.07 -23.61
N MET C 537 -6.39 35.97 -23.61
CA MET C 537 -5.57 35.62 -22.47
C MET C 537 -4.46 36.63 -22.22
N GLU C 538 -3.86 37.15 -23.28
CA GLU C 538 -2.83 38.16 -23.15
C GLU C 538 -3.37 39.46 -22.60
N GLN C 539 -4.65 39.74 -22.82
CA GLN C 539 -5.24 40.95 -22.24
C GLN C 539 -5.14 40.96 -20.72
N ALA C 540 -5.20 39.78 -20.09
CA ALA C 540 -5.19 39.73 -18.63
C ALA C 540 -3.77 39.81 -18.08
N ILE C 541 -2.88 38.95 -18.55
CA ILE C 541 -1.49 38.94 -18.11
C ILE C 541 -0.61 38.54 -19.28
N ASN C 542 0.33 39.41 -19.64
CA ASN C 542 1.07 39.27 -20.88
C ASN C 542 2.47 38.71 -20.72
N ALA C 543 3.10 38.90 -19.56
CA ALA C 543 4.44 38.41 -19.34
C ALA C 543 4.51 37.82 -17.94
N PRO C 544 5.29 36.75 -17.74
CA PRO C 544 5.41 36.17 -16.41
C PRO C 544 5.96 37.19 -15.41
N ARG C 545 5.50 37.07 -14.17
CA ARG C 545 5.81 38.07 -13.15
C ARG C 545 7.32 38.17 -12.92
N GLY C 546 7.73 39.27 -12.30
CA GLY C 546 9.15 39.52 -12.11
C GLY C 546 9.84 38.42 -11.33
N ASP C 547 9.33 38.12 -10.14
CA ASP C 547 9.91 37.08 -9.29
C ASP C 547 8.80 36.16 -8.79
N ILE C 548 9.22 35.08 -8.15
CA ILE C 548 8.26 34.14 -7.61
C ILE C 548 7.56 34.74 -6.41
N SER C 549 6.40 34.18 -6.07
CA SER C 549 5.62 34.69 -4.96
C SER C 549 6.40 34.55 -3.66
N GLU C 550 6.08 35.42 -2.70
CA GLU C 550 6.86 35.50 -1.48
C GLU C 550 6.87 34.17 -0.74
N PHE C 551 5.78 33.41 -0.83
CA PHE C 551 5.73 32.12 -0.14
C PHE C 551 6.65 31.10 -0.79
N ALA C 552 6.86 31.21 -2.10
CA ALA C 552 7.70 30.28 -2.85
C ALA C 552 9.07 30.13 -2.21
N PRO C 553 9.58 28.92 -2.08
CA PRO C 553 10.89 28.74 -1.44
C PRO C 553 12.02 29.25 -2.32
N ARG C 554 12.74 30.26 -1.83
CA ARG C 554 13.91 30.77 -2.53
C ARG C 554 15.07 29.79 -2.35
N ILE C 555 16.12 30.00 -3.13
CA ILE C 555 17.28 29.10 -3.14
C ILE C 555 18.51 29.88 -2.67
N HIS C 556 19.18 29.35 -1.66
CA HIS C 556 20.42 29.92 -1.14
C HIS C 556 21.49 28.85 -1.10
N THR C 557 22.70 29.19 -1.54
CA THR C 557 23.78 28.22 -1.72
C THR C 557 24.94 28.55 -0.78
N ILE C 558 25.45 27.52 -0.10
CA ILE C 558 26.64 27.63 0.74
C ILE C 558 27.55 26.45 0.41
N LYS C 559 28.85 26.68 0.52
CA LYS C 559 29.86 25.67 0.25
C LYS C 559 30.48 25.19 1.55
N ILE C 560 30.65 23.88 1.69
CA ILE C 560 31.18 23.29 2.91
C ILE C 560 32.17 22.19 2.56
N ASN C 561 33.02 21.85 3.54
CA ASN C 561 34.06 20.86 3.32
C ASN C 561 33.46 19.47 3.20
N PRO C 562 34.01 18.61 2.33
CA PRO C 562 33.42 17.27 2.12
C PRO C 562 33.25 16.43 3.37
N ASP C 563 34.19 16.45 4.30
CA ASP C 563 34.00 15.70 5.55
C ASP C 563 32.86 16.32 6.36
N LYS C 564 32.72 17.64 6.28
CA LYS C 564 31.68 18.31 7.06
C LYS C 564 30.29 17.90 6.62
N ILE C 565 30.10 17.57 5.34
CA ILE C 565 28.79 17.08 4.93
C ILE C 565 28.47 15.76 5.63
N LYS C 566 29.47 14.89 5.80
CA LYS C 566 29.27 13.69 6.60
C LYS C 566 28.96 14.06 8.04
N ASP C 567 29.64 15.06 8.58
CA ASP C 567 29.38 15.48 9.95
C ASP C 567 27.94 15.95 10.12
N VAL C 568 27.44 16.74 9.17
CA VAL C 568 26.06 17.23 9.26
C VAL C 568 25.07 16.09 9.04
N ILE C 569 25.47 15.05 8.29
CA ILE C 569 24.60 13.88 8.22
C ILE C 569 24.46 13.24 9.61
N GLY C 570 25.57 12.96 10.27
CA GLY C 570 25.42 12.29 11.54
C GLY C 570 24.84 10.88 11.37
N LYS C 571 24.32 10.36 12.48
CA LYS C 571 23.81 9.00 12.52
C LYS C 571 22.48 8.95 11.77
N GLY C 572 22.48 8.36 10.58
CA GLY C 572 21.27 8.18 9.80
C GLY C 572 20.58 9.48 9.40
N GLY C 573 21.23 10.61 9.65
CA GLY C 573 20.64 11.90 9.37
C GLY C 573 20.01 12.59 10.56
N SER C 574 20.42 12.26 11.77
CA SER C 574 19.81 12.87 12.95
C SER C 574 20.10 14.36 13.01
N VAL C 575 21.33 14.76 12.66
CA VAL C 575 21.70 16.17 12.70
C VAL C 575 20.87 16.97 11.70
N ILE C 576 20.74 16.46 10.48
CA ILE C 576 19.94 17.15 9.47
C ILE C 576 18.47 17.19 9.88
N ARG C 577 17.95 16.09 10.42
CA ARG C 577 16.55 16.07 10.84
C ARG C 577 16.30 17.12 11.92
N ALA C 578 17.18 17.16 12.93
CA ALA C 578 17.04 18.16 13.98
C ALA C 578 17.18 19.57 13.42
N LEU C 579 18.07 19.77 12.45
CA LEU C 579 18.29 21.10 11.89
C LEU C 579 17.04 21.59 11.17
N THR C 580 16.48 20.75 10.31
CA THR C 580 15.25 21.13 9.60
C THR C 580 14.09 21.28 10.57
N GLU C 581 14.06 20.51 11.66
CA GLU C 581 12.97 20.65 12.61
C GLU C 581 13.06 21.97 13.36
N GLU C 582 14.27 22.39 13.74
CA GLU C 582 14.39 23.61 14.54
C GLU C 582 14.35 24.86 13.68
N THR C 583 14.83 24.80 12.43
CA THR C 583 14.78 25.98 11.58
C THR C 583 13.55 26.01 10.69
N GLY C 584 12.99 24.86 10.35
CA GLY C 584 11.78 24.82 9.55
C GLY C 584 12.00 25.00 8.07
N THR C 585 13.21 24.75 7.57
CA THR C 585 13.50 24.87 6.16
C THR C 585 13.74 23.49 5.56
N THR C 586 14.28 23.47 4.34
CA THR C 586 14.63 22.25 3.65
C THR C 586 16.05 22.40 3.14
N ILE C 587 16.93 21.50 3.55
CA ILE C 587 18.35 21.56 3.18
C ILE C 587 18.67 20.34 2.33
N GLU C 588 19.38 20.56 1.23
CA GLU C 588 19.84 19.49 0.38
C GLU C 588 21.36 19.38 0.51
N ILE C 589 21.85 18.14 0.50
CA ILE C 589 23.25 17.84 0.76
C ILE C 589 23.82 17.11 -0.45
N GLU C 590 24.96 17.58 -0.93
CA GLU C 590 25.69 16.93 -2.00
C GLU C 590 27.06 16.49 -1.52
N ASP C 591 27.66 15.54 -2.24
CA ASP C 591 28.95 15.01 -1.85
C ASP C 591 30.09 15.97 -2.12
N ASP C 592 29.92 16.91 -3.03
CA ASP C 592 30.99 17.85 -3.35
C ASP C 592 31.06 19.03 -2.38
N GLY C 593 30.16 19.09 -1.40
CA GLY C 593 30.21 20.11 -0.38
C GLY C 593 29.32 21.32 -0.61
N THR C 594 28.53 21.36 -1.68
CA THR C 594 27.57 22.43 -1.85
C THR C 594 26.34 22.17 -1.00
N VAL C 595 25.80 23.22 -0.40
CA VAL C 595 24.62 23.14 0.44
C VAL C 595 23.51 23.94 -0.22
N LYS C 596 22.31 23.36 -0.25
CA LYS C 596 21.14 24.01 -0.84
C LYS C 596 20.20 24.39 0.29
N ILE C 597 20.16 25.67 0.62
CA ILE C 597 19.27 26.19 1.65
C ILE C 597 18.02 26.72 0.96
N ALA C 598 16.88 26.11 1.27
CA ALA C 598 15.61 26.45 0.65
C ALA C 598 14.63 26.81 1.75
N ALA C 599 14.22 28.07 1.79
CA ALA C 599 13.28 28.51 2.81
C ALA C 599 12.47 29.68 2.27
N THR C 600 11.24 29.78 2.73
CA THR C 600 10.32 30.79 2.21
C THR C 600 10.76 32.18 2.61
N ASP C 601 10.92 32.41 3.90
CA ASP C 601 11.29 33.72 4.42
C ASP C 601 12.80 33.79 4.66
N GLY C 602 13.40 34.92 4.30
CA GLY C 602 14.84 35.07 4.45
C GLY C 602 15.31 34.93 5.88
N GLU C 603 14.45 35.25 6.85
CA GLU C 603 14.85 35.13 8.25
C GLU C 603 15.12 33.67 8.61
N LYS C 604 14.22 32.76 8.22
CA LYS C 604 14.48 31.34 8.43
C LYS C 604 15.73 30.90 7.69
N ALA C 605 16.00 31.50 6.53
CA ALA C 605 17.19 31.17 5.77
C ALA C 605 18.45 31.52 6.55
N LYS C 606 18.53 32.76 7.04
CA LYS C 606 19.70 33.16 7.82
C LYS C 606 19.79 32.43 9.14
N HIS C 607 18.65 32.07 9.74
CA HIS C 607 18.67 31.22 10.92
C HIS C 607 19.36 29.90 10.63
N ALA C 608 18.96 29.24 9.54
CA ALA C 608 19.63 28.01 9.13
C ALA C 608 21.11 28.25 8.86
N ILE C 609 21.43 29.36 8.20
CA ILE C 609 22.83 29.64 7.87
C ILE C 609 23.67 29.76 9.14
N ARG C 610 23.21 30.56 10.10
CA ARG C 610 23.98 30.72 11.34
C ARG C 610 24.06 29.42 12.13
N ARG C 611 22.92 28.73 12.29
CA ARG C 611 22.89 27.50 13.08
C ARG C 611 23.84 26.46 12.50
N ILE C 612 23.76 26.22 11.20
CA ILE C 612 24.68 25.27 10.58
C ILE C 612 26.11 25.80 10.66
N GLU C 613 26.29 27.11 10.48
CA GLU C 613 27.64 27.68 10.39
C GLU C 613 28.41 27.48 11.68
N GLU C 614 27.73 27.58 12.83
CA GLU C 614 28.43 27.35 14.09
C GLU C 614 29.10 25.99 14.11
N ILE C 615 28.42 24.97 13.57
CA ILE C 615 29.03 23.64 13.50
C ILE C 615 30.02 23.57 12.34
N THR C 616 29.76 24.28 11.24
CA THR C 616 30.67 24.23 10.10
C THR C 616 32.01 24.86 10.43
N ALA C 617 32.00 25.98 11.16
CA ALA C 617 33.25 26.67 11.44
C ALA C 617 34.17 25.79 12.27
N GLU C 618 35.36 25.53 11.75
CA GLU C 618 36.35 24.75 12.48
C GLU C 618 37.00 25.60 13.56
N ILE C 619 37.42 24.93 14.64
CA ILE C 619 38.15 25.64 15.68
C ILE C 619 39.47 26.15 15.12
N GLU C 620 39.71 27.44 15.29
CA GLU C 620 40.85 28.13 14.70
C GLU C 620 41.74 28.67 15.81
N VAL C 621 43.04 28.74 15.52
CA VAL C 621 44.01 29.19 16.50
C VAL C 621 43.76 30.65 16.83
N GLY C 622 43.87 31.00 18.11
CA GLY C 622 43.67 32.36 18.56
C GLY C 622 42.22 32.70 18.87
N ARG C 623 41.28 32.13 18.14
CA ARG C 623 39.86 32.41 18.37
C ARG C 623 39.30 31.43 19.39
N VAL C 624 38.65 31.97 20.41
CA VAL C 624 38.08 31.17 21.49
C VAL C 624 36.75 30.58 21.02
N TYR C 625 36.43 29.39 21.52
CA TYR C 625 35.17 28.74 21.21
C TYR C 625 34.18 28.92 22.35
N THR C 626 32.90 29.00 22.01
CA THR C 626 31.84 29.18 22.99
C THR C 626 31.41 27.81 23.48
N GLY C 627 31.76 27.48 24.72
CA GLY C 627 31.42 26.19 25.30
C GLY C 627 30.72 26.36 26.63
N LYS C 628 29.67 25.57 26.82
CA LYS C 628 28.87 25.59 28.03
C LYS C 628 28.91 24.21 28.66
N VAL C 629 29.47 24.13 29.87
CA VAL C 629 29.54 22.86 30.61
C VAL C 629 28.13 22.41 30.94
N THR C 630 27.72 21.25 30.41
CA THR C 630 26.37 20.77 30.59
C THR C 630 26.20 19.97 31.87
N ARG C 631 27.27 19.32 32.36
CA ARG C 631 27.21 18.52 33.56
C ARG C 631 28.44 18.75 34.41
N ILE C 632 28.24 18.91 35.71
CA ILE C 632 29.31 19.13 36.67
C ILE C 632 29.33 17.97 37.66
N VAL C 633 30.50 17.40 37.89
CA VAL C 633 30.68 16.32 38.85
C VAL C 633 31.79 16.73 39.82
N ASP C 634 31.88 16.01 40.94
CA ASP C 634 32.87 16.34 41.96
C ASP C 634 34.30 16.11 41.47
N PHE C 635 34.50 15.17 40.54
CA PHE C 635 35.83 14.81 40.09
C PHE C 635 36.20 15.48 38.76
N GLY C 636 35.41 16.42 38.30
CA GLY C 636 35.73 17.14 37.08
C GLY C 636 34.48 17.46 36.28
N ALA C 637 34.52 18.59 35.58
CA ALA C 637 33.44 19.01 34.70
C ALA C 637 34.01 19.19 33.30
N PHE C 638 33.42 18.50 32.32
CA PHE C 638 33.88 18.53 30.95
C PHE C 638 33.00 19.49 30.16
N VAL C 639 33.62 20.39 29.41
CA VAL C 639 32.90 21.43 28.68
C VAL C 639 32.56 20.85 27.31
N ALA C 640 31.33 20.36 27.18
CA ALA C 640 30.85 19.88 25.88
C ALA C 640 30.86 21.00 24.87
N ILE C 641 31.47 20.74 23.71
CA ILE C 641 31.62 21.75 22.68
C ILE C 641 30.85 21.41 21.40
N GLY C 642 30.62 20.13 21.12
CA GLY C 642 29.88 19.73 19.95
C GLY C 642 30.76 19.40 18.76
N GLY C 643 30.11 19.06 17.65
CA GLY C 643 30.81 18.69 16.44
C GLY C 643 31.32 17.28 16.41
N GLY C 644 30.78 16.39 17.24
CA GLY C 644 31.27 15.02 17.34
C GLY C 644 32.57 14.86 18.11
N LYS C 645 33.25 15.95 18.42
CA LYS C 645 34.54 15.93 19.09
C LYS C 645 34.47 16.82 20.33
N GLU C 646 34.65 16.22 21.50
CA GLU C 646 34.61 16.93 22.77
C GLU C 646 35.98 16.89 23.42
N GLY C 647 36.41 18.04 23.95
CA GLY C 647 37.66 18.13 24.70
C GLY C 647 37.37 18.18 26.18
N LEU C 648 38.05 17.31 26.92
CA LEU C 648 37.82 17.11 28.34
C LEU C 648 38.88 17.85 29.15
N VAL C 649 38.45 18.52 30.20
CA VAL C 649 39.35 19.22 31.12
C VAL C 649 39.41 18.36 32.38
N HIS C 650 40.36 17.44 32.41
CA HIS C 650 40.50 16.55 33.54
C HIS C 650 40.87 17.34 34.80
N ILE C 651 40.45 16.83 35.95
CA ILE C 651 40.62 17.50 37.23
C ILE C 651 42.09 17.76 37.51
N SER C 652 42.97 16.99 36.87
CA SER C 652 44.40 17.11 37.06
C SER C 652 45.06 18.13 36.14
N GLN C 653 44.31 18.71 35.21
CA GLN C 653 44.87 19.67 34.26
C GLN C 653 44.31 21.08 34.44
N ILE C 654 43.41 21.28 35.41
CA ILE C 654 42.86 22.62 35.65
C ILE C 654 43.91 23.52 36.29
N ALA C 655 44.35 23.15 37.50
CA ALA C 655 45.39 23.90 38.18
C ALA C 655 46.15 22.97 39.10
N ASP C 656 47.36 23.39 39.48
CA ASP C 656 48.15 22.61 40.42
C ASP C 656 47.57 22.65 41.83
N LYS C 657 46.78 23.67 42.16
CA LYS C 657 46.09 23.68 43.44
C LYS C 657 44.97 22.67 43.45
N ARG C 658 44.77 22.04 44.61
CA ARG C 658 43.74 21.01 44.76
C ARG C 658 42.36 21.59 44.49
N VAL C 659 41.80 21.26 43.33
CA VAL C 659 40.45 21.69 42.98
C VAL C 659 39.47 20.98 43.94
N GLU C 660 38.87 21.74 44.83
CA GLU C 660 38.03 21.14 45.86
C GLU C 660 36.63 20.82 45.34
N LYS C 661 35.96 21.81 44.75
CA LYS C 661 34.62 21.63 44.20
C LYS C 661 34.50 22.46 42.94
N VAL C 662 33.95 21.84 41.90
CA VAL C 662 33.79 22.53 40.62
C VAL C 662 32.74 23.63 40.73
N THR C 663 31.81 23.51 41.67
CA THR C 663 30.75 24.51 41.82
C THR C 663 31.32 25.89 42.13
N ASP C 664 32.35 25.96 42.98
CA ASP C 664 32.98 27.22 43.31
C ASP C 664 34.01 27.67 42.28
N TYR C 665 34.34 26.81 41.33
CA TYR C 665 35.26 27.15 40.24
C TYR C 665 34.54 27.43 38.94
N LEU C 666 33.53 26.64 38.61
CA LEU C 666 32.69 26.84 37.44
C LEU C 666 31.23 26.88 37.88
N GLN C 667 30.58 28.03 37.66
CA GLN C 667 29.22 28.26 38.11
C GLN C 667 28.23 27.99 37.00
N MET C 668 26.99 27.68 37.39
CA MET C 668 25.93 27.42 36.43
C MET C 668 25.69 28.64 35.55
N GLY C 669 26.02 28.53 34.27
CA GLY C 669 25.90 29.63 33.35
C GLY C 669 27.18 30.40 33.09
N GLN C 670 28.34 29.78 33.27
CA GLN C 670 29.64 30.45 33.13
C GLN C 670 30.03 30.47 31.65
N GLU C 671 29.72 31.58 30.97
CA GLU C 671 30.14 31.76 29.59
C GLU C 671 31.48 32.49 29.63
N VAL C 672 32.57 31.73 29.53
CA VAL C 672 33.92 32.29 29.54
C VAL C 672 34.67 31.79 28.32
N PRO C 673 35.53 32.61 27.71
CA PRO C 673 36.33 32.12 26.57
C PRO C 673 37.30 31.03 26.99
N VAL C 674 37.47 30.04 26.13
CA VAL C 674 38.42 28.96 26.36
C VAL C 674 39.56 29.08 25.37
N LYS C 675 40.79 29.01 25.86
CA LYS C 675 41.98 29.10 25.03
C LYS C 675 42.30 27.71 24.51
N VAL C 676 42.12 27.52 23.20
CA VAL C 676 42.45 26.27 22.53
C VAL C 676 43.72 26.48 21.74
N LEU C 677 44.76 25.72 22.06
CA LEU C 677 46.06 25.88 21.43
C LEU C 677 46.18 25.13 20.12
N GLU C 678 45.66 23.89 20.07
CA GLU C 678 45.78 23.04 18.89
C GLU C 678 44.57 22.12 18.85
N VAL C 679 44.40 21.44 17.73
CA VAL C 679 43.36 20.43 17.55
C VAL C 679 44.05 19.09 17.34
N ASP C 680 43.94 18.21 18.33
CA ASP C 680 44.55 16.88 18.28
C ASP C 680 43.53 15.84 17.85
N ARG C 681 44.04 14.72 17.35
CA ARG C 681 43.19 13.66 16.82
C ARG C 681 42.93 12.55 17.84
N GLN C 682 43.71 12.49 18.92
CA GLN C 682 43.56 11.45 19.93
C GLN C 682 42.29 11.57 20.75
N GLY C 683 41.47 12.60 20.51
CA GLY C 683 40.18 12.73 21.16
C GLY C 683 40.20 13.40 22.53
N ARG C 684 41.36 13.80 23.03
CA ARG C 684 41.45 14.54 24.29
C ARG C 684 41.91 15.96 23.98
N ILE C 685 40.99 16.74 23.39
CA ILE C 685 41.29 18.12 23.02
C ILE C 685 41.55 18.91 24.29
N ARG C 686 42.62 19.70 24.28
CA ARG C 686 43.01 20.47 25.46
C ARG C 686 42.21 21.77 25.52
N LEU C 687 41.40 21.91 26.56
CA LEU C 687 40.71 23.16 26.85
C LEU C 687 41.30 23.78 28.11
N SER C 688 41.31 25.11 28.13
CA SER C 688 41.95 25.83 29.22
C SER C 688 41.24 27.17 29.40
N ILE C 689 40.54 27.32 30.53
CA ILE C 689 39.97 28.60 30.91
C ILE C 689 40.95 29.39 31.78
N LYS C 690 42.07 28.79 32.18
CA LYS C 690 42.99 29.44 33.10
C LYS C 690 43.57 30.73 32.51
N GLU C 691 43.96 30.70 31.23
CA GLU C 691 44.56 31.89 30.64
C GLU C 691 43.54 33.01 30.46
N ALA C 692 42.28 32.66 30.23
CA ALA C 692 41.23 33.66 30.10
C ALA C 692 40.72 34.17 31.44
N THR C 693 40.95 33.42 32.53
CA THR C 693 40.50 33.85 33.85
C THR C 693 41.53 34.70 34.59
N GLU C 694 42.77 34.75 34.11
CA GLU C 694 43.76 35.61 34.76
C GLU C 694 43.42 37.09 34.60
N GLN C 695 42.92 37.46 33.43
CA GLN C 695 42.54 38.86 33.18
C GLN C 695 41.04 39.06 33.37
P 8GM E 4 -22.55 4.15 17.75
OP2 8GM E 4 -21.22 4.56 17.18
OP1 8GM E 4 -22.83 4.71 19.11
O5' 8GM E 4 -22.57 2.54 17.91
C5' 8GM E 4 -23.59 1.96 18.76
C4' 8GM E 4 -23.92 0.55 18.32
O4' 8GM E 4 -24.13 0.52 16.89
C3' 8GM E 4 -22.84 -0.51 18.51
O3' 8GM E 4 -22.81 -0.94 19.87
C2' 8GM E 4 -23.38 -1.60 17.59
O2' 8GM E 4 -24.42 -2.36 18.15
C1' 8GM E 4 -23.92 -0.78 16.42
N9 8GM E 4 -23.02 -0.75 15.30
C8 8GM E 4 -22.06 0.22 15.04
O8 8GM E 4 -21.86 1.22 15.73
C4 8GM E 4 -22.94 -1.70 14.32
N3 8GM E 4 -23.71 -2.81 14.23
C2 8GM E 4 -23.43 -3.56 13.16
N2 8GM E 4 -24.12 -4.69 12.95
N1 8GM E 4 -22.44 -3.26 12.25
C6 8GM E 4 -21.64 -2.13 12.32
O6 8GM E 4 -20.78 -1.92 11.47
C5 8GM E 4 -21.95 -1.33 13.45
N7 8GM E 4 -21.42 -0.15 13.90
P 8GM F 4 -6.35 -26.24 -9.38
OP2 8GM F 4 -5.75 -25.19 -8.49
OP1 8GM F 4 -5.69 -27.58 -9.27
O5' 8GM F 4 -6.18 -25.72 -10.89
C5' 8GM F 4 -6.43 -26.64 -11.98
C4' 8GM F 4 -7.43 -26.04 -12.93
O4' 8GM F 4 -8.42 -25.28 -12.20
C3' 8GM F 4 -6.90 -24.99 -13.93
O3' 8GM F 4 -6.24 -25.59 -15.04
C2' 8GM F 4 -8.24 -24.37 -14.37
O2' 8GM F 4 -8.96 -25.16 -15.27
C1' 8GM F 4 -8.98 -24.29 -13.04
N9 8GM F 4 -8.86 -22.98 -12.43
C8 8GM F 4 -8.10 -22.64 -11.31
O8 8GM F 4 -7.41 -23.39 -10.63
C4 8GM F 4 -9.46 -21.85 -12.90
N3 8GM F 4 -10.28 -21.77 -13.98
C2 8GM F 4 -10.73 -20.55 -14.21
N2 8GM F 4 -11.55 -20.32 -15.24
N1 8GM F 4 -10.40 -19.45 -13.45
C6 8GM F 4 -9.56 -19.50 -12.35
O6 8GM F 4 -9.33 -18.47 -11.71
C5 8GM F 4 -9.10 -20.80 -12.10
N7 8GM F 4 -8.26 -21.31 -11.12
P 8GM G 4 -13.91 14.02 -24.29
OP2 8GM G 4 -12.52 14.05 -23.73
OP1 8GM G 4 -14.14 14.96 -25.45
O5' 8GM G 4 -14.93 14.43 -23.12
C5' 8GM G 4 -15.78 15.58 -23.33
C4' 8GM G 4 -16.99 15.53 -22.43
O4' 8GM G 4 -17.26 14.18 -22.02
C3' 8GM G 4 -16.89 16.27 -21.09
O3' 8GM G 4 -17.11 17.67 -21.26
C2' 8GM G 4 -18.06 15.64 -20.34
O2' 8GM G 4 -19.29 16.22 -20.66
C1' 8GM G 4 -18.03 14.20 -20.84
N9 8GM G 4 -17.48 13.29 -19.87
C8 8GM G 4 -16.20 12.78 -19.84
O8 8GM G 4 -15.31 13.02 -20.66
C4 8GM G 4 -18.16 12.78 -18.78
N3 8GM G 4 -19.44 13.04 -18.46
C2 8GM G 4 -19.85 12.42 -17.36
N2 8GM G 4 -21.11 12.59 -16.93
N1 8GM G 4 -19.05 11.59 -16.61
C6 8GM G 4 -17.75 11.31 -16.92
O6 8GM G 4 -17.07 10.56 -16.20
C5 8GM G 4 -17.31 11.96 -18.09
N7 8GM G 4 -16.10 11.97 -18.75
MG MG H . -24.98 4.77 21.68
MG MG I . -5.52 -31.12 -10.50
MG MG J . -14.92 16.66 -27.56
#